data_6PW1
#
_entry.id   6PW1
#
_cell.length_a   123.315
_cell.length_b   130.000
_cell.length_c   177.539
_cell.angle_alpha   90.000
_cell.angle_beta   90.000
_cell.angle_gamma   90.000
#
_symmetry.space_group_name_H-M   'P 21 21 21'
#
loop_
_entity.id
_entity.type
_entity.pdbx_description
1 polymer 'Cytochrome c oxidase subunit 1'
2 polymer 'Cytochrome c oxidase subunit 2'
3 branched alpha-D-glucopyranose-(1-4)-alpha-D-glucopyranose
4 non-polymer TRIDECANE
5 non-polymer DECYL-BETA-D-MALTOPYRANOSIDE
6 non-polymer HEME-A
7 non-polymer 'COPPER (II) ION'
8 non-polymer 'MAGNESIUM ION'
9 non-polymer 'CALCIUM ION'
10 non-polymer (2S,3R)-heptane-1,2,3-triol
11 non-polymer 2-AMINO-2-HYDROXYMETHYL-PROPANE-1,3-DIOL
12 non-polymer 'CADMIUM ION'
13 water water
#
loop_
_entity_poly.entity_id
_entity_poly.type
_entity_poly.pdbx_seq_one_letter_code
_entity_poly.pdbx_strand_id
1 'polypeptide(L)'
;FTRWFMSTNHKDIGVLYLFTGGLVGLISVAFTVYMRMELMAPGVQFMCAEHLESGLVKGFFQSLWPSAVENCTPNGHLWN
VMITGHGILMMFFVVIPALFGGFGNYFMPLHIGAPDMAFPRMNNLSYWLYVAGTSLAVASLFAPGGNGQLGSGIGWVLYP
PLSTSESGYSTDLAIFAVHLSGASSILGAINMITTFLNMRAPGMTMHKVPLFAWSIFVTAWLILLALPVLAGAITMLLTD
RNFGTTFFQPSGGGDPVLYQHILWFFGHPEVYIIVLPAFGIVSHVIATFAKKPIFGYLPMVYAMVAIGVLGFVVWAHHMY
TAGLSLTQQSYFMMATMVIAVPTGIKIFSWIATMWGGSIELKTPMLWALGFLFLFTVGGVTGIVLSQASVDRYYHDTYYV
VAHFHYVMSLGAVFGIFAGIYFWIGKMSGRQYPEWAGKLHFWMMFVGANLTFFPQHFLGRQGMPRRYIDYPEAFATWNFV
SSLGAFLSFASFLFFLGVIFYTLTRGARVTANNYWNEHADTLEWTLTSPPPEHT
;
A,C
2 'polypeptide(L)'
;ALEIIGRPQPGGTGFQPSASPVATQIHWLDGFILVIIAAITIFVTLLILYAVWRFHEKRNKVPARFTHNSPLEIAWTIVP
IVILVAIGAFSLPVLFNQQEIPEADVTVKVTGYQWYWGYEYPDEEISFESYMIGSPATGGDNRMSPEVEQQLIEAGYSRD
EFLLATDTAMVVPVNKTVVVQVTGADVIHSWTVPAFGVKQDAVPGRLAQLWFRAEREGIFFGQCSELCGISHAYMPITVK
VVSEEAYAAWLEQHHHH
;
B,D
#
loop_
_chem_comp.id
_chem_comp.type
_chem_comp.name
_chem_comp.formula
CA non-polymer 'CALCIUM ION' 'Ca 2'
CD non-polymer 'CADMIUM ION' 'Cd 2'
CU non-polymer 'COPPER (II) ION' 'Cu 2'
DMU D-saccharide DECYL-BETA-D-MALTOPYRANOSIDE 'C22 H42 O11'
GLC D-saccharide, alpha linking alpha-D-glucopyranose 'C6 H12 O6'
HEA non-polymer HEME-A 'C49 H56 Fe N4 O6'
HTH non-polymer (2S,3R)-heptane-1,2,3-triol 'C7 H16 O3'
MG non-polymer 'MAGNESIUM ION' 'Mg 2'
TRD non-polymer TRIDECANE 'C13 H28'
TRS non-polymer 2-AMINO-2-HYDROXYMETHYL-PROPANE-1,3-DIOL 'C4 H12 N O3 1'
#
# COMPACT_ATOMS: atom_id res chain seq x y z
N PHE A 1 -10.92 54.65 29.15
CA PHE A 1 -11.84 53.65 28.61
C PHE A 1 -11.82 53.68 27.08
N THR A 2 -12.97 54.03 26.50
CA THR A 2 -13.09 54.25 25.06
C THR A 2 -12.57 55.62 24.64
N ARG A 3 -11.90 56.34 25.54
CA ARG A 3 -11.24 57.57 25.12
C ARG A 3 -9.94 57.31 24.38
N TRP A 4 -9.48 56.05 24.33
CA TRP A 4 -8.47 55.64 23.36
C TRP A 4 -8.99 55.80 21.94
N PHE A 5 -10.21 55.29 21.70
CA PHE A 5 -10.83 55.28 20.38
C PHE A 5 -11.30 56.65 19.92
N MET A 6 -11.37 57.64 20.81
CA MET A 6 -11.78 58.98 20.40
C MET A 6 -10.60 59.92 20.16
N SER A 7 -9.38 59.48 20.46
CA SER A 7 -8.25 60.39 20.36
C SER A 7 -7.97 60.74 18.90
N THR A 8 -7.47 61.95 18.69
CA THR A 8 -7.03 62.41 17.39
C THR A 8 -5.52 62.47 17.28
N ASN A 9 -4.79 62.15 18.34
CA ASN A 9 -3.34 62.25 18.30
C ASN A 9 -2.75 61.14 17.44
N HIS A 10 -1.79 61.51 16.60
CA HIS A 10 -1.24 60.56 15.62
C HIS A 10 -0.62 59.33 16.29
N LYS A 11 -0.06 59.47 17.49
CA LYS A 11 0.48 58.31 18.19
C LYS A 11 -0.64 57.37 18.63
N ASP A 12 -1.75 57.92 19.15
CA ASP A 12 -2.86 57.09 19.57
C ASP A 12 -3.48 56.37 18.38
N ILE A 13 -3.67 57.10 17.26
CA ILE A 13 -4.24 56.51 16.05
C ILE A 13 -3.33 55.42 15.50
N GLY A 14 -2.02 55.68 15.47
CA GLY A 14 -1.08 54.66 15.04
C GLY A 14 -1.20 53.37 15.85
N VAL A 15 -1.37 53.49 17.17
CA VAL A 15 -1.47 52.32 18.03
C VAL A 15 -2.78 51.57 17.78
N LEU A 16 -3.87 52.30 17.54
CA LEU A 16 -5.13 51.65 17.16
C LEU A 16 -4.97 50.84 15.88
N TYR A 17 -4.37 51.45 14.84
CA TYR A 17 -4.14 50.74 13.59
C TYR A 17 -3.28 49.50 13.79
N LEU A 18 -2.22 49.60 14.60
CA LEU A 18 -1.32 48.46 14.82
C LEU A 18 -2.02 47.30 15.51
N PHE A 19 -2.76 47.60 16.58
CA PHE A 19 -3.48 46.54 17.30
C PHE A 19 -4.58 45.94 16.44
N THR A 20 -5.31 46.79 15.70
CA THR A 20 -6.41 46.30 14.87
C THR A 20 -5.88 45.48 13.71
N GLY A 21 -4.83 45.97 13.04
CA GLY A 21 -4.23 45.19 11.98
C GLY A 21 -3.72 43.85 12.47
N GLY A 22 -3.18 43.82 13.70
CA GLY A 22 -2.75 42.56 14.27
C GLY A 22 -3.90 41.61 14.57
N LEU A 23 -5.02 42.14 15.07
CA LEU A 23 -6.19 41.30 15.33
C LEU A 23 -6.78 40.78 14.02
N VAL A 24 -6.92 41.64 13.01
CA VAL A 24 -7.42 41.15 11.73
C VAL A 24 -6.42 40.19 11.12
N GLY A 25 -5.12 40.43 11.32
CA GLY A 25 -4.13 39.48 10.86
C GLY A 25 -4.30 38.11 11.50
N LEU A 26 -4.58 38.08 12.80
CA LEU A 26 -4.85 36.80 13.44
C LEU A 26 -6.06 36.10 12.81
N ILE A 27 -7.12 36.84 12.51
CA ILE A 27 -8.30 36.26 11.83
C ILE A 27 -7.87 35.64 10.52
N SER A 28 -7.19 36.43 9.68
CA SER A 28 -6.85 35.94 8.35
C SER A 28 -5.83 34.82 8.42
N VAL A 29 -4.88 34.87 9.36
CA VAL A 29 -3.94 33.76 9.53
C VAL A 29 -4.68 32.49 9.97
N ALA A 30 -5.66 32.63 10.86
CA ALA A 30 -6.48 31.47 11.24
C ALA A 30 -7.18 30.87 10.03
N PHE A 31 -7.71 31.70 9.11
CA PHE A 31 -8.27 31.16 7.86
C PHE A 31 -7.24 30.27 7.16
N THR A 32 -5.97 30.71 7.10
CA THR A 32 -4.96 29.94 6.38
C THR A 32 -4.62 28.64 7.09
N VAL A 33 -4.74 28.59 8.42
CA VAL A 33 -4.55 27.32 9.12
C VAL A 33 -5.60 26.31 8.65
N TYR A 34 -6.86 26.75 8.60
CA TYR A 34 -7.94 25.92 8.12
C TYR A 34 -7.74 25.54 6.65
N MET A 35 -7.35 26.52 5.81
CA MET A 35 -6.99 26.20 4.43
C MET A 35 -5.94 25.10 4.37
N ARG A 36 -4.85 25.22 5.17
CA ARG A 36 -3.77 24.25 5.09
C ARG A 36 -4.13 22.91 5.76
N MET A 37 -5.09 22.91 6.68
CA MET A 37 -5.66 21.65 7.14
C MET A 37 -6.30 20.90 5.98
N GLU A 38 -7.13 21.59 5.18
CA GLU A 38 -7.75 20.91 4.05
C GLU A 38 -6.73 20.54 2.98
N LEU A 39 -5.68 21.37 2.80
CA LEU A 39 -4.71 21.01 1.76
C LEU A 39 -3.64 20.03 2.24
N MET A 40 -3.63 19.67 3.53
CA MET A 40 -2.58 18.77 4.04
C MET A 40 -2.60 17.42 3.34
N ALA A 41 -3.78 16.93 2.94
CA ALA A 41 -3.90 15.64 2.29
C ALA A 41 -4.93 15.72 1.18
N PRO A 42 -4.70 15.00 0.08
CA PRO A 42 -5.69 14.93 -1.00
C PRO A 42 -6.98 14.27 -0.52
N GLY A 43 -8.06 14.55 -1.26
CA GLY A 43 -9.40 14.23 -0.79
C GLY A 43 -9.89 15.31 0.13
N VAL A 44 -11.19 15.57 0.19
CA VAL A 44 -11.76 16.61 1.05
C VAL A 44 -12.27 15.95 2.33
N GLN A 45 -11.75 16.39 3.48
CA GLN A 45 -12.08 15.84 4.79
C GLN A 45 -12.70 16.83 5.76
N PHE A 46 -12.58 18.13 5.53
CA PHE A 46 -13.03 19.15 6.47
C PHE A 46 -14.20 19.96 5.92
N MET A 47 -14.10 20.42 4.68
CA MET A 47 -15.10 21.32 4.11
C MET A 47 -16.20 20.47 3.45
N CYS A 48 -17.02 19.87 4.31
CA CYS A 48 -18.07 18.95 3.88
C CYS A 48 -19.39 19.67 3.78
N ALA A 49 -20.13 19.42 2.69
CA ALA A 49 -21.46 20.02 2.56
C ALA A 49 -22.37 19.59 3.70
N GLU A 50 -22.15 18.41 4.28
CA GLU A 50 -22.96 17.95 5.41
C GLU A 50 -22.91 18.92 6.60
N HIS A 51 -21.82 19.68 6.76
CA HIS A 51 -21.74 20.61 7.87
C HIS A 51 -22.71 21.77 7.73
N LEU A 52 -23.24 22.00 6.52
CA LEU A 52 -24.17 23.10 6.31
C LEU A 52 -25.52 22.87 6.99
N GLU A 53 -25.96 21.60 7.07
CA GLU A 53 -27.28 21.30 7.62
C GLU A 53 -27.35 21.46 9.13
N SER A 54 -26.23 21.60 9.81
CA SER A 54 -26.26 21.89 11.24
C SER A 54 -26.41 23.39 11.40
N GLY A 55 -26.20 23.92 12.59
CA GLY A 55 -26.33 25.36 12.76
C GLY A 55 -25.10 26.09 12.26
N LEU A 56 -24.90 27.29 12.80
CA LEU A 56 -23.71 28.05 12.43
C LEU A 56 -22.60 27.88 13.46
N VAL A 57 -22.91 27.35 14.63
CA VAL A 57 -21.89 27.02 15.62
C VAL A 57 -21.69 25.53 15.67
N LYS A 58 -22.76 24.77 15.38
CA LYS A 58 -22.57 23.34 15.21
C LYS A 58 -21.74 23.07 13.97
N GLY A 59 -22.13 23.67 12.85
CA GLY A 59 -21.38 23.49 11.61
C GLY A 59 -19.92 23.93 11.73
N PHE A 60 -19.67 24.99 12.49
CA PHE A 60 -18.30 25.48 12.66
C PHE A 60 -17.41 24.43 13.29
N PHE A 61 -17.81 23.90 14.45
CA PHE A 61 -16.94 22.97 15.17
C PHE A 61 -16.85 21.62 14.46
N GLN A 62 -17.93 21.17 13.81
CA GLN A 62 -17.83 19.98 12.99
C GLN A 62 -16.80 20.14 11.89
N SER A 63 -16.72 21.34 11.30
CA SER A 63 -15.81 21.61 10.20
C SER A 63 -14.35 21.47 10.57
N LEU A 64 -14.01 21.52 11.87
CA LEU A 64 -12.62 21.49 12.28
C LEU A 64 -12.11 20.10 12.57
N TRP A 65 -12.97 19.09 12.49
CA TRP A 65 -12.56 17.71 12.67
C TRP A 65 -12.66 16.96 11.36
N PRO A 66 -11.65 16.19 10.98
CA PRO A 66 -11.70 15.51 9.68
C PRO A 66 -12.79 14.45 9.66
N SER A 67 -13.47 14.35 8.53
CA SER A 67 -14.41 13.29 8.23
C SER A 67 -13.79 12.31 7.25
N ALA A 68 -14.33 11.10 7.22
CA ALA A 68 -13.96 10.19 6.14
C ALA A 68 -14.49 10.75 4.83
N VAL A 69 -13.78 10.48 3.74
CA VAL A 69 -14.19 10.98 2.43
C VAL A 69 -15.61 10.53 2.10
N GLU A 70 -15.96 9.27 2.42
CA GLU A 70 -17.32 8.79 2.11
C GLU A 70 -18.40 9.54 2.90
N ASN A 71 -18.02 10.26 3.96
CA ASN A 71 -18.99 11.07 4.71
C ASN A 71 -18.83 12.56 4.42
N CYS A 72 -18.02 12.93 3.43
CA CYS A 72 -17.68 14.33 3.20
C CYS A 72 -17.98 14.66 1.74
N THR A 73 -19.10 15.32 1.49
CA THR A 73 -19.39 15.81 0.15
C THR A 73 -18.62 17.11 -0.05
N PRO A 74 -17.68 17.18 -1.00
CA PRO A 74 -16.84 18.38 -1.12
C PRO A 74 -17.68 19.63 -1.31
N ASN A 75 -17.38 20.66 -0.52
CA ASN A 75 -18.07 21.94 -0.62
C ASN A 75 -17.03 22.96 -1.10
N GLY A 76 -16.88 23.01 -2.43
CA GLY A 76 -15.94 23.95 -3.03
C GLY A 76 -16.23 25.40 -2.69
N HIS A 77 -17.50 25.74 -2.45
CA HIS A 77 -17.82 27.14 -2.18
C HIS A 77 -17.18 27.62 -0.88
N LEU A 78 -17.14 26.76 0.14
CA LEU A 78 -16.47 27.13 1.39
C LEU A 78 -14.99 27.38 1.15
N TRP A 79 -14.32 26.52 0.38
CA TRP A 79 -12.93 26.78 0.02
C TRP A 79 -12.78 28.18 -0.60
N ASN A 80 -13.60 28.47 -1.62
CA ASN A 80 -13.48 29.73 -2.34
C ASN A 80 -13.77 30.92 -1.42
N VAL A 81 -14.70 30.76 -0.48
CA VAL A 81 -15.01 31.85 0.44
C VAL A 81 -13.84 32.10 1.38
N MET A 82 -13.19 31.04 1.89
CA MET A 82 -12.06 31.17 2.82
C MET A 82 -10.89 31.91 2.18
N ILE A 83 -10.48 31.48 0.97
CA ILE A 83 -9.31 32.09 0.34
C ILE A 83 -9.63 33.50 -0.09
N THR A 84 -10.90 33.76 -0.45
CA THR A 84 -11.32 35.12 -0.78
C THR A 84 -11.24 36.01 0.46
N GLY A 85 -11.76 35.52 1.59
CA GLY A 85 -11.68 36.28 2.81
C GLY A 85 -10.25 36.44 3.27
N HIS A 86 -9.47 35.37 3.17
CA HIS A 86 -8.05 35.47 3.52
C HIS A 86 -7.36 36.59 2.74
N GLY A 87 -7.54 36.60 1.41
CA GLY A 87 -6.85 37.58 0.59
C GLY A 87 -7.37 39.00 0.79
N ILE A 88 -8.69 39.16 0.87
CA ILE A 88 -9.27 40.49 1.07
C ILE A 88 -8.79 41.08 2.39
N LEU A 89 -8.88 40.30 3.46
CA LEU A 89 -8.43 40.81 4.76
C LEU A 89 -6.95 41.22 4.72
N MET A 90 -6.09 40.38 4.15
CA MET A 90 -4.67 40.72 4.09
C MET A 90 -4.42 41.99 3.28
N MET A 91 -4.99 42.08 2.06
CA MET A 91 -4.60 43.14 1.15
C MET A 91 -5.27 44.47 1.47
N PHE A 92 -6.41 44.46 2.15
CA PHE A 92 -7.07 45.71 2.48
C PHE A 92 -7.10 45.98 3.98
N PHE A 93 -7.03 44.97 4.84
CA PHE A 93 -7.35 45.20 6.24
C PHE A 93 -6.27 44.76 7.22
N VAL A 94 -5.08 44.41 6.74
CA VAL A 94 -4.02 43.98 7.65
C VAL A 94 -2.73 44.76 7.41
N VAL A 95 -1.99 44.48 6.33
CA VAL A 95 -0.57 44.89 6.31
C VAL A 95 -0.43 46.39 6.03
N ILE A 96 -1.28 46.96 5.17
CA ILE A 96 -1.20 48.39 4.90
C ILE A 96 -1.69 49.16 6.13
N PRO A 97 -2.83 48.79 6.76
CA PRO A 97 -3.17 49.42 8.05
C PRO A 97 -2.07 49.32 9.10
N ALA A 98 -1.35 48.20 9.18
CA ALA A 98 -0.25 48.09 10.14
C ALA A 98 0.91 49.01 9.80
N LEU A 99 1.38 48.96 8.55
CA LEU A 99 2.59 49.68 8.15
C LEU A 99 2.35 51.17 7.96
N PHE A 100 1.32 51.51 7.19
CA PHE A 100 0.99 52.87 6.80
C PHE A 100 0.14 53.54 7.87
N GLY A 101 -1.01 52.95 8.21
CA GLY A 101 -1.84 53.51 9.25
C GLY A 101 -1.20 53.41 10.63
N GLY A 102 -0.41 52.37 10.88
CA GLY A 102 0.15 52.16 12.20
C GLY A 102 1.48 52.85 12.38
N PHE A 103 2.54 52.27 11.82
CA PHE A 103 3.86 52.89 11.96
C PHE A 103 3.92 54.24 11.24
N GLY A 104 3.22 54.37 10.11
CA GLY A 104 3.18 55.65 9.43
C GLY A 104 2.62 56.76 10.30
N ASN A 105 1.43 56.56 10.87
CA ASN A 105 0.84 57.60 11.71
C ASN A 105 1.67 57.84 12.97
N TYR A 106 2.22 56.78 13.58
CA TYR A 106 2.98 56.97 14.81
C TYR A 106 4.27 57.74 14.55
N PHE A 107 5.07 57.29 13.58
CA PHE A 107 6.46 57.71 13.52
C PHE A 107 6.77 58.74 12.44
N MET A 108 5.98 58.84 11.37
CA MET A 108 6.33 59.85 10.37
C MET A 108 6.29 61.27 10.94
N PRO A 109 5.28 61.69 11.69
CA PRO A 109 5.36 63.03 12.31
C PRO A 109 6.56 63.18 13.22
N LEU A 110 6.83 62.18 14.07
CA LEU A 110 8.02 62.22 14.92
C LEU A 110 9.29 62.40 14.11
N HIS A 111 9.41 61.66 13.00
CA HIS A 111 10.63 61.67 12.19
C HIS A 111 10.86 63.02 11.51
N ILE A 112 9.80 63.77 11.22
CA ILE A 112 9.99 65.07 10.58
C ILE A 112 9.86 66.23 11.57
N GLY A 113 9.69 65.95 12.85
CA GLY A 113 9.54 66.99 13.84
C GLY A 113 8.20 67.69 13.77
N ALA A 114 7.15 66.98 13.35
CA ALA A 114 5.83 67.60 13.40
C ALA A 114 5.10 67.19 14.66
N PRO A 115 4.46 68.15 15.34
CA PRO A 115 3.75 67.81 16.59
C PRO A 115 2.56 66.92 16.37
N ASP A 116 1.82 67.13 15.27
CA ASP A 116 0.72 66.25 14.90
C ASP A 116 0.53 66.35 13.40
N MET A 117 -0.43 65.59 12.89
CA MET A 117 -0.73 65.64 11.48
C MET A 117 -1.59 66.86 11.16
N ALA A 118 -1.61 67.23 9.88
CA ALA A 118 -2.35 68.41 9.47
C ALA A 118 -3.82 68.34 9.87
N PHE A 119 -4.46 67.16 9.71
CA PHE A 119 -5.90 67.02 9.88
C PHE A 119 -6.21 65.92 10.89
N PRO A 120 -6.06 66.18 12.19
CA PRO A 120 -6.21 65.11 13.19
C PRO A 120 -7.59 64.50 13.25
N ARG A 121 -8.67 65.27 13.05
CA ARG A 121 -10.01 64.67 13.06
C ARG A 121 -10.22 63.77 11.86
N MET A 122 -9.70 64.18 10.69
CA MET A 122 -9.71 63.35 9.50
C MET A 122 -8.91 62.06 9.71
N ASN A 123 -7.82 62.12 10.48
CA ASN A 123 -7.06 60.92 10.79
C ASN A 123 -7.87 59.94 11.63
N ASN A 124 -8.59 60.45 12.64
CA ASN A 124 -9.44 59.59 13.45
C ASN A 124 -10.59 59.00 12.61
N LEU A 125 -11.13 59.78 11.67
CA LEU A 125 -12.14 59.26 10.76
C LEU A 125 -11.58 58.13 9.89
N SER A 126 -10.35 58.31 9.39
CA SER A 126 -9.70 57.28 8.59
C SER A 126 -9.68 55.94 9.32
N TYR A 127 -9.39 55.96 10.62
CA TYR A 127 -9.38 54.72 11.39
C TYR A 127 -10.78 54.10 11.45
N TRP A 128 -11.82 54.92 11.62
CA TRP A 128 -13.16 54.36 11.76
C TRP A 128 -13.67 53.80 10.43
N LEU A 129 -13.30 54.40 9.30
CA LEU A 129 -13.61 53.81 8.01
C LEU A 129 -12.94 52.44 7.86
N TYR A 130 -11.70 52.32 8.35
CA TYR A 130 -10.99 51.04 8.33
C TYR A 130 -11.73 49.98 9.13
N VAL A 131 -12.19 50.33 10.33
CA VAL A 131 -12.96 49.39 11.15
C VAL A 131 -14.28 49.04 10.48
N ALA A 132 -14.94 50.03 9.88
CA ALA A 132 -16.21 49.80 9.19
C ALA A 132 -16.01 48.85 8.02
N GLY A 133 -15.00 49.12 7.18
CA GLY A 133 -14.69 48.22 6.08
C GLY A 133 -14.39 46.81 6.53
N THR A 134 -13.56 46.67 7.59
CA THR A 134 -13.27 45.35 8.14
C THR A 134 -14.55 44.66 8.57
N SER A 135 -15.45 45.41 9.22
CA SER A 135 -16.70 44.85 9.73
C SER A 135 -17.58 44.36 8.57
N LEU A 136 -17.65 45.12 7.49
CA LEU A 136 -18.41 44.70 6.31
C LEU A 136 -17.78 43.49 5.63
N ALA A 137 -16.45 43.46 5.51
CA ALA A 137 -15.77 42.28 4.97
C ALA A 137 -16.11 41.03 5.77
N VAL A 138 -16.03 41.12 7.10
CA VAL A 138 -16.38 39.97 7.94
C VAL A 138 -17.87 39.63 7.81
N ALA A 139 -18.72 40.67 7.74
CA ALA A 139 -20.16 40.43 7.59
C ALA A 139 -20.46 39.70 6.29
N SER A 140 -19.75 40.04 5.20
CA SER A 140 -19.98 39.39 3.92
C SER A 140 -19.84 37.88 4.02
N LEU A 141 -18.99 37.41 4.95
CA LEU A 141 -18.77 35.97 5.16
C LEU A 141 -20.04 35.28 5.64
N PHE A 142 -20.93 36.02 6.29
CA PHE A 142 -22.14 35.45 6.87
C PHE A 142 -23.40 35.86 6.14
N ALA A 143 -23.29 36.59 5.06
CA ALA A 143 -24.40 37.07 4.26
C ALA A 143 -24.73 36.07 3.15
N PRO A 144 -25.98 36.06 2.69
CA PRO A 144 -26.33 35.23 1.52
C PRO A 144 -25.38 35.50 0.36
N GLY A 145 -24.79 34.44 -0.16
CA GLY A 145 -23.80 34.57 -1.21
C GLY A 145 -23.94 33.54 -2.29
N GLY A 146 -22.82 33.10 -2.87
CA GLY A 146 -22.89 32.26 -4.04
C GLY A 146 -23.45 30.87 -3.73
N ASN A 147 -24.06 30.26 -4.75
CA ASN A 147 -24.52 28.87 -4.69
C ASN A 147 -25.52 28.62 -3.57
N GLY A 148 -26.32 29.61 -3.22
CA GLY A 148 -27.26 29.43 -2.13
C GLY A 148 -26.64 29.21 -0.77
N GLN A 149 -25.35 29.51 -0.61
CA GLN A 149 -24.70 29.42 0.68
C GLN A 149 -24.37 30.84 1.17
N LEU A 150 -23.53 30.94 2.20
CA LEU A 150 -23.03 32.23 2.68
C LEU A 150 -21.65 32.54 2.08
N GLY A 151 -21.37 33.83 1.90
CA GLY A 151 -20.06 34.32 1.53
C GLY A 151 -19.85 34.39 0.03
N SER A 152 -18.90 35.26 -0.38
CA SER A 152 -18.47 35.40 -1.79
C SER A 152 -17.24 34.54 -2.05
N GLY A 153 -17.37 33.60 -3.00
CA GLY A 153 -16.25 32.76 -3.37
C GLY A 153 -15.66 33.18 -4.70
N ILE A 154 -15.17 34.40 -4.80
CA ILE A 154 -14.88 35.01 -6.09
C ILE A 154 -13.43 35.44 -6.25
N GLY A 155 -12.57 35.18 -5.25
CA GLY A 155 -11.18 35.60 -5.34
C GLY A 155 -11.03 37.04 -4.92
N TRP A 156 -9.86 37.44 -4.41
CA TRP A 156 -9.77 38.76 -3.81
C TRP A 156 -9.86 39.88 -4.83
N VAL A 157 -9.67 39.60 -6.12
CA VAL A 157 -9.73 40.63 -7.15
C VAL A 157 -11.06 40.65 -7.91
N LEU A 158 -12.02 39.79 -7.55
CA LEU A 158 -13.44 39.95 -7.90
C LEU A 158 -13.71 39.96 -9.42
N TYR A 159 -13.08 39.05 -10.17
CA TYR A 159 -13.21 39.05 -11.63
C TYR A 159 -14.66 38.82 -12.04
N PRO A 160 -15.21 39.64 -12.95
CA PRO A 160 -16.50 39.30 -13.59
C PRO A 160 -16.26 38.40 -14.78
N PRO A 161 -17.31 37.74 -15.31
CA PRO A 161 -18.70 37.75 -14.86
C PRO A 161 -18.93 36.94 -13.60
N LEU A 162 -17.94 36.19 -13.13
CA LEU A 162 -18.16 35.41 -11.91
C LEU A 162 -18.60 36.32 -10.77
N SER A 163 -17.88 37.41 -10.55
CA SER A 163 -18.24 38.29 -9.44
C SER A 163 -19.60 38.95 -9.64
N THR A 164 -19.95 39.30 -10.88
CA THR A 164 -21.21 39.99 -11.11
C THR A 164 -22.40 39.04 -11.15
N SER A 165 -22.18 37.73 -11.32
CA SER A 165 -23.28 36.79 -11.31
C SER A 165 -23.42 36.05 -9.99
N GLU A 166 -22.47 36.22 -9.06
CA GLU A 166 -22.58 35.54 -7.78
C GLU A 166 -23.88 35.93 -7.09
N SER A 167 -24.66 34.93 -6.70
CA SER A 167 -25.96 35.18 -6.10
C SER A 167 -25.81 35.78 -4.69
N GLY A 168 -26.92 36.29 -4.16
CA GLY A 168 -26.91 36.90 -2.85
C GLY A 168 -26.39 38.32 -2.90
N TYR A 169 -26.16 38.87 -1.71
CA TYR A 169 -25.60 40.21 -1.61
C TYR A 169 -24.29 40.23 -0.84
N SER A 170 -23.74 39.06 -0.48
CA SER A 170 -22.41 38.97 0.10
C SER A 170 -21.39 39.80 -0.69
N THR A 171 -21.39 39.63 -2.01
CA THR A 171 -20.43 40.31 -2.88
C THR A 171 -20.61 41.81 -2.88
N ASP A 172 -21.85 42.28 -2.74
CA ASP A 172 -22.07 43.72 -2.62
C ASP A 172 -21.52 44.25 -1.31
N LEU A 173 -21.64 43.46 -0.23
CA LEU A 173 -21.03 43.85 1.04
C LEU A 173 -19.51 43.91 0.93
N ALA A 174 -18.92 42.94 0.23
CA ALA A 174 -17.47 42.93 0.05
C ALA A 174 -17.01 44.14 -0.75
N ILE A 175 -17.80 44.54 -1.76
CA ILE A 175 -17.47 45.74 -2.53
C ILE A 175 -17.56 47.00 -1.66
N PHE A 176 -18.58 47.10 -0.81
CA PHE A 176 -18.65 48.25 0.10
C PHE A 176 -17.48 48.26 1.07
N ALA A 177 -17.12 47.10 1.61
CA ALA A 177 -15.95 47.01 2.50
C ALA A 177 -14.71 47.57 1.82
N VAL A 178 -14.50 47.22 0.55
CA VAL A 178 -13.33 47.70 -0.16
C VAL A 178 -13.43 49.20 -0.40
N HIS A 179 -14.64 49.68 -0.68
CA HIS A 179 -14.87 51.11 -0.78
C HIS A 179 -14.44 51.83 0.50
N LEU A 180 -14.88 51.32 1.65
CA LEU A 180 -14.52 51.92 2.92
C LEU A 180 -13.03 51.86 3.17
N SER A 181 -12.35 50.79 2.73
CA SER A 181 -10.91 50.71 2.90
C SER A 181 -10.21 51.73 2.02
N GLY A 182 -10.71 51.92 0.79
CA GLY A 182 -10.11 52.91 -0.09
C GLY A 182 -10.24 54.32 0.46
N ALA A 183 -11.39 54.64 1.05
CA ALA A 183 -11.60 55.95 1.67
C ALA A 183 -10.64 56.18 2.84
N SER A 184 -10.50 55.17 3.70
CA SER A 184 -9.54 55.24 4.80
C SER A 184 -8.13 55.50 4.29
N SER A 185 -7.73 54.81 3.22
CA SER A 185 -6.39 54.96 2.69
C SER A 185 -6.18 56.34 2.08
N ILE A 186 -7.19 56.86 1.38
CA ILE A 186 -7.06 58.16 0.72
C ILE A 186 -6.99 59.29 1.76
N LEU A 187 -7.83 59.22 2.80
CA LEU A 187 -7.75 60.19 3.88
C LEU A 187 -6.39 60.15 4.55
N GLY A 188 -5.94 58.95 4.91
CA GLY A 188 -4.59 58.79 5.43
C GLY A 188 -3.56 59.43 4.53
N ALA A 189 -3.65 59.15 3.22
CA ALA A 189 -2.65 59.69 2.29
C ALA A 189 -2.69 61.22 2.23
N ILE A 190 -3.89 61.79 2.23
CA ILE A 190 -4.03 63.24 2.22
C ILE A 190 -3.37 63.82 3.47
N ASN A 191 -3.61 63.22 4.63
CA ASN A 191 -2.97 63.64 5.86
C ASN A 191 -1.44 63.50 5.79
N MET A 192 -0.93 62.34 5.35
CA MET A 192 0.52 62.14 5.24
C MET A 192 1.16 63.21 4.38
N ILE A 193 0.58 63.47 3.21
CA ILE A 193 1.22 64.37 2.25
C ILE A 193 1.21 65.80 2.75
N THR A 194 0.08 66.25 3.29
CA THR A 194 -0.01 67.61 3.82
C THR A 194 0.95 67.81 4.99
N THR A 195 0.95 66.87 5.94
CA THR A 195 1.86 66.96 7.08
C THR A 195 3.32 66.97 6.64
N PHE A 196 3.69 66.07 5.73
CA PHE A 196 5.07 65.99 5.25
C PHE A 196 5.49 67.31 4.58
N LEU A 197 4.59 67.92 3.81
CA LEU A 197 4.97 69.09 3.03
C LEU A 197 4.95 70.38 3.85
N ASN A 198 4.06 70.50 4.82
CA ASN A 198 3.79 71.76 5.49
C ASN A 198 4.23 71.85 6.94
N MET A 199 4.45 70.72 7.62
CA MET A 199 4.64 70.72 9.06
C MET A 199 5.97 70.14 9.48
N ARG A 200 6.90 69.97 8.55
CA ARG A 200 8.27 69.64 8.90
C ARG A 200 8.84 70.71 9.82
N ALA A 201 9.69 70.28 10.75
CA ALA A 201 10.36 71.26 11.61
C ALA A 201 11.15 72.22 10.73
N PRO A 202 11.08 73.53 10.99
CA PRO A 202 11.96 74.45 10.28
C PRO A 202 13.39 74.08 10.64
N GLY A 203 14.25 74.03 9.64
CA GLY A 203 15.59 73.52 9.82
C GLY A 203 15.76 72.05 9.51
N MET A 204 14.67 71.28 9.41
CA MET A 204 14.78 69.97 8.77
C MET A 204 14.52 70.16 7.29
N THR A 205 15.59 70.36 6.54
CA THR A 205 15.49 70.32 5.08
C THR A 205 14.95 68.97 4.62
N MET A 206 14.33 68.98 3.42
CA MET A 206 13.78 67.74 2.88
C MET A 206 14.84 66.69 2.60
N HIS A 207 16.11 67.06 2.46
CA HIS A 207 17.14 66.05 2.28
C HIS A 207 17.79 65.64 3.59
N LYS A 208 17.19 66.00 4.72
CA LYS A 208 17.50 65.41 6.02
C LYS A 208 16.33 64.61 6.58
N VAL A 209 15.25 64.46 5.83
CA VAL A 209 14.11 63.66 6.25
C VAL A 209 14.51 62.17 6.32
N PRO A 210 14.22 61.48 7.42
CA PRO A 210 14.59 60.06 7.51
C PRO A 210 13.90 59.22 6.43
N LEU A 211 14.54 58.12 6.06
CA LEU A 211 14.05 57.30 4.95
C LEU A 211 12.66 56.73 5.22
N PHE A 212 12.33 56.41 6.47
CA PHE A 212 11.00 55.88 6.71
C PHE A 212 9.94 56.91 6.37
N ALA A 213 10.19 58.19 6.70
CA ALA A 213 9.21 59.22 6.36
C ALA A 213 9.11 59.43 4.86
N TRP A 214 10.24 59.30 4.15
CA TRP A 214 10.20 59.32 2.69
C TRP A 214 9.33 58.19 2.15
N SER A 215 9.47 56.99 2.72
CA SER A 215 8.71 55.84 2.23
C SER A 215 7.21 56.03 2.46
N ILE A 216 6.83 56.64 3.58
CA ILE A 216 5.42 56.94 3.83
C ILE A 216 4.91 58.01 2.85
N PHE A 217 5.77 58.97 2.48
CA PHE A 217 5.39 60.05 1.58
C PHE A 217 5.13 59.51 0.18
N VAL A 218 6.09 58.73 -0.36
CA VAL A 218 5.90 58.13 -1.66
C VAL A 218 4.64 57.26 -1.67
N THR A 219 4.51 56.40 -0.66
CA THR A 219 3.34 55.51 -0.56
C THR A 219 2.04 56.30 -0.62
N ALA A 220 1.99 57.44 0.08
CA ALA A 220 0.76 58.23 0.09
C ALA A 220 0.39 58.68 -1.32
N TRP A 221 1.39 59.03 -2.13
CA TRP A 221 1.12 59.46 -3.50
C TRP A 221 0.59 58.30 -4.34
N LEU A 222 1.19 57.11 -4.21
CA LEU A 222 0.67 55.94 -4.93
C LEU A 222 -0.79 55.68 -4.58
N ILE A 223 -1.14 55.82 -3.31
CA ILE A 223 -2.52 55.60 -2.89
C ILE A 223 -3.47 56.57 -3.61
N LEU A 224 -3.06 57.84 -3.71
CA LEU A 224 -3.95 58.85 -4.29
C LEU A 224 -4.28 58.55 -5.74
N LEU A 225 -3.35 57.97 -6.48
CA LEU A 225 -3.67 57.62 -7.85
C LEU A 225 -4.36 56.25 -7.98
N ALA A 226 -3.95 55.26 -7.18
CA ALA A 226 -4.41 53.89 -7.38
C ALA A 226 -5.80 53.64 -6.82
N LEU A 227 -6.08 54.11 -5.61
CA LEU A 227 -7.34 53.76 -4.97
C LEU A 227 -8.59 54.35 -5.63
N PRO A 228 -8.56 55.57 -6.19
CA PRO A 228 -9.74 56.03 -6.95
C PRO A 228 -10.03 55.17 -8.17
N VAL A 229 -9.00 54.65 -8.82
CA VAL A 229 -9.21 53.77 -9.97
C VAL A 229 -9.87 52.47 -9.53
N LEU A 230 -9.46 51.93 -8.37
CA LEU A 230 -10.15 50.76 -7.82
C LEU A 230 -11.60 51.07 -7.49
N ALA A 231 -11.86 52.26 -6.93
CA ALA A 231 -13.23 52.63 -6.61
C ALA A 231 -14.08 52.64 -7.88
N GLY A 232 -13.51 53.07 -9.00
CA GLY A 232 -14.23 53.00 -10.26
C GLY A 232 -14.53 51.57 -10.68
N ALA A 233 -13.52 50.70 -10.63
CA ALA A 233 -13.69 49.31 -11.05
C ALA A 233 -14.79 48.60 -10.27
N ILE A 234 -14.76 48.72 -8.94
CA ILE A 234 -15.73 47.98 -8.13
C ILE A 234 -17.09 48.65 -8.12
N THR A 235 -17.17 49.95 -8.44
CA THR A 235 -18.49 50.56 -8.60
C THR A 235 -19.16 50.06 -9.88
N MET A 236 -18.37 49.84 -10.94
CA MET A 236 -18.89 49.21 -12.16
C MET A 236 -19.37 47.78 -11.92
N LEU A 237 -18.67 47.02 -11.06
CA LEU A 237 -19.19 45.73 -10.64
C LEU A 237 -20.53 45.90 -9.95
N LEU A 238 -20.61 46.88 -9.05
CA LEU A 238 -21.82 47.05 -8.28
C LEU A 238 -23.01 47.39 -9.18
N THR A 239 -22.78 48.18 -10.23
CA THR A 239 -23.89 48.54 -11.10
C THR A 239 -24.24 47.44 -12.09
N ASP A 240 -23.25 46.66 -12.56
CA ASP A 240 -23.56 45.46 -13.35
C ASP A 240 -24.40 44.49 -12.55
N ARG A 241 -24.13 44.39 -11.24
CA ARG A 241 -24.87 43.48 -10.37
C ARG A 241 -26.28 44.00 -10.07
N ASN A 242 -26.43 45.32 -9.88
CA ASN A 242 -27.65 45.84 -9.25
C ASN A 242 -28.42 46.88 -10.06
N PHE A 243 -27.78 47.59 -10.99
CA PHE A 243 -28.40 48.72 -11.68
C PHE A 243 -28.40 48.56 -13.19
N GLY A 244 -28.35 47.31 -13.68
CA GLY A 244 -28.60 47.05 -15.07
C GLY A 244 -27.53 47.48 -16.05
N THR A 245 -26.38 47.96 -15.58
CA THR A 245 -25.30 48.23 -16.53
C THR A 245 -24.73 46.92 -17.06
N THR A 246 -23.97 47.02 -18.15
CA THR A 246 -23.38 45.84 -18.78
C THR A 246 -21.93 46.10 -19.12
N PHE A 247 -21.20 46.80 -18.24
CA PHE A 247 -19.79 47.12 -18.51
C PHE A 247 -18.99 45.87 -18.80
N PHE A 248 -19.28 44.78 -18.10
CA PHE A 248 -18.46 43.58 -18.22
C PHE A 248 -19.26 42.38 -18.72
N GLN A 249 -20.46 42.61 -19.24
CA GLN A 249 -21.32 41.52 -19.71
C GLN A 249 -21.35 41.52 -21.24
N PRO A 250 -20.83 40.48 -21.89
CA PRO A 250 -20.80 40.46 -23.37
C PRO A 250 -22.16 40.56 -24.02
N SER A 251 -23.21 40.01 -23.39
CA SER A 251 -24.56 40.12 -23.92
C SER A 251 -24.97 41.57 -24.16
N GLY A 252 -24.47 42.51 -23.35
CA GLY A 252 -24.78 43.91 -23.54
C GLY A 252 -23.67 44.70 -24.20
N GLY A 253 -22.75 44.02 -24.88
CA GLY A 253 -21.63 44.70 -25.48
C GLY A 253 -20.43 44.95 -24.59
N GLY A 254 -20.48 44.54 -23.31
CA GLY A 254 -19.37 44.78 -22.40
C GLY A 254 -18.25 43.78 -22.59
N ASP A 255 -17.20 43.95 -21.78
CA ASP A 255 -16.01 43.10 -21.94
C ASP A 255 -15.41 42.79 -20.57
N PRO A 256 -15.45 41.53 -20.13
CA PRO A 256 -14.88 41.21 -18.80
C PRO A 256 -13.42 41.58 -18.68
N VAL A 257 -12.66 41.56 -19.78
CA VAL A 257 -11.24 41.87 -19.70
C VAL A 257 -11.03 43.35 -19.37
N LEU A 258 -12.00 44.21 -19.72
CA LEU A 258 -11.91 45.63 -19.36
C LEU A 258 -11.79 45.80 -17.84
N TYR A 259 -12.57 45.03 -17.07
CA TYR A 259 -12.43 45.10 -15.62
C TYR A 259 -10.99 44.81 -15.19
N GLN A 260 -10.36 43.80 -15.80
CA GLN A 260 -9.01 43.41 -15.39
C GLN A 260 -8.02 44.54 -15.57
N HIS A 261 -8.11 45.28 -16.69
CA HIS A 261 -7.21 46.40 -16.89
C HIS A 261 -7.35 47.42 -15.78
N ILE A 262 -8.60 47.75 -15.41
CA ILE A 262 -8.84 48.78 -14.40
C ILE A 262 -8.45 48.27 -13.01
N LEU A 263 -8.84 47.04 -12.68
CA LEU A 263 -8.46 46.46 -11.39
C LEU A 263 -6.95 46.42 -11.24
N TRP A 264 -6.25 45.88 -12.25
CA TRP A 264 -4.82 45.73 -12.07
C TRP A 264 -4.09 47.06 -12.17
N PHE A 265 -4.72 48.08 -12.77
CA PHE A 265 -4.12 49.41 -12.70
C PHE A 265 -4.00 49.86 -11.24
N PHE A 266 -4.97 49.48 -10.39
CA PHE A 266 -4.79 49.60 -8.94
C PHE A 266 -3.93 48.48 -8.37
N GLY A 267 -4.12 47.26 -8.87
CA GLY A 267 -3.62 46.07 -8.17
C GLY A 267 -2.11 45.92 -8.17
N HIS A 268 -1.44 46.39 -9.22
CA HIS A 268 0.00 46.31 -8.98
C HIS A 268 0.46 47.39 -8.01
N PRO A 269 0.11 48.68 -8.20
CA PRO A 269 0.49 49.69 -7.19
C PRO A 269 0.20 49.28 -5.77
N GLU A 270 -0.90 48.55 -5.56
CA GLU A 270 -1.22 48.04 -4.22
C GLU A 270 -0.02 47.35 -3.57
N VAL A 271 0.76 46.56 -4.33
CA VAL A 271 1.81 45.80 -3.67
C VAL A 271 3.04 46.65 -3.38
N TYR A 272 3.26 47.73 -4.14
CA TYR A 272 4.31 48.69 -3.80
C TYR A 272 3.87 49.61 -2.69
N ILE A 273 2.56 49.85 -2.58
CA ILE A 273 2.01 50.51 -1.39
C ILE A 273 2.25 49.65 -0.13
N ILE A 274 2.14 48.33 -0.26
CA ILE A 274 2.44 47.43 0.87
C ILE A 274 3.91 47.54 1.27
N VAL A 275 4.81 47.44 0.29
CA VAL A 275 6.20 47.12 0.65
C VAL A 275 7.07 48.34 0.91
N LEU A 276 6.74 49.51 0.36
CA LEU A 276 7.60 50.68 0.53
C LEU A 276 7.80 51.06 2.00
N PRO A 277 6.77 51.14 2.84
CA PRO A 277 7.03 51.41 4.27
C PRO A 277 7.89 50.35 4.93
N ALA A 278 7.78 49.09 4.49
CA ALA A 278 8.68 48.06 4.99
C ALA A 278 10.13 48.38 4.60
N PHE A 279 10.34 48.85 3.36
CA PHE A 279 11.68 49.30 2.95
C PHE A 279 12.19 50.37 3.90
N GLY A 280 11.33 51.32 4.24
CA GLY A 280 11.74 52.40 5.12
C GLY A 280 12.16 51.90 6.50
N ILE A 281 11.36 50.99 7.07
CA ILE A 281 11.71 50.41 8.37
C ILE A 281 13.04 49.68 8.29
N VAL A 282 13.24 48.90 7.24
CA VAL A 282 14.48 48.14 7.11
C VAL A 282 15.69 49.08 7.10
N SER A 283 15.55 50.27 6.49
CA SER A 283 16.66 51.23 6.46
C SER A 283 17.00 51.73 7.87
N HIS A 284 15.99 52.06 8.67
CA HIS A 284 16.23 52.52 10.04
C HIS A 284 16.83 51.41 10.91
N VAL A 285 16.33 50.18 10.75
CA VAL A 285 16.77 49.08 11.60
C VAL A 285 18.20 48.67 11.27
N ILE A 286 18.52 48.55 9.97
CA ILE A 286 19.86 48.12 9.60
C ILE A 286 20.90 49.18 9.99
N ALA A 287 20.60 50.46 9.79
CA ALA A 287 21.53 51.52 10.20
C ALA A 287 21.79 51.47 11.70
N THR A 288 20.74 51.22 12.49
CA THR A 288 20.90 51.18 13.94
C THR A 288 21.80 50.03 14.38
N PHE A 289 21.56 48.82 13.87
CA PHE A 289 22.23 47.65 14.43
C PHE A 289 23.52 47.29 13.70
N ALA A 290 23.77 47.90 12.55
CA ALA A 290 25.11 47.90 11.99
C ALA A 290 25.96 49.03 12.56
N LYS A 291 25.35 49.92 13.35
CA LYS A 291 26.02 51.09 13.96
C LYS A 291 26.72 51.93 12.89
N LYS A 292 25.97 52.28 11.84
CA LYS A 292 26.60 52.87 10.68
C LYS A 292 25.51 53.63 9.92
N PRO A 293 25.78 54.81 9.38
CA PRO A 293 24.74 55.53 8.65
C PRO A 293 24.34 54.77 7.41
N ILE A 294 23.10 55.01 6.96
CA ILE A 294 22.58 54.30 5.81
C ILE A 294 23.44 54.60 4.59
N PHE A 295 23.84 53.55 3.87
CA PHE A 295 24.60 53.75 2.64
C PHE A 295 23.71 54.31 1.52
N GLY A 296 24.21 55.36 0.84
CA GLY A 296 23.55 55.93 -0.31
C GLY A 296 22.16 56.50 -0.07
N TYR A 297 22.06 57.46 0.85
CA TYR A 297 20.76 57.98 1.26
C TYR A 297 19.95 58.50 0.07
N LEU A 298 20.58 59.30 -0.79
CA LEU A 298 19.84 59.89 -1.91
C LEU A 298 19.42 58.83 -2.93
N PRO A 299 20.29 57.88 -3.32
CA PRO A 299 19.80 56.75 -4.14
C PRO A 299 18.65 55.98 -3.50
N MET A 300 18.67 55.80 -2.17
CA MET A 300 17.57 55.12 -1.50
C MET A 300 16.24 55.85 -1.71
N VAL A 301 16.27 57.18 -1.67
CA VAL A 301 15.04 57.96 -1.88
C VAL A 301 14.61 57.87 -3.33
N TYR A 302 15.56 58.00 -4.26
CA TYR A 302 15.22 58.00 -5.67
C TYR A 302 14.72 56.63 -6.11
N ALA A 303 15.35 55.56 -5.61
CA ALA A 303 14.91 54.20 -5.92
C ALA A 303 13.46 53.98 -5.51
N MET A 304 13.07 54.46 -4.32
CA MET A 304 11.67 54.33 -3.92
C MET A 304 10.74 55.12 -4.84
N VAL A 305 11.18 56.30 -5.29
CA VAL A 305 10.37 57.07 -6.23
C VAL A 305 10.27 56.33 -7.56
N ALA A 306 11.39 55.80 -8.05
CA ALA A 306 11.39 55.08 -9.32
C ALA A 306 10.50 53.84 -9.23
N ILE A 307 10.61 53.08 -8.14
CA ILE A 307 9.76 51.90 -7.96
C ILE A 307 8.29 52.31 -7.98
N GLY A 308 7.96 53.38 -7.27
CA GLY A 308 6.57 53.81 -7.20
C GLY A 308 6.01 54.27 -8.52
N VAL A 309 6.84 54.93 -9.35
CA VAL A 309 6.39 55.38 -10.67
C VAL A 309 6.27 54.20 -11.62
N LEU A 310 7.34 53.40 -11.71
CA LEU A 310 7.31 52.19 -12.52
C LEU A 310 6.15 51.28 -12.15
N GLY A 311 5.73 51.29 -10.88
CA GLY A 311 4.62 50.48 -10.42
C GLY A 311 3.29 50.80 -11.09
N PHE A 312 3.21 51.91 -11.82
CA PHE A 312 1.98 52.28 -12.50
C PHE A 312 1.97 51.95 -13.97
N VAL A 313 3.03 51.37 -14.53
CA VAL A 313 3.06 51.14 -15.96
C VAL A 313 3.33 49.67 -16.29
N VAL A 314 2.99 48.77 -15.35
CA VAL A 314 3.36 47.35 -15.51
C VAL A 314 2.17 46.42 -15.32
N TRP A 315 0.96 46.97 -15.15
CA TRP A 315 -0.14 46.20 -14.56
C TRP A 315 -0.51 44.95 -15.36
N ALA A 316 -0.37 44.97 -16.68
CA ALA A 316 -0.85 43.85 -17.46
C ALA A 316 0.05 42.61 -17.36
N HIS A 317 1.10 42.62 -16.54
CA HIS A 317 1.75 41.34 -16.30
C HIS A 317 0.86 40.41 -15.49
N HIS A 318 -0.26 40.89 -14.98
CA HIS A 318 -1.29 40.06 -14.38
C HIS A 318 -2.26 39.52 -15.42
N MET A 319 -1.98 39.73 -16.71
CA MET A 319 -2.98 39.44 -17.74
C MET A 319 -2.37 38.76 -18.97
N TYR A 320 -1.20 38.13 -18.82
CA TYR A 320 -0.54 37.54 -19.98
C TYR A 320 -1.38 36.46 -20.68
N THR A 321 -2.25 35.77 -19.95
CA THR A 321 -3.09 34.72 -20.56
C THR A 321 -4.53 35.17 -20.76
N ALA A 322 -4.83 36.45 -20.57
CA ALA A 322 -6.18 36.95 -20.65
C ALA A 322 -6.56 37.45 -22.04
N GLY A 323 -5.72 37.22 -23.04
CA GLY A 323 -6.00 37.70 -24.38
C GLY A 323 -5.24 38.95 -24.79
N LEU A 324 -4.09 39.23 -24.20
CA LEU A 324 -3.30 40.38 -24.59
C LEU A 324 -2.58 40.14 -25.91
N SER A 325 -2.43 41.21 -26.68
CA SER A 325 -1.68 41.13 -27.92
C SER A 325 -0.21 40.83 -27.62
N LEU A 326 0.48 40.31 -28.63
CA LEU A 326 1.89 40.01 -28.47
C LEU A 326 2.71 41.29 -28.24
N THR A 327 2.26 42.41 -28.80
CA THR A 327 2.90 43.69 -28.57
C THR A 327 2.72 44.15 -27.12
N GLN A 328 1.50 44.02 -26.58
CA GLN A 328 1.26 44.38 -25.19
C GLN A 328 2.06 43.48 -24.26
N GLN A 329 2.05 42.17 -24.52
CA GLN A 329 2.81 41.25 -23.67
C GLN A 329 4.29 41.60 -23.68
N SER A 330 4.82 42.00 -24.84
CA SER A 330 6.24 42.33 -24.92
C SER A 330 6.54 43.62 -24.17
N TYR A 331 5.69 44.63 -24.29
CA TYR A 331 5.93 45.87 -23.56
C TYR A 331 5.89 45.62 -22.06
N PHE A 332 4.79 45.07 -21.57
CA PHE A 332 4.60 44.93 -20.13
C PHE A 332 5.67 44.04 -19.52
N MET A 333 6.16 43.06 -20.28
CA MET A 333 7.26 42.25 -19.79
C MET A 333 8.52 43.10 -19.57
N MET A 334 8.87 43.92 -20.56
CA MET A 334 10.10 44.69 -20.44
C MET A 334 9.98 45.80 -19.41
N ALA A 335 8.82 46.47 -19.38
CA ALA A 335 8.60 47.48 -18.33
C ALA A 335 8.75 46.86 -16.94
N THR A 336 8.18 45.65 -16.74
CA THR A 336 8.25 45.00 -15.43
C THR A 336 9.68 44.71 -15.03
N MET A 337 10.51 44.24 -15.96
CA MET A 337 11.89 43.90 -15.64
C MET A 337 12.67 45.09 -15.10
N VAL A 338 12.31 46.32 -15.52
CA VAL A 338 13.08 47.50 -15.11
C VAL A 338 13.04 47.65 -13.58
N ILE A 339 11.92 47.30 -12.96
CA ILE A 339 11.75 47.47 -11.52
C ILE A 339 12.84 46.76 -10.74
N ALA A 340 13.42 45.70 -11.31
CA ALA A 340 14.50 45.02 -10.61
C ALA A 340 15.70 45.94 -10.39
N VAL A 341 15.89 46.97 -11.21
CA VAL A 341 17.09 47.79 -11.11
C VAL A 341 17.04 48.70 -9.88
N PRO A 342 16.02 49.55 -9.69
CA PRO A 342 15.99 50.33 -8.44
C PRO A 342 15.83 49.48 -7.19
N THR A 343 15.13 48.33 -7.26
CA THR A 343 15.05 47.44 -6.11
C THR A 343 16.42 46.87 -5.77
N GLY A 344 17.19 46.47 -6.78
CA GLY A 344 18.55 45.99 -6.52
C GLY A 344 19.43 47.02 -5.85
N ILE A 345 19.29 48.29 -6.24
CA ILE A 345 20.07 49.35 -5.60
C ILE A 345 19.79 49.40 -4.11
N LYS A 346 18.52 49.20 -3.70
CA LYS A 346 18.22 49.22 -2.27
C LYS A 346 18.75 47.98 -1.57
N ILE A 347 18.61 46.78 -2.18
CA ILE A 347 19.17 45.58 -1.57
C ILE A 347 20.68 45.72 -1.39
N PHE A 348 21.38 46.17 -2.43
CA PHE A 348 22.84 46.27 -2.33
C PHE A 348 23.26 47.37 -1.35
N SER A 349 22.52 48.48 -1.30
CA SER A 349 22.87 49.54 -0.35
C SER A 349 22.63 49.11 1.10
N TRP A 350 21.65 48.23 1.34
CA TRP A 350 21.47 47.69 2.69
C TRP A 350 22.64 46.79 3.08
N ILE A 351 23.11 45.97 2.14
CA ILE A 351 24.30 45.15 2.40
C ILE A 351 25.52 46.04 2.61
N ALA A 352 25.64 47.11 1.80
CA ALA A 352 26.76 48.02 1.94
C ALA A 352 26.71 48.78 3.26
N THR A 353 25.50 49.01 3.79
CA THR A 353 25.37 49.60 5.12
C THR A 353 25.96 48.69 6.19
N MET A 354 25.69 47.39 6.09
CA MET A 354 26.26 46.44 7.05
C MET A 354 27.77 46.31 6.88
N TRP A 355 28.26 46.45 5.64
CA TRP A 355 29.66 46.25 5.37
C TRP A 355 30.50 47.29 6.10
N GLY A 356 31.44 46.81 6.92
CA GLY A 356 32.27 47.70 7.71
C GLY A 356 31.61 48.22 8.98
N GLY A 357 30.42 47.74 9.32
CA GLY A 357 29.77 48.14 10.54
C GLY A 357 30.26 47.34 11.74
N SER A 358 29.51 47.47 12.82
CA SER A 358 29.77 46.75 14.06
C SER A 358 28.43 46.13 14.42
N ILE A 359 28.19 44.90 13.94
CA ILE A 359 26.83 44.39 13.78
C ILE A 359 26.36 43.71 15.05
N GLU A 360 25.20 44.13 15.53
CA GLU A 360 24.54 43.59 16.72
C GLU A 360 23.33 42.77 16.26
N LEU A 361 23.31 41.47 16.58
CA LEU A 361 22.26 40.60 16.05
C LEU A 361 21.04 40.50 16.97
N LYS A 362 20.53 41.65 17.40
CA LYS A 362 19.32 41.64 18.20
C LYS A 362 18.09 41.39 17.31
N THR A 363 16.97 41.07 17.94
CA THR A 363 15.77 40.64 17.22
C THR A 363 15.39 41.53 16.05
N PRO A 364 15.30 42.88 16.18
CA PRO A 364 14.89 43.66 15.01
C PRO A 364 15.80 43.47 13.81
N MET A 365 17.10 43.31 14.07
CA MET A 365 18.08 43.12 13.01
C MET A 365 17.94 41.74 12.37
N LEU A 366 17.55 40.74 13.17
CA LEU A 366 17.27 39.43 12.59
C LEU A 366 16.14 39.52 11.56
N TRP A 367 15.04 40.19 11.93
CA TRP A 367 13.93 40.38 10.98
C TRP A 367 14.42 41.11 9.72
N ALA A 368 15.25 42.14 9.89
CA ALA A 368 15.70 42.92 8.73
C ALA A 368 16.63 42.11 7.84
N LEU A 369 17.52 41.31 8.43
CA LEU A 369 18.39 40.45 7.63
C LEU A 369 17.60 39.34 6.94
N GLY A 370 16.63 38.78 7.64
CA GLY A 370 15.74 37.83 6.99
C GLY A 370 15.01 38.48 5.82
N PHE A 371 14.57 39.72 6.00
CA PHE A 371 13.91 40.45 4.92
C PHE A 371 14.79 40.50 3.67
N LEU A 372 16.08 40.86 3.84
CA LEU A 372 16.97 41.02 2.70
C LEU A 372 17.04 39.74 1.88
N PHE A 373 17.18 38.60 2.55
CA PHE A 373 17.32 37.31 1.88
C PHE A 373 15.99 36.86 1.28
N LEU A 374 14.90 36.93 2.04
CA LEU A 374 13.63 36.38 1.60
C LEU A 374 12.91 37.28 0.61
N PHE A 375 13.04 38.60 0.78
CA PHE A 375 12.49 39.47 -0.25
C PHE A 375 13.22 39.28 -1.57
N THR A 376 14.53 39.01 -1.53
CA THR A 376 15.26 38.72 -2.76
C THR A 376 14.76 37.44 -3.41
N VAL A 377 14.53 36.38 -2.61
CA VAL A 377 13.96 35.15 -3.14
C VAL A 377 12.63 35.43 -3.85
N GLY A 378 11.76 36.19 -3.20
CA GLY A 378 10.48 36.52 -3.80
C GLY A 378 10.60 37.46 -4.99
N GLY A 379 11.55 38.39 -4.93
CA GLY A 379 11.70 39.33 -6.03
C GLY A 379 12.16 38.66 -7.31
N VAL A 380 13.08 37.69 -7.19
CA VAL A 380 13.60 37.08 -8.41
C VAL A 380 12.56 36.17 -9.05
N THR A 381 11.69 35.51 -8.26
CA THR A 381 10.62 34.75 -8.91
C THR A 381 9.60 35.67 -9.54
N GLY A 382 9.43 36.89 -9.01
CA GLY A 382 8.64 37.88 -9.75
C GLY A 382 9.21 38.16 -11.13
N ILE A 383 10.54 38.26 -11.23
CA ILE A 383 11.18 38.48 -12.53
C ILE A 383 10.95 37.27 -13.45
N VAL A 384 10.99 36.06 -12.89
CA VAL A 384 10.60 34.90 -13.70
C VAL A 384 9.20 35.11 -14.26
N LEU A 385 8.28 35.56 -13.40
CA LEU A 385 6.88 35.67 -13.80
C LEU A 385 6.67 36.78 -14.83
N SER A 386 7.53 37.81 -14.84
CA SER A 386 7.42 38.89 -15.83
C SER A 386 7.66 38.39 -17.25
N GLN A 387 8.41 37.30 -17.41
CA GLN A 387 8.63 36.64 -18.69
C GLN A 387 7.35 35.93 -19.13
N ALA A 388 6.55 36.61 -19.96
CA ALA A 388 5.25 36.10 -20.37
C ALA A 388 5.35 34.68 -20.91
N SER A 389 6.46 34.32 -21.56
CA SER A 389 6.52 32.99 -22.17
C SER A 389 6.68 31.90 -21.13
N VAL A 390 7.30 32.23 -19.99
CA VAL A 390 7.34 31.31 -18.86
C VAL A 390 6.08 31.44 -18.01
N ASP A 391 5.54 32.65 -17.87
CA ASP A 391 4.30 32.83 -17.14
C ASP A 391 3.14 32.06 -17.77
N ARG A 392 3.22 31.76 -19.07
CA ARG A 392 2.21 30.91 -19.69
C ARG A 392 2.05 29.61 -18.90
N TYR A 393 3.16 29.05 -18.39
CA TYR A 393 3.08 27.83 -17.60
C TYR A 393 2.68 28.13 -16.16
N TYR A 394 3.30 29.15 -15.55
CA TYR A 394 3.14 29.44 -14.13
C TYR A 394 1.86 30.17 -13.78
N HIS A 395 1.26 30.92 -14.71
CA HIS A 395 0.11 31.74 -14.35
C HIS A 395 -1.00 30.90 -13.75
N ASP A 396 -1.62 31.43 -12.69
CA ASP A 396 -2.69 30.72 -11.97
C ASP A 396 -2.24 29.34 -11.48
N THR A 397 -0.96 29.20 -11.10
CA THR A 397 -0.44 28.04 -10.37
C THR A 397 0.14 28.48 -9.04
N TYR A 398 0.50 27.50 -8.20
CA TYR A 398 1.11 27.79 -6.92
C TYR A 398 2.51 28.39 -7.02
N TYR A 399 3.12 28.43 -8.21
CA TYR A 399 4.37 29.19 -8.31
C TYR A 399 4.14 30.68 -8.06
N VAL A 400 3.01 31.20 -8.56
CA VAL A 400 2.65 32.59 -8.27
C VAL A 400 2.41 32.77 -6.78
N VAL A 401 1.71 31.81 -6.15
CA VAL A 401 1.43 31.87 -4.73
C VAL A 401 2.72 31.91 -3.94
N ALA A 402 3.71 31.12 -4.37
CA ALA A 402 5.01 31.12 -3.70
C ALA A 402 5.68 32.48 -3.84
N HIS A 403 5.68 33.03 -5.05
CA HIS A 403 6.24 34.36 -5.29
C HIS A 403 5.67 35.37 -4.31
N PHE A 404 4.33 35.49 -4.24
CA PHE A 404 3.80 36.63 -3.51
C PHE A 404 3.77 36.41 -2.02
N HIS A 405 3.85 35.16 -1.55
CA HIS A 405 4.04 35.01 -0.10
C HIS A 405 5.47 35.31 0.33
N TYR A 406 6.46 35.07 -0.54
CA TYR A 406 7.82 35.44 -0.16
C TYR A 406 7.96 36.96 -0.03
N VAL A 407 7.42 37.73 -0.98
CA VAL A 407 7.56 39.19 -0.87
C VAL A 407 6.64 39.76 0.19
N MET A 408 5.46 39.16 0.45
CA MET A 408 4.52 39.70 1.44
C MET A 408 4.68 39.06 2.82
N SER A 409 4.56 37.74 2.90
CA SER A 409 4.60 37.09 4.21
C SER A 409 6.02 36.90 4.71
N LEU A 410 7.01 36.79 3.82
CA LEU A 410 8.40 36.68 4.24
C LEU A 410 9.14 37.99 4.03
N GLY A 411 8.44 39.02 3.56
CA GLY A 411 9.07 40.27 3.23
C GLY A 411 8.39 41.40 3.96
N ALA A 412 7.28 41.93 3.42
CA ALA A 412 6.62 43.03 4.11
C ALA A 412 6.30 42.69 5.57
N VAL A 413 5.90 41.43 5.84
CA VAL A 413 5.58 41.03 7.20
C VAL A 413 6.84 41.00 8.08
N PHE A 414 7.98 40.59 7.51
CA PHE A 414 9.22 40.70 8.26
C PHE A 414 9.53 42.15 8.60
N GLY A 415 9.17 43.09 7.72
CA GLY A 415 9.30 44.51 8.05
C GLY A 415 8.41 44.93 9.21
N ILE A 416 7.17 44.45 9.24
CA ILE A 416 6.26 44.71 10.35
C ILE A 416 6.87 44.22 11.67
N PHE A 417 7.39 43.00 11.67
CA PHE A 417 7.97 42.46 12.90
C PHE A 417 9.24 43.23 13.28
N ALA A 418 10.06 43.59 12.28
CA ALA A 418 11.22 44.44 12.56
C ALA A 418 10.77 45.72 13.25
N GLY A 419 9.70 46.34 12.75
CA GLY A 419 9.21 47.57 13.35
C GLY A 419 8.69 47.39 14.76
N ILE A 420 7.95 46.29 15.00
CA ILE A 420 7.37 46.08 16.33
C ILE A 420 8.47 45.90 17.36
N TYR A 421 9.45 45.05 17.06
CA TYR A 421 10.53 44.83 18.02
C TYR A 421 11.43 46.06 18.13
N PHE A 422 11.64 46.78 17.01
CA PHE A 422 12.42 48.02 17.03
C PHE A 422 11.80 49.06 17.98
N TRP A 423 10.47 49.14 17.99
CA TRP A 423 9.80 50.31 18.50
C TRP A 423 8.87 50.05 19.68
N ILE A 424 8.65 48.79 20.07
CA ILE A 424 7.67 48.54 21.14
C ILE A 424 8.12 49.17 22.45
N GLY A 425 9.43 49.17 22.72
CA GLY A 425 9.92 49.89 23.89
C GLY A 425 9.59 51.37 23.82
N LYS A 426 9.81 51.98 22.66
CA LYS A 426 9.52 53.39 22.47
C LYS A 426 8.03 53.70 22.60
N MET A 427 7.17 52.80 22.11
CA MET A 427 5.74 53.09 22.12
C MET A 427 5.11 52.82 23.48
N SER A 428 5.62 51.81 24.20
CA SER A 428 4.94 51.34 25.41
C SER A 428 5.65 51.67 26.71
N GLY A 429 6.95 51.96 26.68
CA GLY A 429 7.71 52.04 27.92
C GLY A 429 8.12 50.70 28.48
N ARG A 430 7.85 49.60 27.78
CA ARG A 430 8.25 48.28 28.22
C ARG A 430 9.00 47.56 27.12
N GLN A 431 9.98 46.76 27.51
CA GLN A 431 10.86 46.12 26.56
C GLN A 431 10.50 44.65 26.40
N TYR A 432 10.66 44.13 25.17
CA TYR A 432 10.38 42.74 24.94
C TYR A 432 11.54 41.89 25.47
N PRO A 433 11.27 40.65 25.90
CA PRO A 433 12.35 39.75 26.32
C PRO A 433 13.13 39.22 25.12
N GLU A 434 14.45 39.46 25.13
CA GLU A 434 15.26 39.27 23.93
C GLU A 434 15.27 37.82 23.44
N TRP A 435 15.39 36.85 24.36
CA TRP A 435 15.40 35.45 23.93
C TRP A 435 14.11 35.07 23.21
N ALA A 436 12.97 35.64 23.64
CA ALA A 436 11.68 35.27 23.04
C ALA A 436 11.55 35.89 21.65
N GLY A 437 12.04 37.13 21.49
CA GLY A 437 12.10 37.73 20.17
C GLY A 437 12.84 36.87 19.18
N LYS A 438 14.00 36.34 19.59
CA LYS A 438 14.83 35.53 18.73
C LYS A 438 14.18 34.19 18.42
N LEU A 439 13.56 33.56 19.44
CA LEU A 439 12.83 32.32 19.21
C LEU A 439 11.66 32.55 18.25
N HIS A 440 10.92 33.63 18.45
CA HIS A 440 9.87 33.97 17.49
C HIS A 440 10.44 34.05 16.07
N PHE A 441 11.56 34.78 15.93
CA PHE A 441 12.18 34.92 14.62
C PHE A 441 12.48 33.56 14.00
N TRP A 442 13.15 32.67 14.73
CA TRP A 442 13.61 31.43 14.11
C TRP A 442 12.44 30.49 13.81
N MET A 443 11.45 30.44 14.69
CA MET A 443 10.25 29.64 14.42
C MET A 443 9.54 30.14 13.16
N MET A 444 9.37 31.45 13.04
CA MET A 444 8.75 32.01 11.84
C MET A 444 9.61 31.75 10.61
N PHE A 445 10.92 31.93 10.73
CA PHE A 445 11.82 31.77 9.59
C PHE A 445 11.78 30.33 9.09
N VAL A 446 11.82 29.37 10.01
CA VAL A 446 11.75 27.96 9.60
C VAL A 446 10.35 27.64 9.07
N GLY A 447 9.31 28.03 9.81
CA GLY A 447 7.94 27.67 9.42
C GLY A 447 7.53 28.29 8.09
N ALA A 448 7.82 29.58 7.92
CA ALA A 448 7.35 30.27 6.71
C ALA A 448 8.08 29.76 5.47
N ASN A 449 9.37 29.42 5.58
CA ASN A 449 10.05 28.83 4.43
C ASN A 449 9.54 27.42 4.14
N LEU A 450 9.27 26.64 5.17
CA LEU A 450 8.65 25.32 4.94
C LEU A 450 7.26 25.45 4.31
N THR A 451 6.52 26.52 4.64
CA THR A 451 5.19 26.70 4.08
C THR A 451 5.25 26.98 2.59
N PHE A 452 6.08 27.94 2.19
CA PHE A 452 5.97 28.52 0.87
C PHE A 452 7.04 28.06 -0.11
N PHE A 453 8.25 27.70 0.34
CA PHE A 453 9.21 27.23 -0.66
C PHE A 453 8.72 26.00 -1.42
N PRO A 454 8.09 25.00 -0.81
CA PRO A 454 7.59 23.85 -1.61
C PRO A 454 6.47 24.22 -2.57
N GLN A 455 5.83 25.37 -2.40
CA GLN A 455 4.79 25.76 -3.35
C GLN A 455 5.37 26.07 -4.72
N HIS A 456 6.65 26.45 -4.81
CA HIS A 456 7.31 26.52 -6.13
C HIS A 456 7.26 25.17 -6.83
N PHE A 457 7.55 24.09 -6.10
CA PHE A 457 7.53 22.75 -6.69
C PHE A 457 6.13 22.40 -7.17
N LEU A 458 5.12 22.67 -6.34
CA LEU A 458 3.73 22.41 -6.73
C LEU A 458 3.36 23.18 -7.98
N GLY A 459 3.75 24.46 -8.05
CA GLY A 459 3.48 25.25 -9.25
C GLY A 459 4.21 24.71 -10.48
N ARG A 460 5.50 24.38 -10.32
CA ARG A 460 6.23 23.78 -11.44
C ARG A 460 5.59 22.46 -11.89
N GLN A 461 4.98 21.72 -10.97
CA GLN A 461 4.27 20.50 -11.33
C GLN A 461 2.84 20.78 -11.82
N GLY A 462 2.42 22.05 -11.86
CA GLY A 462 1.17 22.41 -12.49
C GLY A 462 -0.04 22.49 -11.58
N MET A 463 0.15 22.60 -10.27
CA MET A 463 -0.99 22.70 -9.36
C MET A 463 -1.66 24.06 -9.46
N PRO A 464 -2.94 24.14 -9.83
CA PRO A 464 -3.59 25.46 -9.98
C PRO A 464 -3.88 26.14 -8.66
N ARG A 465 -4.07 27.45 -8.76
CA ARG A 465 -4.59 28.26 -7.66
C ARG A 465 -6.08 27.98 -7.44
N ARG A 466 -6.51 28.18 -6.19
CA ARG A 466 -7.92 28.30 -5.82
C ARG A 466 -8.64 26.95 -5.88
N TYR A 467 -7.93 25.87 -5.53
CA TYR A 467 -8.43 24.50 -5.55
C TYR A 467 -8.61 23.96 -4.13
N ILE A 468 -9.81 23.46 -3.84
CA ILE A 468 -10.08 22.79 -2.56
C ILE A 468 -9.40 21.42 -2.50
N ASP A 469 -9.15 20.81 -3.65
CA ASP A 469 -8.64 19.44 -3.69
C ASP A 469 -7.72 19.32 -4.89
N TYR A 470 -6.84 18.30 -4.84
CA TYR A 470 -5.78 18.19 -5.83
C TYR A 470 -5.44 16.74 -6.11
N PRO A 471 -4.92 16.45 -7.31
CA PRO A 471 -4.48 15.09 -7.64
C PRO A 471 -3.42 14.56 -6.68
N GLU A 472 -3.43 13.23 -6.53
CA GLU A 472 -2.65 12.55 -5.52
C GLU A 472 -1.16 12.87 -5.62
N ALA A 473 -0.64 13.08 -6.83
CA ALA A 473 0.79 13.36 -7.00
C ALA A 473 1.25 14.66 -6.32
N PHE A 474 0.34 15.57 -6.00
CA PHE A 474 0.73 16.80 -5.32
C PHE A 474 0.80 16.65 -3.79
N ALA A 475 0.60 15.44 -3.24
CA ALA A 475 0.40 15.27 -1.79
C ALA A 475 1.65 15.61 -0.96
N THR A 476 2.84 15.19 -1.42
CA THR A 476 4.06 15.33 -0.62
C THR A 476 4.35 16.78 -0.26
N TRP A 477 4.44 17.66 -1.26
CA TRP A 477 4.80 19.04 -0.94
C TRP A 477 3.64 19.82 -0.33
N ASN A 478 2.38 19.41 -0.59
CA ASN A 478 1.27 20.02 0.13
C ASN A 478 1.31 19.66 1.62
N PHE A 479 1.74 18.43 1.93
CA PHE A 479 1.84 18.01 3.32
C PHE A 479 2.94 18.81 4.04
N VAL A 480 4.11 18.94 3.40
CA VAL A 480 5.19 19.74 3.96
C VAL A 480 4.76 21.18 4.15
N SER A 481 4.08 21.76 3.14
CA SER A 481 3.68 23.16 3.22
C SER A 481 2.69 23.37 4.35
N SER A 482 1.78 22.41 4.57
CA SER A 482 0.82 22.53 5.65
C SER A 482 1.50 22.43 7.01
N LEU A 483 2.50 21.53 7.14
CA LEU A 483 3.28 21.48 8.37
C LEU A 483 3.96 22.82 8.64
N GLY A 484 4.56 23.42 7.60
CA GLY A 484 5.16 24.74 7.78
C GLY A 484 4.16 25.76 8.28
N ALA A 485 2.94 25.73 7.73
CA ALA A 485 1.92 26.69 8.14
C ALA A 485 1.54 26.49 9.59
N PHE A 486 1.50 25.23 10.06
CA PHE A 486 1.14 25.00 11.45
C PHE A 486 2.25 25.48 12.39
N LEU A 487 3.51 25.23 12.03
CA LEU A 487 4.64 25.79 12.79
C LEU A 487 4.61 27.32 12.80
N SER A 488 4.30 27.93 11.65
CA SER A 488 4.25 29.38 11.58
C SER A 488 3.13 29.93 12.45
N PHE A 489 2.01 29.22 12.50
CA PHE A 489 0.92 29.65 13.36
C PHE A 489 1.32 29.59 14.84
N ALA A 490 2.01 28.54 15.23
CA ALA A 490 2.54 28.47 16.60
C ALA A 490 3.48 29.65 16.87
N SER A 491 4.39 29.94 15.92
CA SER A 491 5.24 31.13 16.01
C SER A 491 4.41 32.40 16.25
N PHE A 492 3.27 32.52 15.57
CA PHE A 492 2.48 33.73 15.70
C PHE A 492 1.75 33.79 17.04
N LEU A 493 1.22 32.65 17.50
CA LEU A 493 0.64 32.61 18.84
C LEU A 493 1.68 32.90 19.91
N PHE A 494 2.88 32.33 19.76
CA PHE A 494 4.00 32.68 20.62
C PHE A 494 4.25 34.19 20.62
N PHE A 495 4.35 34.78 19.42
CA PHE A 495 4.52 36.23 19.30
C PHE A 495 3.45 37.01 20.06
N LEU A 496 2.17 36.59 19.93
CA LEU A 496 1.12 37.28 20.67
C LEU A 496 1.32 37.15 22.18
N GLY A 497 1.81 35.99 22.65
CA GLY A 497 2.19 35.86 24.04
C GLY A 497 3.34 36.80 24.41
N VAL A 498 4.32 36.93 23.52
CA VAL A 498 5.45 37.86 23.75
C VAL A 498 4.94 39.29 23.89
N ILE A 499 3.97 39.68 23.04
CA ILE A 499 3.41 41.03 23.12
C ILE A 499 2.62 41.19 24.41
N PHE A 500 1.81 40.19 24.75
CA PHE A 500 1.06 40.28 26.01
C PHE A 500 2.01 40.39 27.20
N TYR A 501 3.00 39.50 27.26
CA TYR A 501 4.00 39.58 28.32
C TYR A 501 4.68 40.94 28.34
N THR A 502 5.11 41.43 27.17
CA THR A 502 5.84 42.70 27.11
C THR A 502 5.00 43.84 27.67
N LEU A 503 3.76 43.96 27.23
CA LEU A 503 2.96 45.12 27.59
C LEU A 503 2.45 45.04 29.03
N THR A 504 2.42 43.86 29.64
CA THR A 504 1.92 43.73 31.00
C THR A 504 3.05 43.63 32.03
N ARG A 505 4.15 42.94 31.72
CA ARG A 505 5.23 42.81 32.70
C ARG A 505 6.62 42.87 32.08
N GLY A 506 6.77 43.42 30.88
CA GLY A 506 8.09 43.52 30.28
C GLY A 506 8.98 44.45 31.09
N ALA A 507 10.30 44.24 30.96
CA ALA A 507 11.26 45.11 31.65
C ALA A 507 11.00 46.57 31.34
N ARG A 508 11.00 47.40 32.38
CA ARG A 508 10.74 48.83 32.20
C ARG A 508 11.85 49.46 31.38
N VAL A 509 11.46 50.30 30.42
CA VAL A 509 12.41 51.06 29.62
C VAL A 509 12.79 52.30 30.41
N THR A 510 14.09 52.58 30.51
CA THR A 510 14.54 53.78 31.22
C THR A 510 15.12 54.83 30.30
N ALA A 511 15.61 54.46 29.13
CA ALA A 511 16.31 55.40 28.27
C ALA A 511 15.40 55.95 27.17
N ASN A 512 15.64 57.21 26.81
CA ASN A 512 15.03 57.77 25.62
C ASN A 512 15.44 56.95 24.39
N ASN A 513 16.72 56.62 24.30
CA ASN A 513 17.29 55.83 23.23
C ASN A 513 17.88 54.59 23.89
N TYR A 514 17.14 53.49 23.88
CA TYR A 514 17.60 52.25 24.47
C TYR A 514 18.38 51.38 23.49
N TRP A 515 18.68 51.90 22.30
CA TRP A 515 19.48 51.13 21.35
C TRP A 515 20.93 51.61 21.34
N ASN A 516 21.25 52.64 20.55
CA ASN A 516 22.59 53.22 20.45
C ASN A 516 22.48 54.47 19.60
N GLU A 517 23.56 55.27 19.56
CA GLU A 517 23.48 56.60 18.95
C GLU A 517 23.19 56.56 17.46
N HIS A 518 23.42 55.42 16.81
CA HIS A 518 23.10 55.31 15.39
C HIS A 518 21.61 55.13 15.13
N ALA A 519 20.80 54.95 16.16
CA ALA A 519 19.37 55.26 16.07
C ALA A 519 19.27 56.76 16.25
N ASP A 520 19.38 57.51 15.13
CA ASP A 520 19.70 58.93 15.21
C ASP A 520 18.55 59.83 14.79
N THR A 521 17.33 59.30 14.71
CA THR A 521 16.16 60.08 14.33
C THR A 521 15.44 60.56 15.59
N LEU A 522 14.46 61.44 15.37
CA LEU A 522 13.99 62.28 16.47
C LEU A 522 13.23 61.51 17.55
N GLU A 523 12.61 60.36 17.23
CA GLU A 523 11.85 59.69 18.27
C GLU A 523 12.76 59.21 19.40
N TRP A 524 14.04 58.99 19.10
CA TRP A 524 15.00 58.52 20.08
C TRP A 524 15.52 59.64 20.97
N THR A 525 15.18 60.90 20.69
CA THR A 525 15.44 62.02 21.58
C THR A 525 14.29 62.27 22.56
N LEU A 526 13.15 61.62 22.37
CA LEU A 526 12.01 61.79 23.26
C LEU A 526 11.99 60.69 24.31
N THR A 527 11.12 60.86 25.30
CA THR A 527 10.96 59.84 26.32
C THR A 527 10.35 58.56 25.71
N SER A 528 10.40 57.48 26.48
CA SER A 528 9.79 56.21 26.11
C SER A 528 8.76 55.82 27.16
N PRO A 529 7.46 56.04 26.91
CA PRO A 529 6.83 56.59 25.70
C PRO A 529 6.99 58.10 25.53
N PRO A 530 6.80 58.61 24.32
CA PRO A 530 6.93 60.06 24.08
C PRO A 530 5.88 60.84 24.85
N PRO A 531 6.08 62.15 25.04
CA PRO A 531 5.09 62.94 25.77
C PRO A 531 3.78 63.03 25.01
N GLU A 532 2.71 63.31 25.78
CA GLU A 532 1.34 63.35 25.25
C GLU A 532 1.25 64.18 23.98
N HIS A 533 1.86 65.36 23.96
CA HIS A 533 1.81 66.19 22.75
C HIS A 533 2.96 65.85 21.79
N THR A 534 3.15 64.54 21.63
CA THR A 534 4.10 63.85 20.75
C THR A 534 5.46 64.53 20.65
N LEU B 2 -1.94 3.82 -24.54
CA LEU B 2 -1.29 5.12 -24.47
C LEU B 2 -0.64 5.32 -23.11
N GLU B 3 0.58 5.83 -23.14
CA GLU B 3 1.32 6.11 -21.91
C GLU B 3 0.87 7.45 -21.32
N ILE B 4 0.69 7.47 -20.01
CA ILE B 4 0.31 8.71 -19.32
C ILE B 4 1.58 9.53 -19.10
N ILE B 5 1.69 10.64 -19.83
CA ILE B 5 2.90 11.45 -19.85
C ILE B 5 2.69 12.82 -19.19
N GLY B 6 1.65 13.54 -19.59
CA GLY B 6 1.40 14.86 -19.05
C GLY B 6 0.62 14.82 -17.76
N ARG B 7 1.32 14.62 -16.65
CA ARG B 7 0.67 14.53 -15.35
C ARG B 7 1.69 14.90 -14.29
N PRO B 8 1.26 15.39 -13.12
CA PRO B 8 2.21 15.57 -12.03
C PRO B 8 2.66 14.22 -11.49
N GLN B 9 3.89 14.18 -10.98
CA GLN B 9 4.44 12.96 -10.39
C GLN B 9 4.72 13.15 -8.90
N PRO B 10 4.61 12.08 -8.11
CA PRO B 10 4.75 12.21 -6.65
C PRO B 10 6.07 12.85 -6.26
N GLY B 11 6.00 13.84 -5.37
CA GLY B 11 7.18 14.57 -4.92
C GLY B 11 7.89 15.39 -5.98
N GLY B 12 7.27 15.62 -7.13
CA GLY B 12 7.97 16.31 -8.21
C GLY B 12 8.35 17.73 -7.84
N THR B 13 9.51 18.15 -8.36
CA THR B 13 10.02 19.50 -8.17
C THR B 13 10.24 20.24 -9.47
N GLY B 14 10.23 19.55 -10.61
CA GLY B 14 10.43 20.16 -11.90
C GLY B 14 9.13 20.28 -12.70
N PHE B 15 9.28 20.75 -13.94
CA PHE B 15 8.14 20.82 -14.84
C PHE B 15 7.62 19.42 -15.14
N GLN B 16 6.36 19.38 -15.61
CA GLN B 16 5.85 18.18 -16.24
C GLN B 16 6.66 17.91 -17.52
N PRO B 17 6.73 16.66 -18.00
CA PRO B 17 7.51 16.38 -19.20
C PRO B 17 7.05 17.25 -20.37
N SER B 18 8.01 17.59 -21.24
CA SER B 18 7.70 18.30 -22.47
C SER B 18 7.19 17.34 -23.53
N ALA B 19 6.13 17.75 -24.24
CA ALA B 19 5.65 16.99 -25.39
C ALA B 19 5.42 17.90 -26.59
N SER B 20 5.97 19.11 -26.56
CA SER B 20 5.81 20.04 -27.66
C SER B 20 7.09 20.88 -27.78
N PRO B 21 7.36 21.46 -28.95
CA PRO B 21 8.51 22.37 -29.06
C PRO B 21 8.36 23.60 -28.18
N VAL B 22 7.14 24.08 -27.97
CA VAL B 22 6.92 25.24 -27.11
C VAL B 22 7.23 24.90 -25.65
N ALA B 23 6.79 23.72 -25.19
CA ALA B 23 7.11 23.31 -23.83
C ALA B 23 8.62 23.18 -23.61
N THR B 24 9.33 22.63 -24.61
CA THR B 24 10.79 22.51 -24.51
C THR B 24 11.44 23.87 -24.36
N GLN B 25 10.99 24.87 -25.12
CA GLN B 25 11.53 26.22 -25.00
C GLN B 25 11.27 26.81 -23.60
N ILE B 26 10.09 26.57 -23.05
CA ILE B 26 9.81 27.02 -21.69
C ILE B 26 10.79 26.39 -20.70
N HIS B 27 11.04 25.08 -20.85
CA HIS B 27 11.97 24.41 -19.95
C HIS B 27 13.37 25.01 -20.06
N TRP B 28 13.81 25.32 -21.28
CA TRP B 28 15.14 25.91 -21.47
C TRP B 28 15.20 27.33 -20.91
N LEU B 29 14.23 28.16 -21.27
CA LEU B 29 14.21 29.54 -20.80
C LEU B 29 14.15 29.61 -19.27
N ASP B 30 13.26 28.82 -18.67
CA ASP B 30 13.16 28.79 -17.21
C ASP B 30 14.46 28.30 -16.57
N GLY B 31 15.03 27.22 -17.11
CA GLY B 31 16.28 26.71 -16.54
C GLY B 31 17.41 27.72 -16.60
N PHE B 32 17.54 28.40 -17.73
CA PHE B 32 18.49 29.50 -17.89
C PHE B 32 18.26 30.57 -16.84
N ILE B 33 17.02 31.05 -16.71
CA ILE B 33 16.73 32.10 -15.72
C ILE B 33 16.95 31.56 -14.32
N LEU B 34 16.62 30.30 -14.08
CA LEU B 34 16.78 29.73 -12.74
C LEU B 34 18.26 29.72 -12.32
N VAL B 35 19.17 29.44 -13.23
CA VAL B 35 20.59 29.49 -12.86
C VAL B 35 21.00 30.91 -12.50
N ILE B 36 20.55 31.89 -13.29
CA ILE B 36 20.84 33.30 -13.01
C ILE B 36 20.32 33.70 -11.63
N ILE B 37 19.01 33.52 -11.39
CA ILE B 37 18.44 34.02 -10.13
C ILE B 37 18.95 33.20 -8.94
N ALA B 38 19.30 31.94 -9.15
CA ALA B 38 19.94 31.19 -8.06
C ALA B 38 21.33 31.74 -7.76
N ALA B 39 22.10 32.08 -8.80
CA ALA B 39 23.39 32.73 -8.60
C ALA B 39 23.24 34.06 -7.86
N ILE B 40 22.32 34.91 -8.33
CA ILE B 40 22.07 36.20 -7.67
C ILE B 40 21.70 35.99 -6.21
N THR B 41 20.78 35.05 -5.95
CA THR B 41 20.29 34.82 -4.59
C THR B 41 21.37 34.25 -3.69
N ILE B 42 22.13 33.26 -4.18
CA ILE B 42 23.24 32.74 -3.40
C ILE B 42 24.26 33.84 -3.14
N PHE B 43 24.53 34.67 -4.14
CA PHE B 43 25.48 35.77 -4.00
C PHE B 43 25.03 36.76 -2.92
N VAL B 44 23.76 37.18 -2.98
CA VAL B 44 23.21 38.08 -1.97
C VAL B 44 23.28 37.45 -0.60
N THR B 45 22.92 36.16 -0.50
CA THR B 45 22.88 35.47 0.78
C THR B 45 24.29 35.33 1.38
N LEU B 46 25.27 34.94 0.55
CA LEU B 46 26.64 34.82 1.01
C LEU B 46 27.21 36.15 1.46
N LEU B 47 26.88 37.24 0.74
CA LEU B 47 27.34 38.56 1.13
C LEU B 47 26.82 38.94 2.51
N ILE B 48 25.54 38.65 2.78
CA ILE B 48 24.96 38.98 4.08
C ILE B 48 25.61 38.17 5.18
N LEU B 49 25.74 36.86 4.98
CA LEU B 49 26.31 35.99 6.00
C LEU B 49 27.78 36.32 6.24
N TYR B 50 28.54 36.59 5.16
CA TYR B 50 29.92 37.02 5.34
C TYR B 50 29.99 38.33 6.12
N ALA B 51 29.15 39.30 5.77
CA ALA B 51 29.17 40.58 6.45
C ALA B 51 28.85 40.44 7.93
N VAL B 52 27.87 39.59 8.25
CA VAL B 52 27.52 39.36 9.65
C VAL B 52 28.69 38.72 10.40
N TRP B 53 29.35 37.74 9.78
CA TRP B 53 30.49 37.11 10.43
C TRP B 53 31.66 38.08 10.52
N ARG B 54 32.02 38.71 9.41
CA ARG B 54 33.21 39.56 9.36
C ARG B 54 33.05 40.82 10.20
N PHE B 55 31.83 41.38 10.28
CA PHE B 55 31.64 42.66 10.96
C PHE B 55 30.74 42.56 12.18
N HIS B 56 30.58 41.36 12.75
CA HIS B 56 29.94 41.22 14.05
C HIS B 56 30.63 42.13 15.06
N GLU B 57 29.84 42.69 15.99
CA GLU B 57 30.35 43.73 16.88
C GLU B 57 31.53 43.24 17.72
N LYS B 58 31.57 41.95 18.06
CA LYS B 58 32.70 41.43 18.83
C LYS B 58 33.96 41.30 17.99
N ARG B 59 33.83 41.19 16.67
CA ARG B 59 34.99 41.08 15.79
C ARG B 59 35.43 42.41 15.20
N ASN B 60 34.51 43.35 15.00
CA ASN B 60 34.82 44.68 14.46
C ASN B 60 34.17 45.69 15.40
N LYS B 61 34.95 46.18 16.37
CA LYS B 61 34.38 46.97 17.46
C LYS B 61 34.14 48.43 17.10
N VAL B 62 34.83 48.96 16.11
CA VAL B 62 34.63 50.35 15.74
C VAL B 62 34.09 50.39 14.31
N PRO B 63 32.85 50.83 14.10
CA PRO B 63 32.28 50.82 12.75
C PRO B 63 32.89 51.90 11.87
N ALA B 64 32.96 51.60 10.57
CA ALA B 64 33.30 52.63 9.61
C ALA B 64 32.10 53.56 9.42
N ARG B 65 32.30 54.60 8.60
CA ARG B 65 31.28 55.63 8.43
C ARG B 65 31.06 56.00 6.97
N PHE B 66 31.59 55.23 6.02
CA PHE B 66 31.40 55.56 4.62
C PHE B 66 29.95 55.36 4.21
N THR B 67 29.49 56.18 3.25
CA THR B 67 28.15 56.07 2.71
C THR B 67 28.14 56.12 1.18
N HIS B 68 29.30 56.06 0.52
CA HIS B 68 29.36 56.05 -0.93
C HIS B 68 30.49 55.15 -1.39
N ASN B 69 30.43 54.78 -2.67
CA ASN B 69 31.49 54.06 -3.37
C ASN B 69 31.15 54.04 -4.86
N SER B 70 31.48 55.13 -5.55
CA SER B 70 31.03 55.35 -6.93
C SER B 70 31.28 54.20 -7.88
N PRO B 71 32.49 53.60 -7.96
CA PRO B 71 32.65 52.45 -8.87
C PRO B 71 31.72 51.29 -8.57
N LEU B 72 31.50 50.99 -7.29
CA LEU B 72 30.63 49.87 -6.93
C LEU B 72 29.18 50.16 -7.26
N GLU B 73 28.74 51.40 -7.04
CA GLU B 73 27.35 51.75 -7.34
C GLU B 73 27.06 51.80 -8.81
N ILE B 74 28.02 52.21 -9.64
CA ILE B 74 27.85 52.13 -11.07
C ILE B 74 27.78 50.67 -11.50
N ALA B 75 28.68 49.84 -10.96
CA ALA B 75 28.70 48.42 -11.29
C ALA B 75 27.39 47.74 -10.89
N TRP B 76 26.85 48.07 -9.73
CA TRP B 76 25.66 47.32 -9.32
C TRP B 76 24.37 47.91 -9.88
N THR B 77 24.47 48.94 -10.72
CA THR B 77 23.35 49.35 -11.56
C THR B 77 23.47 48.79 -12.97
N ILE B 78 24.69 48.77 -13.53
CA ILE B 78 24.89 48.36 -14.92
C ILE B 78 24.77 46.85 -15.07
N VAL B 79 25.38 46.09 -14.15
CA VAL B 79 25.32 44.63 -14.25
C VAL B 79 23.91 44.11 -14.19
N PRO B 80 23.02 44.57 -13.29
CA PRO B 80 21.61 44.12 -13.37
C PRO B 80 20.97 44.43 -14.70
N ILE B 81 21.15 45.66 -15.22
CA ILE B 81 20.60 46.02 -16.53
C ILE B 81 21.11 45.06 -17.60
N VAL B 82 22.40 44.73 -17.55
CA VAL B 82 22.97 43.84 -18.54
C VAL B 82 22.35 42.45 -18.42
N ILE B 83 22.21 41.96 -17.19
CA ILE B 83 21.61 40.64 -16.96
C ILE B 83 20.18 40.62 -17.48
N LEU B 84 19.41 41.68 -17.21
CA LEU B 84 18.02 41.72 -17.66
C LEU B 84 17.95 41.76 -19.20
N VAL B 85 18.84 42.54 -19.83
CA VAL B 85 18.84 42.59 -21.30
C VAL B 85 19.18 41.22 -21.87
N ALA B 86 20.11 40.51 -21.25
CA ALA B 86 20.43 39.15 -21.68
C ALA B 86 19.23 38.23 -21.58
N ILE B 87 18.48 38.31 -20.46
CA ILE B 87 17.29 37.49 -20.31
C ILE B 87 16.26 37.86 -21.39
N GLY B 88 15.94 39.14 -21.49
CA GLY B 88 14.98 39.59 -22.49
C GLY B 88 15.37 39.22 -23.90
N ALA B 89 16.67 39.21 -24.20
CA ALA B 89 17.14 38.85 -25.53
C ALA B 89 16.79 37.39 -25.86
N PHE B 90 16.89 36.49 -24.88
CA PHE B 90 16.52 35.11 -25.11
C PHE B 90 15.02 34.87 -24.96
N SER B 91 14.32 35.74 -24.24
CA SER B 91 12.94 35.41 -23.87
C SER B 91 11.91 35.99 -24.82
N LEU B 92 12.19 37.15 -25.42
CA LEU B 92 11.31 37.68 -26.47
C LEU B 92 11.18 36.74 -27.68
N PRO B 93 12.24 36.10 -28.19
CA PRO B 93 12.04 35.12 -29.27
C PRO B 93 11.11 33.98 -28.88
N VAL B 94 11.28 33.41 -27.69
CA VAL B 94 10.37 32.35 -27.24
C VAL B 94 8.94 32.86 -27.22
N LEU B 95 8.74 34.09 -26.72
CA LEU B 95 7.39 34.66 -26.64
C LEU B 95 6.75 34.76 -28.02
N PHE B 96 7.51 35.23 -29.01
CA PHE B 96 6.97 35.39 -30.35
C PHE B 96 6.61 34.04 -30.96
N ASN B 97 7.51 33.06 -30.84
CA ASN B 97 7.19 31.71 -31.31
C ASN B 97 5.92 31.18 -30.66
N GLN B 98 5.72 31.51 -29.38
CA GLN B 98 4.55 31.05 -28.63
C GLN B 98 3.26 31.64 -29.18
N GLN B 99 3.25 32.94 -29.45
CA GLN B 99 2.01 33.67 -29.65
C GLN B 99 1.67 33.88 -31.12
N GLU B 100 2.58 33.58 -32.03
CA GLU B 100 2.30 33.67 -33.47
C GLU B 100 1.69 32.35 -33.92
N ILE B 101 0.42 32.40 -34.32
CA ILE B 101 -0.35 31.21 -34.61
C ILE B 101 0.00 30.70 -36.01
N PRO B 102 0.58 29.50 -36.14
CA PRO B 102 0.88 28.95 -37.45
C PRO B 102 -0.41 28.46 -38.12
N GLU B 103 -0.26 27.96 -39.35
CA GLU B 103 -1.39 27.39 -40.07
C GLU B 103 -1.77 26.05 -39.45
N ALA B 104 -3.07 25.85 -39.25
CA ALA B 104 -3.54 24.67 -38.52
C ALA B 104 -3.54 23.42 -39.41
N ASP B 105 -3.05 22.31 -38.87
CA ASP B 105 -3.40 21.01 -39.42
C ASP B 105 -4.76 20.54 -38.90
N VAL B 106 -5.02 20.78 -37.62
CA VAL B 106 -6.25 20.38 -36.95
C VAL B 106 -6.75 21.60 -36.17
N THR B 107 -8.05 21.86 -36.24
CA THR B 107 -8.66 22.97 -35.53
C THR B 107 -9.72 22.42 -34.58
N VAL B 108 -9.61 22.78 -33.29
CA VAL B 108 -10.59 22.43 -32.27
C VAL B 108 -11.06 23.72 -31.63
N LYS B 109 -12.37 23.86 -31.47
CA LYS B 109 -12.94 24.98 -30.76
C LYS B 109 -13.41 24.49 -29.40
N VAL B 110 -12.88 25.12 -28.35
CA VAL B 110 -13.13 24.71 -26.97
C VAL B 110 -13.94 25.79 -26.26
N THR B 111 -14.99 25.37 -25.56
CA THR B 111 -15.83 26.27 -24.78
C THR B 111 -15.80 25.81 -23.32
N GLY B 112 -15.43 26.72 -22.43
CA GLY B 112 -15.52 26.45 -21.01
C GLY B 112 -16.92 26.74 -20.47
N TYR B 113 -17.48 25.79 -19.74
CA TYR B 113 -18.76 25.92 -19.04
C TYR B 113 -18.53 25.65 -17.57
N GLN B 114 -19.46 26.13 -16.74
CA GLN B 114 -19.56 25.71 -15.35
C GLN B 114 -20.34 24.38 -15.27
N TRP B 115 -19.66 23.25 -15.03
CA TRP B 115 -18.21 23.10 -14.89
C TRP B 115 -17.74 21.91 -15.74
N TYR B 116 -17.41 22.19 -16.99
CA TYR B 116 -17.00 21.15 -17.94
C TYR B 116 -16.56 21.88 -19.20
N TRP B 117 -15.96 21.13 -20.12
CA TRP B 117 -15.50 21.69 -21.37
C TRP B 117 -16.28 21.10 -22.55
N GLY B 118 -16.58 21.93 -23.54
CA GLY B 118 -17.20 21.51 -24.77
C GLY B 118 -16.18 21.60 -25.89
N TYR B 119 -16.12 20.55 -26.70
CA TYR B 119 -15.17 20.47 -27.80
C TYR B 119 -15.94 20.37 -29.12
N GLU B 120 -15.44 21.08 -30.12
CA GLU B 120 -16.01 21.04 -31.45
C GLU B 120 -14.87 20.99 -32.45
N TYR B 121 -14.93 20.04 -33.38
CA TYR B 121 -13.96 19.98 -34.46
C TYR B 121 -14.66 20.47 -35.72
N PRO B 122 -14.53 21.76 -36.08
CA PRO B 122 -15.38 22.30 -37.17
C PRO B 122 -15.19 21.61 -38.53
N ASP B 123 -13.96 21.20 -38.87
CA ASP B 123 -13.75 20.49 -40.14
C ASP B 123 -14.40 19.10 -40.13
N GLU B 124 -14.73 18.56 -38.97
CA GLU B 124 -15.18 17.18 -38.86
C GLU B 124 -16.64 17.05 -38.45
N GLU B 125 -17.30 18.15 -38.12
CA GLU B 125 -18.66 18.09 -37.58
C GLU B 125 -18.74 17.13 -36.39
N ILE B 126 -17.75 17.20 -35.51
CA ILE B 126 -17.75 16.44 -34.27
C ILE B 126 -17.89 17.44 -33.12
N SER B 127 -18.77 17.13 -32.19
CA SER B 127 -18.84 17.89 -30.96
C SER B 127 -19.22 16.97 -29.82
N PHE B 128 -18.69 17.27 -28.64
CA PHE B 128 -18.93 16.48 -27.44
C PHE B 128 -18.52 17.33 -26.24
N GLU B 129 -18.94 16.89 -25.05
CA GLU B 129 -18.59 17.52 -23.79
C GLU B 129 -17.72 16.56 -22.99
N SER B 130 -16.80 17.12 -22.20
CA SER B 130 -15.90 16.35 -21.36
C SER B 130 -16.07 16.75 -19.91
N TYR B 131 -16.44 15.78 -19.09
CA TYR B 131 -16.63 15.93 -17.67
C TYR B 131 -15.58 15.14 -16.92
N MET B 132 -15.22 15.62 -15.74
CA MET B 132 -14.37 14.84 -14.84
C MET B 132 -15.02 13.49 -14.55
N ILE B 133 -14.24 12.43 -14.62
CA ILE B 133 -14.70 11.15 -14.09
C ILE B 133 -14.86 11.30 -12.57
N GLY B 134 -16.09 11.13 -12.09
CA GLY B 134 -16.41 11.38 -10.69
C GLY B 134 -17.24 12.64 -10.49
N SER B 135 -17.37 13.48 -11.52
CA SER B 135 -18.34 14.59 -11.49
C SER B 135 -19.77 14.05 -11.42
N PRO B 136 -20.74 14.90 -11.04
CA PRO B 136 -22.16 14.49 -11.14
C PRO B 136 -22.56 13.92 -12.50
N ALA B 137 -21.91 14.36 -13.60
CA ALA B 137 -22.25 13.83 -14.92
C ALA B 137 -21.99 12.33 -15.02
N THR B 138 -20.99 11.81 -14.31
CA THR B 138 -20.76 10.37 -14.32
C THR B 138 -21.40 9.70 -13.11
N GLY B 139 -22.27 10.41 -12.39
CA GLY B 139 -22.93 9.84 -11.24
C GLY B 139 -22.24 10.08 -9.91
N GLY B 140 -21.11 10.81 -9.88
CA GLY B 140 -20.39 11.07 -8.65
C GLY B 140 -20.74 12.41 -8.02
N ASP B 141 -19.98 12.78 -6.98
CA ASP B 141 -20.09 14.12 -6.44
C ASP B 141 -18.71 14.67 -6.09
N ASN B 142 -17.77 14.52 -7.04
CA ASN B 142 -16.46 15.19 -7.02
C ASN B 142 -15.53 14.61 -5.96
N ARG B 143 -15.75 13.36 -5.57
CA ARG B 143 -14.88 12.69 -4.61
C ARG B 143 -14.63 11.25 -5.05
N MET B 144 -13.50 10.72 -4.62
CA MET B 144 -13.21 9.31 -4.82
C MET B 144 -14.22 8.42 -4.11
N SER B 145 -14.47 7.26 -4.69
CA SER B 145 -15.45 6.29 -4.23
C SER B 145 -15.18 4.98 -4.96
N PRO B 146 -15.66 3.86 -4.45
CA PRO B 146 -15.52 2.60 -5.21
C PRO B 146 -16.01 2.70 -6.65
N GLU B 147 -17.15 3.34 -6.89
CA GLU B 147 -17.67 3.49 -8.25
C GLU B 147 -16.73 4.33 -9.12
N VAL B 148 -16.17 5.42 -8.56
CA VAL B 148 -15.34 6.31 -9.36
C VAL B 148 -14.04 5.61 -9.75
N GLU B 149 -13.44 4.84 -8.84
CA GLU B 149 -12.20 4.14 -9.19
C GLU B 149 -12.47 3.08 -10.26
N GLN B 150 -13.61 2.39 -10.16
CA GLN B 150 -13.95 1.42 -11.20
C GLN B 150 -14.19 2.12 -12.54
N GLN B 151 -14.84 3.29 -12.52
CA GLN B 151 -14.98 4.07 -13.76
C GLN B 151 -13.62 4.49 -14.31
N LEU B 152 -12.72 4.94 -13.43
CA LEU B 152 -11.38 5.31 -13.89
C LEU B 152 -10.69 4.12 -14.54
N ILE B 153 -10.78 2.95 -13.90
CA ILE B 153 -10.16 1.74 -14.43
C ILE B 153 -10.81 1.35 -15.75
N GLU B 154 -12.15 1.38 -15.80
CA GLU B 154 -12.83 0.98 -17.03
C GLU B 154 -12.50 1.92 -18.19
N ALA B 155 -12.26 3.20 -17.90
CA ALA B 155 -11.90 4.15 -18.94
C ALA B 155 -10.43 4.07 -19.34
N GLY B 156 -9.65 3.22 -18.69
CA GLY B 156 -8.24 3.07 -19.00
C GLY B 156 -7.30 3.84 -18.10
N TYR B 157 -7.77 4.30 -16.93
CA TYR B 157 -6.89 5.05 -16.04
C TYR B 157 -6.78 4.29 -14.73
N SER B 158 -6.29 4.95 -13.69
CA SER B 158 -6.17 4.38 -12.37
C SER B 158 -6.68 5.41 -11.36
N ARG B 159 -6.76 5.01 -10.09
CA ARG B 159 -7.19 5.97 -9.08
C ARG B 159 -6.28 7.18 -9.01
N ASP B 160 -5.01 7.05 -9.39
CA ASP B 160 -4.08 8.18 -9.32
C ASP B 160 -4.44 9.30 -10.29
N GLU B 161 -5.24 9.03 -11.32
CA GLU B 161 -5.64 10.04 -12.29
C GLU B 161 -6.97 10.70 -11.93
N PHE B 162 -7.53 10.38 -10.78
CA PHE B 162 -8.71 11.10 -10.32
C PHE B 162 -8.39 12.58 -10.19
N LEU B 163 -9.35 13.42 -10.63
CA LEU B 163 -9.32 14.88 -10.75
C LEU B 163 -8.62 15.32 -12.02
N LEU B 164 -7.99 14.42 -12.75
CA LEU B 164 -7.38 14.73 -14.05
C LEU B 164 -8.15 14.11 -15.21
N ALA B 165 -8.53 12.84 -15.11
CA ALA B 165 -9.14 12.14 -16.23
C ALA B 165 -10.60 12.56 -16.43
N THR B 166 -11.00 12.69 -17.68
CA THR B 166 -12.37 13.00 -18.06
C THR B 166 -12.99 11.80 -18.77
N ASP B 167 -14.33 11.84 -18.89
CA ASP B 167 -15.03 10.73 -19.55
C ASP B 167 -14.74 10.70 -21.05
N THR B 168 -14.55 11.84 -21.68
CA THR B 168 -14.13 11.91 -23.06
C THR B 168 -12.84 12.70 -23.17
N ALA B 169 -12.10 12.47 -24.24
CA ALA B 169 -10.80 13.11 -24.43
C ALA B 169 -10.79 13.88 -25.74
N MET B 170 -9.99 14.95 -25.76
CA MET B 170 -9.67 15.65 -27.00
C MET B 170 -8.57 14.84 -27.68
N VAL B 171 -8.88 14.26 -28.83
CA VAL B 171 -7.97 13.37 -29.55
C VAL B 171 -7.37 14.14 -30.72
N VAL B 172 -6.05 14.07 -30.88
CA VAL B 172 -5.37 14.79 -31.96
C VAL B 172 -4.24 13.93 -32.50
N PRO B 173 -3.86 14.16 -33.75
CA PRO B 173 -2.73 13.41 -34.31
C PRO B 173 -1.39 14.00 -33.92
N VAL B 174 -0.43 13.11 -33.68
CA VAL B 174 0.93 13.50 -33.33
C VAL B 174 1.60 14.22 -34.50
N ASN B 175 2.52 15.13 -34.17
CA ASN B 175 3.36 15.82 -35.17
C ASN B 175 2.54 16.63 -36.15
N LYS B 176 1.37 17.08 -35.74
CA LYS B 176 0.54 17.97 -36.54
C LYS B 176 0.31 19.24 -35.75
N THR B 177 0.19 20.36 -36.45
CA THR B 177 -0.10 21.63 -35.81
C THR B 177 -1.59 21.68 -35.43
N VAL B 178 -1.86 21.76 -34.14
CA VAL B 178 -3.23 21.90 -33.63
C VAL B 178 -3.43 23.35 -33.24
N VAL B 179 -4.48 23.97 -33.75
CA VAL B 179 -4.84 25.31 -33.32
C VAL B 179 -6.13 25.19 -32.54
N VAL B 180 -6.12 25.67 -31.29
CA VAL B 180 -7.25 25.58 -30.39
C VAL B 180 -7.83 26.98 -30.25
N GLN B 181 -9.13 27.10 -30.47
CA GLN B 181 -9.86 28.35 -30.25
C GLN B 181 -10.63 28.23 -28.96
N VAL B 182 -10.40 29.16 -28.04
CA VAL B 182 -10.89 29.05 -26.67
C VAL B 182 -11.84 30.19 -26.35
N THR B 183 -13.01 29.87 -25.83
CA THR B 183 -13.94 30.88 -25.33
C THR B 183 -14.66 30.33 -24.10
N GLY B 184 -15.31 31.22 -23.36
CA GLY B 184 -16.09 30.85 -22.19
C GLY B 184 -17.57 31.08 -22.43
N ALA B 185 -18.41 30.21 -21.86
CA ALA B 185 -19.85 30.31 -22.09
C ALA B 185 -20.58 31.11 -21.04
N ASP B 186 -20.01 31.26 -19.84
CA ASP B 186 -20.76 31.83 -18.73
C ASP B 186 -19.86 32.75 -17.90
N VAL B 187 -18.84 32.19 -17.26
CA VAL B 187 -17.81 33.00 -16.63
C VAL B 187 -16.48 32.70 -17.32
N ILE B 188 -15.39 33.28 -16.82
CA ILE B 188 -14.08 33.00 -17.38
C ILE B 188 -13.57 31.67 -16.83
N HIS B 189 -13.10 30.81 -17.72
CA HIS B 189 -12.34 29.62 -17.36
C HIS B 189 -10.95 29.78 -17.95
N SER B 190 -10.10 28.76 -17.85
CA SER B 190 -8.83 28.84 -18.53
C SER B 190 -8.41 27.44 -18.94
N TRP B 191 -8.08 27.29 -20.22
CA TRP B 191 -7.76 26.00 -20.81
C TRP B 191 -6.24 25.86 -20.90
N THR B 192 -5.70 24.74 -20.43
CA THR B 192 -4.26 24.60 -20.35
C THR B 192 -3.87 23.14 -20.41
N VAL B 193 -2.67 22.89 -20.94
CA VAL B 193 -2.02 21.58 -20.89
C VAL B 193 -0.55 21.82 -20.57
N PRO B 194 -0.12 21.56 -19.33
CA PRO B 194 1.29 21.80 -18.95
C PRO B 194 2.31 21.16 -19.90
N ALA B 195 2.08 19.92 -20.34
CA ALA B 195 3.02 19.22 -21.20
C ALA B 195 3.18 19.89 -22.56
N PHE B 196 2.19 20.66 -23.01
CA PHE B 196 2.30 21.37 -24.30
C PHE B 196 2.78 22.80 -24.13
N GLY B 197 2.87 23.30 -22.90
CA GLY B 197 3.24 24.70 -22.67
C GLY B 197 2.21 25.70 -23.15
N VAL B 198 0.91 25.38 -23.05
CA VAL B 198 -0.14 26.27 -23.50
C VAL B 198 -1.10 26.58 -22.35
N LYS B 199 -1.62 27.79 -22.36
CA LYS B 199 -2.64 28.23 -21.41
C LYS B 199 -3.32 29.46 -22.00
N GLN B 200 -4.65 29.43 -22.05
CA GLN B 200 -5.38 30.56 -22.62
C GLN B 200 -6.71 30.70 -21.90
N ASP B 201 -6.99 31.89 -21.39
CA ASP B 201 -8.25 32.11 -20.69
C ASP B 201 -9.42 31.95 -21.67
N ALA B 202 -10.50 31.36 -21.16
CA ALA B 202 -11.73 31.12 -21.91
C ALA B 202 -12.70 32.21 -21.48
N VAL B 203 -12.66 33.34 -22.17
CA VAL B 203 -13.37 34.55 -21.76
C VAL B 203 -14.70 34.62 -22.52
N PRO B 204 -15.82 34.73 -21.83
CA PRO B 204 -17.10 34.92 -22.53
C PRO B 204 -17.04 36.15 -23.44
N GLY B 205 -17.52 35.97 -24.68
CA GLY B 205 -17.56 37.03 -25.65
C GLY B 205 -16.31 37.17 -26.49
N ARG B 206 -15.26 36.40 -26.20
CA ARG B 206 -14.00 36.47 -26.93
C ARG B 206 -13.60 35.08 -27.39
N LEU B 207 -13.05 35.00 -28.60
CA LEU B 207 -12.46 33.77 -29.09
C LEU B 207 -10.96 33.99 -29.16
N ALA B 208 -10.21 33.29 -28.30
CA ALA B 208 -8.76 33.39 -28.29
C ALA B 208 -8.19 32.11 -28.88
N GLN B 209 -6.96 32.20 -29.39
CA GLN B 209 -6.32 31.07 -30.03
C GLN B 209 -5.02 30.72 -29.33
N LEU B 210 -4.67 29.45 -29.39
CA LEU B 210 -3.36 28.95 -29.01
C LEU B 210 -3.00 27.84 -29.99
N TRP B 211 -1.73 27.42 -29.99
CA TRP B 211 -1.32 26.33 -30.84
C TRP B 211 -0.36 25.42 -30.10
N PHE B 212 -0.35 24.16 -30.52
CA PHE B 212 0.68 23.22 -30.08
C PHE B 212 0.88 22.20 -31.19
N ARG B 213 2.07 21.60 -31.20
CA ARG B 213 2.35 20.41 -32.01
C ARG B 213 2.92 19.36 -31.08
N ALA B 214 2.16 18.30 -30.82
CA ALA B 214 2.63 17.24 -29.95
C ALA B 214 3.70 16.42 -30.65
N GLU B 215 4.81 16.17 -29.96
CA GLU B 215 5.94 15.46 -30.53
C GLU B 215 5.98 14.01 -30.12
N ARG B 216 5.07 13.57 -29.26
CA ARG B 216 4.94 12.14 -28.99
C ARG B 216 3.52 11.82 -28.60
N GLU B 217 3.16 10.56 -28.82
CA GLU B 217 1.84 10.06 -28.46
C GLU B 217 1.72 9.86 -26.95
N GLY B 218 0.51 9.96 -26.44
CA GLY B 218 0.25 9.67 -25.05
C GLY B 218 -0.95 10.43 -24.53
N ILE B 219 -1.10 10.41 -23.22
CA ILE B 219 -2.18 11.09 -22.51
C ILE B 219 -1.59 12.27 -21.75
N PHE B 220 -2.25 13.42 -21.84
CA PHE B 220 -1.78 14.69 -21.28
C PHE B 220 -2.95 15.39 -20.60
N PHE B 221 -2.75 15.82 -19.35
CA PHE B 221 -3.81 16.39 -18.54
C PHE B 221 -3.59 17.87 -18.29
N GLY B 222 -4.71 18.61 -18.22
CA GLY B 222 -4.71 19.96 -17.68
C GLY B 222 -5.90 20.13 -16.73
N GLN B 223 -5.91 21.25 -16.01
CA GLN B 223 -6.98 21.57 -15.09
C GLN B 223 -7.39 23.03 -15.27
N CYS B 224 -8.69 23.31 -15.05
CA CYS B 224 -9.18 24.66 -15.30
C CYS B 224 -8.41 25.66 -14.42
N SER B 225 -7.92 26.74 -15.04
CA SER B 225 -6.96 27.65 -14.42
C SER B 225 -7.46 29.08 -14.34
N GLU B 226 -8.78 29.27 -14.20
CA GLU B 226 -9.32 30.54 -13.73
C GLU B 226 -10.49 30.21 -12.83
N LEU B 227 -10.43 30.69 -11.59
CA LEU B 227 -11.50 30.47 -10.61
C LEU B 227 -12.85 30.85 -11.18
N CYS B 228 -13.70 29.86 -11.26
CA CYS B 228 -14.94 29.93 -12.03
C CYS B 228 -16.16 29.57 -11.20
N GLY B 229 -15.98 29.43 -9.89
CA GLY B 229 -17.04 28.92 -9.05
C GLY B 229 -16.82 27.62 -8.32
N ILE B 230 -17.94 26.96 -7.94
CA ILE B 230 -17.91 25.91 -6.92
C ILE B 230 -17.13 24.67 -7.37
N SER B 231 -17.12 24.35 -8.67
CA SER B 231 -16.40 23.18 -9.15
C SER B 231 -15.26 23.53 -10.11
N HIS B 232 -14.64 24.69 -9.87
CA HIS B 232 -13.34 25.07 -10.45
C HIS B 232 -12.32 23.94 -10.35
N ALA B 233 -12.25 23.25 -9.20
CA ALA B 233 -11.28 22.18 -8.99
C ALA B 233 -11.64 20.89 -9.72
N TYR B 234 -12.78 20.84 -10.39
CA TYR B 234 -13.36 19.59 -10.83
C TYR B 234 -13.79 19.63 -12.30
N MET B 235 -13.06 20.35 -13.16
CA MET B 235 -13.36 20.35 -14.60
C MET B 235 -12.06 20.29 -15.39
N PRO B 236 -11.41 19.13 -15.40
CA PRO B 236 -10.10 19.01 -16.04
C PRO B 236 -10.16 18.74 -17.52
N ILE B 237 -8.99 18.52 -18.10
CA ILE B 237 -8.76 18.44 -19.52
C ILE B 237 -7.92 17.20 -19.79
N THR B 238 -8.38 16.33 -20.70
CA THR B 238 -7.59 15.19 -21.16
C THR B 238 -7.40 15.32 -22.66
N VAL B 239 -6.13 15.34 -23.09
CA VAL B 239 -5.77 15.29 -24.50
C VAL B 239 -5.05 13.96 -24.74
N LYS B 240 -5.51 13.21 -25.74
CA LYS B 240 -4.85 12.00 -26.21
C LYS B 240 -4.20 12.29 -27.56
N VAL B 241 -2.89 12.18 -27.62
CA VAL B 241 -2.13 12.34 -28.85
C VAL B 241 -1.88 10.94 -29.43
N VAL B 242 -2.34 10.71 -30.66
CA VAL B 242 -2.32 9.38 -31.26
C VAL B 242 -1.72 9.46 -32.66
N SER B 243 -1.43 8.29 -33.23
CA SER B 243 -0.99 8.23 -34.62
C SER B 243 -2.02 8.88 -35.55
N GLU B 244 -1.52 9.37 -36.68
CA GLU B 244 -2.43 9.87 -37.72
C GLU B 244 -3.53 8.86 -38.06
N GLU B 245 -3.17 7.58 -38.12
CA GLU B 245 -4.15 6.54 -38.44
C GLU B 245 -5.13 6.34 -37.30
N ALA B 246 -4.64 6.32 -36.05
CA ALA B 246 -5.57 6.17 -34.93
C ALA B 246 -6.47 7.38 -34.81
N TYR B 247 -5.95 8.56 -35.12
CA TYR B 247 -6.78 9.77 -35.16
C TYR B 247 -7.91 9.61 -36.16
N ALA B 248 -7.59 9.17 -37.38
CA ALA B 248 -8.62 8.98 -38.39
C ALA B 248 -9.65 7.94 -37.94
N ALA B 249 -9.19 6.84 -37.33
CA ALA B 249 -10.10 5.82 -36.80
C ALA B 249 -11.08 6.43 -35.80
N TRP B 250 -10.59 7.31 -34.93
CA TRP B 250 -11.45 8.01 -33.99
C TRP B 250 -12.46 8.90 -34.71
N LEU B 251 -12.01 9.64 -35.74
CA LEU B 251 -12.93 10.44 -36.53
C LEU B 251 -14.02 9.57 -37.16
N GLU B 252 -13.62 8.42 -37.71
CA GLU B 252 -14.57 7.55 -38.39
C GLU B 252 -15.59 6.97 -37.41
N GLN B 253 -15.15 6.66 -36.19
CA GLN B 253 -16.08 6.20 -35.17
C GLN B 253 -17.18 7.20 -34.90
N HIS B 254 -16.93 8.49 -35.14
CA HIS B 254 -17.93 9.53 -34.97
C HIS B 254 -18.76 9.82 -36.23
N HIS B 255 -18.44 9.21 -37.38
CA HIS B 255 -19.14 9.56 -38.61
C HIS B 255 -20.52 8.88 -38.63
N HIS B 256 -21.57 9.68 -38.68
CA HIS B 256 -22.93 9.16 -38.72
C HIS B 256 -23.29 8.74 -40.14
N HIS B 257 -23.74 7.50 -40.31
CA HIS B 257 -24.20 7.03 -41.61
C HIS B 257 -25.72 7.05 -41.73
N THR C 2 -36.19 -38.19 8.11
CA THR C 2 -36.81 -36.95 7.67
C THR C 2 -36.76 -36.86 6.14
N ARG C 3 -37.48 -35.89 5.57
CA ARG C 3 -37.40 -35.59 4.14
C ARG C 3 -36.14 -34.83 3.78
N TRP C 4 -35.29 -34.49 4.75
CA TRP C 4 -33.95 -34.00 4.45
C TRP C 4 -33.18 -34.99 3.59
N PHE C 5 -33.19 -36.27 4.01
CA PHE C 5 -32.38 -37.29 3.34
C PHE C 5 -32.92 -37.64 1.96
N MET C 6 -34.16 -37.25 1.67
CA MET C 6 -34.72 -37.54 0.36
C MET C 6 -34.76 -36.35 -0.60
N SER C 7 -34.50 -35.10 -0.17
CA SER C 7 -34.72 -34.05 -1.16
C SER C 7 -33.64 -34.10 -2.22
N THR C 8 -33.97 -33.50 -3.36
CA THR C 8 -33.07 -33.35 -4.48
C THR C 8 -32.46 -31.96 -4.56
N ASN C 9 -32.80 -31.05 -3.64
CA ASN C 9 -32.32 -29.69 -3.76
C ASN C 9 -30.83 -29.60 -3.44
N HIS C 10 -30.09 -28.87 -4.28
CA HIS C 10 -28.64 -28.80 -4.12
C HIS C 10 -28.25 -28.18 -2.79
N LYS C 11 -29.07 -27.26 -2.26
CA LYS C 11 -28.77 -26.69 -0.96
C LYS C 11 -28.91 -27.71 0.15
N ASP C 12 -29.97 -28.53 0.12
CA ASP C 12 -30.13 -29.55 1.15
C ASP C 12 -29.04 -30.62 1.04
N ILE C 13 -28.71 -31.04 -0.18
CA ILE C 13 -27.70 -32.06 -0.38
C ILE C 13 -26.35 -31.56 0.11
N GLY C 14 -26.01 -30.31 -0.20
CA GLY C 14 -24.78 -29.72 0.32
C GLY C 14 -24.71 -29.75 1.83
N VAL C 15 -25.82 -29.43 2.50
CA VAL C 15 -25.82 -29.39 3.96
C VAL C 15 -25.71 -30.81 4.52
N LEU C 16 -26.31 -31.79 3.85
CA LEU C 16 -26.12 -33.18 4.22
C LEU C 16 -24.64 -33.57 4.15
N TYR C 17 -23.99 -33.26 3.02
CA TYR C 17 -22.57 -33.56 2.86
C TYR C 17 -21.74 -32.87 3.94
N LEU C 18 -22.04 -31.60 4.23
CA LEU C 18 -21.27 -30.88 5.24
C LEU C 18 -21.40 -31.51 6.62
N PHE C 19 -22.62 -31.87 7.02
CA PHE C 19 -22.80 -32.48 8.34
C PHE C 19 -22.18 -33.88 8.40
N THR C 20 -22.36 -34.67 7.34
CA THR C 20 -21.82 -36.03 7.35
C THR C 20 -20.30 -36.01 7.36
N GLY C 21 -19.68 -35.18 6.50
CA GLY C 21 -18.24 -35.03 6.52
C GLY C 21 -17.71 -34.56 7.87
N GLY C 22 -18.46 -33.65 8.53
CA GLY C 22 -18.06 -33.22 9.86
C GLY C 22 -18.13 -34.35 10.88
N LEU C 23 -19.15 -35.20 10.78
CA LEU C 23 -19.28 -36.36 11.67
C LEU C 23 -18.19 -37.40 11.40
N VAL C 24 -17.94 -37.72 10.13
CA VAL C 24 -16.88 -38.67 9.82
C VAL C 24 -15.53 -38.08 10.22
N GLY C 25 -15.38 -36.76 10.07
CA GLY C 25 -14.17 -36.09 10.51
C GLY C 25 -13.95 -36.23 12.01
N LEU C 26 -15.02 -36.12 12.81
CA LEU C 26 -14.89 -36.34 14.25
C LEU C 26 -14.41 -37.76 14.54
N ILE C 27 -14.97 -38.76 13.85
CA ILE C 27 -14.51 -40.13 14.03
C ILE C 27 -13.02 -40.23 13.76
N SER C 28 -12.59 -39.78 12.58
CA SER C 28 -11.20 -39.94 12.16
C SER C 28 -10.27 -39.14 13.05
N VAL C 29 -10.70 -37.94 13.46
CA VAL C 29 -9.89 -37.17 14.41
C VAL C 29 -9.78 -37.91 15.75
N ALA C 30 -10.86 -38.54 16.20
CA ALA C 30 -10.79 -39.35 17.42
C ALA C 30 -9.75 -40.47 17.29
N PHE C 31 -9.68 -41.13 16.12
CA PHE C 31 -8.62 -42.11 15.89
C PHE C 31 -7.25 -41.49 16.12
N THR C 32 -7.04 -40.25 15.65
CA THR C 32 -5.73 -39.62 15.78
C THR C 32 -5.42 -39.25 17.22
N VAL C 33 -6.43 -39.01 18.04
CA VAL C 33 -6.17 -38.80 19.46
C VAL C 33 -5.65 -40.09 20.08
N TYR C 34 -6.28 -41.21 19.74
CA TYR C 34 -5.80 -42.50 20.23
C TYR C 34 -4.39 -42.80 19.71
N MET C 35 -4.16 -42.57 18.41
CA MET C 35 -2.82 -42.72 17.84
C MET C 35 -1.79 -41.91 18.61
N ARG C 36 -2.10 -40.64 18.85
CA ARG C 36 -1.12 -39.78 19.51
C ARG C 36 -1.00 -40.08 21.00
N MET C 37 -2.01 -40.70 21.59
CA MET C 37 -1.86 -41.25 22.94
C MET C 37 -0.77 -42.32 22.95
N GLU C 38 -0.83 -43.27 22.00
CA GLU C 38 0.19 -44.30 21.93
C GLU C 38 1.54 -43.73 21.49
N LEU C 39 1.56 -42.68 20.68
CA LEU C 39 2.87 -42.16 20.27
C LEU C 39 3.45 -41.17 21.27
N MET C 40 2.70 -40.82 22.31
CA MET C 40 3.18 -39.82 23.26
C MET C 40 4.46 -40.27 23.95
N ALA C 41 4.64 -41.56 24.17
CA ALA C 41 5.82 -42.05 24.88
C ALA C 41 6.31 -43.34 24.26
N PRO C 42 7.64 -43.55 24.22
CA PRO C 42 8.17 -44.82 23.72
C PRO C 42 7.73 -45.97 24.61
N GLY C 43 7.74 -47.17 24.03
CA GLY C 43 7.11 -48.30 24.66
C GLY C 43 5.63 -48.29 24.36
N VAL C 44 4.99 -49.44 24.31
CA VAL C 44 3.55 -49.53 24.03
C VAL C 44 2.80 -49.64 25.35
N GLN C 45 1.88 -48.70 25.61
CA GLN C 45 1.12 -48.68 26.85
C GLN C 45 -0.38 -48.86 26.67
N PHE C 46 -0.92 -48.64 25.46
CA PHE C 46 -2.36 -48.66 25.23
C PHE C 46 -2.81 -49.81 24.36
N MET C 47 -2.11 -50.06 23.24
CA MET C 47 -2.53 -51.06 22.26
C MET C 47 -1.93 -52.42 22.63
N CYS C 48 -2.50 -53.00 23.69
CA CYS C 48 -2.02 -54.25 24.26
C CYS C 48 -2.84 -55.41 23.72
N ALA C 49 -2.16 -56.51 23.40
CA ALA C 49 -2.87 -57.71 22.95
C ALA C 49 -3.78 -58.24 24.06
N GLU C 50 -3.46 -57.95 25.32
CA GLU C 50 -4.31 -58.36 26.43
C GLU C 50 -5.74 -57.82 26.30
N HIS C 51 -5.92 -56.69 25.62
CA HIS C 51 -7.27 -56.16 25.42
C HIS C 51 -8.09 -56.98 24.42
N LEU C 52 -7.44 -57.82 23.62
CA LEU C 52 -8.13 -58.62 22.61
C LEU C 52 -9.02 -59.69 23.25
N GLU C 53 -8.62 -60.21 24.41
CA GLU C 53 -9.38 -61.30 25.03
C GLU C 53 -10.75 -60.86 25.53
N SER C 54 -11.02 -59.56 25.56
CA SER C 54 -12.32 -59.03 25.95
C SER C 54 -13.25 -58.97 24.75
N GLY C 55 -14.38 -58.30 24.91
CA GLY C 55 -15.31 -58.00 23.82
C GLY C 55 -14.95 -56.70 23.10
N LEU C 56 -15.98 -56.04 22.54
CA LEU C 56 -15.86 -54.72 21.94
C LEU C 56 -16.21 -53.55 22.84
N VAL C 57 -16.85 -53.76 23.98
CA VAL C 57 -17.03 -52.61 24.84
C VAL C 57 -16.05 -52.72 25.98
N LYS C 58 -15.71 -53.95 26.36
CA LYS C 58 -14.64 -54.14 27.33
C LYS C 58 -13.29 -53.78 26.74
N GLY C 59 -12.96 -54.34 25.57
CA GLY C 59 -11.67 -54.05 24.94
C GLY C 59 -11.47 -52.58 24.63
N PHE C 60 -12.54 -51.88 24.24
CA PHE C 60 -12.45 -50.45 23.92
C PHE C 60 -11.99 -49.64 25.12
N PHE C 61 -12.69 -49.77 26.25
CA PHE C 61 -12.45 -48.88 27.38
C PHE C 61 -11.11 -49.15 28.08
N GLN C 62 -10.69 -50.42 28.18
CA GLN C 62 -9.35 -50.67 28.69
C GLN C 62 -8.28 -50.05 27.82
N SER C 63 -8.52 -50.04 26.49
CA SER C 63 -7.56 -49.53 25.53
C SER C 63 -7.22 -48.06 25.77
N LEU C 64 -8.06 -47.32 26.47
CA LEU C 64 -7.84 -45.90 26.69
C LEU C 64 -7.13 -45.59 27.99
N TRP C 65 -6.82 -46.60 28.81
CA TRP C 65 -6.02 -46.38 30.01
C TRP C 65 -4.65 -47.02 29.87
N PRO C 66 -3.58 -46.31 30.20
CA PRO C 66 -2.24 -46.86 29.99
C PRO C 66 -1.95 -48.04 30.91
N SER C 67 -1.29 -49.04 30.36
CA SER C 67 -0.74 -50.15 31.12
C SER C 67 0.77 -49.99 31.20
N ALA C 68 1.35 -50.67 32.19
CA ALA C 68 2.80 -50.78 32.24
C ALA C 68 3.28 -51.64 31.06
N VAL C 69 4.49 -51.35 30.60
CA VAL C 69 5.05 -52.11 29.48
C VAL C 69 5.04 -53.60 29.79
N GLU C 70 5.31 -53.95 31.06
CA GLU C 70 5.41 -55.33 31.50
C GLU C 70 4.09 -56.08 31.41
N ASN C 71 2.98 -55.34 31.39
CA ASN C 71 1.66 -55.92 31.26
C ASN C 71 1.04 -55.68 29.90
N CYS C 72 1.81 -55.17 28.94
CA CYS C 72 1.27 -54.76 27.65
C CYS C 72 2.07 -55.44 26.54
N THR C 73 1.50 -56.48 25.96
CA THR C 73 2.07 -57.10 24.77
C THR C 73 1.72 -56.26 23.56
N PRO C 74 2.70 -55.69 22.86
CA PRO C 74 2.40 -54.80 21.72
C PRO C 74 1.57 -55.49 20.65
N ASN C 75 0.52 -54.80 20.21
CA ASN C 75 -0.34 -55.31 19.14
C ASN C 75 -0.20 -54.38 17.92
N GLY C 76 0.80 -54.67 17.09
CA GLY C 76 1.02 -53.86 15.90
C GLY C 76 -0.19 -53.78 14.98
N HIS C 77 -1.04 -54.82 14.99
CA HIS C 77 -2.16 -54.82 14.06
C HIS C 77 -3.18 -53.72 14.40
N LEU C 78 -3.43 -53.48 15.69
CA LEU C 78 -4.35 -52.41 16.05
C LEU C 78 -3.82 -51.05 15.58
N TRP C 79 -2.53 -50.79 15.77
CA TRP C 79 -1.94 -49.56 15.23
C TRP C 79 -2.20 -49.44 13.73
N ASN C 80 -1.85 -50.49 12.98
CA ASN C 80 -1.98 -50.44 11.52
C ASN C 80 -3.44 -50.24 11.09
N VAL C 81 -4.39 -50.82 11.83
CA VAL C 81 -5.81 -50.64 11.53
C VAL C 81 -6.24 -49.20 11.80
N MET C 82 -5.77 -48.61 12.90
CA MET C 82 -6.16 -47.24 13.25
C MET C 82 -5.69 -46.24 12.20
N ILE C 83 -4.40 -46.31 11.82
CA ILE C 83 -3.89 -45.31 10.87
C ILE C 83 -4.47 -45.54 9.47
N THR C 84 -4.76 -46.80 9.12
CA THR C 84 -5.41 -47.10 7.86
C THR C 84 -6.82 -46.53 7.84
N GLY C 85 -7.57 -46.74 8.93
CA GLY C 85 -8.91 -46.18 9.02
C GLY C 85 -8.90 -44.66 9.04
N HIS C 86 -7.99 -44.08 9.81
CA HIS C 86 -7.83 -42.64 9.82
C HIS C 86 -7.63 -42.09 8.40
N GLY C 87 -6.69 -42.70 7.66
CA GLY C 87 -6.38 -42.19 6.33
C GLY C 87 -7.51 -42.40 5.33
N ILE C 88 -8.12 -43.59 5.34
CA ILE C 88 -9.21 -43.88 4.42
C ILE C 88 -10.36 -42.90 4.64
N LEU C 89 -10.78 -42.71 5.90
CA LEU C 89 -11.87 -41.80 6.21
C LEU C 89 -11.56 -40.38 5.75
N MET C 90 -10.36 -39.88 6.05
CA MET C 90 -10.02 -38.50 5.67
C MET C 90 -10.05 -38.34 4.14
N MET C 91 -9.38 -39.23 3.43
CA MET C 91 -9.13 -39.02 2.01
C MET C 91 -10.34 -39.36 1.15
N PHE C 92 -11.24 -40.21 1.63
CA PHE C 92 -12.41 -40.56 0.84
C PHE C 92 -13.73 -40.09 1.44
N PHE C 93 -13.81 -39.87 2.75
CA PHE C 93 -15.10 -39.68 3.41
C PHE C 93 -15.17 -38.44 4.29
N VAL C 94 -14.21 -37.52 4.20
CA VAL C 94 -14.25 -36.31 5.03
C VAL C 94 -14.07 -35.05 4.18
N VAL C 95 -12.85 -34.76 3.70
CA VAL C 95 -12.57 -33.41 3.23
C VAL C 95 -13.17 -33.15 1.84
N ILE C 96 -13.14 -34.14 0.95
CA ILE C 96 -13.71 -33.94 -0.38
C ILE C 96 -15.23 -33.90 -0.29
N PRO C 97 -15.91 -34.81 0.43
CA PRO C 97 -17.35 -34.62 0.65
C PRO C 97 -17.72 -33.27 1.26
N ALA C 98 -16.89 -32.75 2.18
CA ALA C 98 -17.19 -31.45 2.77
C ALA C 98 -17.00 -30.31 1.76
N LEU C 99 -15.86 -30.27 1.08
CA LEU C 99 -15.55 -29.15 0.19
C LEU C 99 -16.31 -29.24 -1.13
N PHE C 100 -16.26 -30.42 -1.76
CA PHE C 100 -16.86 -30.64 -3.08
C PHE C 100 -18.34 -30.95 -2.98
N GLY C 101 -18.68 -32.02 -2.24
CA GLY C 101 -20.08 -32.36 -2.06
C GLY C 101 -20.85 -31.37 -1.22
N GLY C 102 -20.18 -30.69 -0.30
CA GLY C 102 -20.85 -29.78 0.60
C GLY C 102 -20.92 -28.36 0.10
N PHE C 103 -19.81 -27.62 0.19
CA PHE C 103 -19.81 -26.25 -0.31
C PHE C 103 -20.00 -26.21 -1.82
N GLY C 104 -19.45 -27.19 -2.54
CA GLY C 104 -19.65 -27.24 -3.98
C GLY C 104 -21.12 -27.35 -4.38
N ASN C 105 -21.82 -28.34 -3.82
CA ASN C 105 -23.24 -28.50 -4.18
C ASN C 105 -24.06 -27.30 -3.71
N TYR C 106 -23.76 -26.74 -2.54
CA TYR C 106 -24.54 -25.62 -2.04
C TYR C 106 -24.32 -24.36 -2.88
N PHE C 107 -23.06 -23.98 -3.10
CA PHE C 107 -22.77 -22.63 -3.55
C PHE C 107 -22.43 -22.49 -5.03
N MET C 108 -21.95 -23.55 -5.68
CA MET C 108 -21.63 -23.39 -7.11
C MET C 108 -22.86 -23.01 -7.93
N PRO C 109 -24.02 -23.67 -7.79
CA PRO C 109 -25.20 -23.19 -8.54
C PRO C 109 -25.57 -21.74 -8.21
N LEU C 110 -25.59 -21.39 -6.92
CA LEU C 110 -25.83 -20.00 -6.55
C LEU C 110 -24.86 -19.06 -7.23
N HIS C 111 -23.57 -19.44 -7.27
CA HIS C 111 -22.56 -18.55 -7.79
C HIS C 111 -22.72 -18.29 -9.29
N ILE C 112 -23.29 -19.24 -10.03
CA ILE C 112 -23.49 -19.08 -11.47
C ILE C 112 -24.94 -18.75 -11.82
N GLY C 113 -25.81 -18.57 -10.82
CA GLY C 113 -27.19 -18.23 -11.07
C GLY C 113 -28.02 -19.36 -11.62
N ALA C 114 -27.67 -20.62 -11.31
CA ALA C 114 -28.52 -21.71 -11.75
C ALA C 114 -29.51 -22.09 -10.64
N PRO C 115 -30.76 -22.39 -10.98
CA PRO C 115 -31.73 -22.69 -9.92
C PRO C 115 -31.44 -24.00 -9.19
N ASP C 116 -30.99 -25.03 -9.89
CA ASP C 116 -30.63 -26.29 -9.26
C ASP C 116 -29.58 -26.98 -10.13
N MET C 117 -29.16 -28.16 -9.70
CA MET C 117 -28.21 -28.93 -10.48
C MET C 117 -28.92 -29.59 -11.66
N ALA C 118 -28.14 -29.96 -12.67
CA ALA C 118 -28.70 -30.58 -13.86
C ALA C 118 -29.49 -31.85 -13.53
N PHE C 119 -28.98 -32.68 -12.60
CA PHE C 119 -29.57 -33.99 -12.31
C PHE C 119 -29.81 -34.14 -10.82
N PRO C 120 -30.87 -33.51 -10.30
CA PRO C 120 -31.07 -33.51 -8.83
C PRO C 120 -31.29 -34.88 -8.22
N ARG C 121 -31.94 -35.83 -8.91
CA ARG C 121 -32.07 -37.17 -8.37
C ARG C 121 -30.72 -37.88 -8.34
N MET C 122 -29.92 -37.70 -9.38
CA MET C 122 -28.56 -38.25 -9.38
C MET C 122 -27.74 -37.64 -8.26
N ASN C 123 -27.97 -36.35 -7.96
CA ASN C 123 -27.24 -35.71 -6.87
C ASN C 123 -27.61 -36.32 -5.53
N ASN C 124 -28.89 -36.62 -5.32
CA ASN C 124 -29.32 -37.28 -4.10
C ASN C 124 -28.74 -38.69 -4.01
N LEU C 125 -28.64 -39.37 -5.15
CA LEU C 125 -28.00 -40.69 -5.16
C LEU C 125 -26.54 -40.59 -4.75
N SER C 126 -25.82 -39.58 -5.29
CA SER C 126 -24.42 -39.39 -4.95
C SER C 126 -24.22 -39.32 -3.45
N TYR C 127 -25.13 -38.65 -2.74
CA TYR C 127 -25.00 -38.58 -1.28
C TYR C 127 -25.15 -39.95 -0.64
N TRP C 128 -26.08 -40.77 -1.14
CA TRP C 128 -26.31 -42.07 -0.52
C TRP C 128 -25.18 -43.06 -0.81
N LEU C 129 -24.54 -42.95 -1.98
CA LEU C 129 -23.33 -43.73 -2.22
C LEU C 129 -22.24 -43.35 -1.22
N TYR C 130 -22.13 -42.06 -0.89
CA TYR C 130 -21.16 -41.60 0.09
C TYR C 130 -21.43 -42.22 1.47
N VAL C 131 -22.69 -42.18 1.91
CA VAL C 131 -23.02 -42.78 3.19
C VAL C 131 -22.80 -44.29 3.16
N ALA C 132 -23.15 -44.94 2.05
CA ALA C 132 -22.92 -46.36 1.93
C ALA C 132 -21.42 -46.67 2.02
N GLY C 133 -20.60 -45.95 1.24
CA GLY C 133 -19.16 -46.15 1.31
C GLY C 133 -18.61 -45.94 2.71
N THR C 134 -19.02 -44.85 3.37
CA THR C 134 -18.58 -44.60 4.74
C THR C 134 -18.95 -45.77 5.64
N SER C 135 -20.18 -46.29 5.48
CA SER C 135 -20.65 -47.39 6.31
C SER C 135 -19.81 -48.63 6.09
N LEU C 136 -19.46 -48.94 4.83
CA LEU C 136 -18.64 -50.11 4.56
C LEU C 136 -17.22 -49.93 5.13
N ALA C 137 -16.65 -48.73 5.00
CA ALA C 137 -15.34 -48.44 5.59
C ALA C 137 -15.35 -48.67 7.09
N VAL C 138 -16.34 -48.10 7.79
CA VAL C 138 -16.44 -48.32 9.23
C VAL C 138 -16.68 -49.80 9.53
N ALA C 139 -17.49 -50.46 8.70
CA ALA C 139 -17.78 -51.87 8.90
C ALA C 139 -16.50 -52.71 8.84
N SER C 140 -15.62 -52.39 7.90
CA SER C 140 -14.37 -53.15 7.76
C SER C 140 -13.56 -53.14 9.06
N LEU C 141 -13.69 -52.09 9.88
CA LEU C 141 -12.95 -52.05 11.13
C LEU C 141 -13.35 -53.18 12.06
N PHE C 142 -14.57 -53.69 11.92
CA PHE C 142 -15.11 -54.71 12.81
C PHE C 142 -15.26 -56.07 12.15
N ALA C 143 -14.79 -56.22 10.90
CA ALA C 143 -14.83 -57.45 10.13
C ALA C 143 -13.53 -58.24 10.33
N PRO C 144 -13.59 -59.57 10.17
CA PRO C 144 -12.37 -60.38 10.20
C PRO C 144 -11.31 -59.85 9.25
N GLY C 145 -10.12 -59.62 9.79
CA GLY C 145 -9.04 -59.07 9.00
C GLY C 145 -7.69 -59.73 9.24
N GLY C 146 -6.63 -58.94 9.14
CA GLY C 146 -5.29 -59.49 9.17
C GLY C 146 -4.92 -60.08 10.51
N ASN C 147 -4.02 -61.07 10.47
CA ASN C 147 -3.39 -61.64 11.65
C ASN C 147 -4.41 -62.24 12.61
N GLY C 148 -5.54 -62.72 12.06
CA GLY C 148 -6.60 -63.29 12.88
C GLY C 148 -7.28 -62.31 13.81
N GLN C 149 -7.12 -61.01 13.58
CA GLN C 149 -7.81 -60.00 14.34
C GLN C 149 -8.86 -59.35 13.44
N LEU C 150 -9.42 -58.22 13.89
CA LEU C 150 -10.35 -57.45 13.08
C LEU C 150 -9.65 -56.28 12.39
N GLY C 151 -10.13 -55.92 11.20
CA GLY C 151 -9.70 -54.74 10.49
C GLY C 151 -8.53 -54.97 9.55
N SER C 152 -8.40 -54.06 8.57
CA SER C 152 -7.28 -54.05 7.61
C SER C 152 -6.15 -53.15 8.11
N GLY C 153 -4.98 -53.71 8.30
CA GLY C 153 -3.82 -52.90 8.66
C GLY C 153 -2.86 -52.74 7.51
N ILE C 154 -3.32 -52.14 6.41
CA ILE C 154 -2.61 -52.19 5.14
C ILE C 154 -2.26 -50.82 4.58
N GLY C 155 -2.54 -49.73 5.31
CA GLY C 155 -2.24 -48.39 4.82
C GLY C 155 -3.32 -47.88 3.88
N TRP C 156 -3.52 -46.57 3.77
CA TRP C 156 -4.69 -46.09 3.03
C TRP C 156 -4.57 -46.34 1.52
N VAL C 157 -3.37 -46.63 1.02
CA VAL C 157 -3.18 -46.87 -0.41
C VAL C 157 -3.07 -48.35 -0.78
N LEU C 158 -3.17 -49.26 0.19
CA LEU C 158 -3.48 -50.69 -0.06
C LEU C 158 -2.45 -51.39 -0.96
N TYR C 159 -1.16 -51.19 -0.69
CA TYR C 159 -0.12 -51.79 -1.54
C TYR C 159 -0.20 -53.31 -1.51
N PRO C 160 -0.18 -53.99 -2.65
CA PRO C 160 0.07 -55.43 -2.65
C PRO C 160 1.57 -55.69 -2.59
N PRO C 161 1.99 -56.93 -2.25
CA PRO C 161 1.17 -58.09 -1.90
C PRO C 161 0.57 -58.05 -0.50
N LEU C 162 0.92 -57.07 0.32
CA LEU C 162 0.34 -57.02 1.66
C LEU C 162 -1.18 -56.95 1.60
N SER C 163 -1.72 -56.04 0.79
CA SER C 163 -3.18 -55.92 0.70
C SER C 163 -3.82 -57.18 0.14
N THR C 164 -3.17 -57.83 -0.82
CA THR C 164 -3.78 -59.02 -1.41
C THR C 164 -3.62 -60.26 -0.54
N SER C 165 -2.71 -60.24 0.44
CA SER C 165 -2.51 -61.38 1.31
C SER C 165 -3.15 -61.22 2.69
N GLU C 166 -3.64 -60.03 3.03
CA GLU C 166 -4.26 -59.82 4.33
C GLU C 166 -5.42 -60.80 4.52
N SER C 167 -5.40 -61.55 5.62
CA SER C 167 -6.43 -62.55 5.81
C SER C 167 -7.76 -61.88 6.14
N GLY C 168 -8.83 -62.68 6.08
CA GLY C 168 -10.16 -62.18 6.31
C GLY C 168 -10.73 -61.49 5.09
N TYR C 169 -11.88 -60.84 5.30
CA TYR C 169 -12.54 -60.09 4.24
C TYR C 169 -12.70 -58.61 4.58
N SER C 170 -12.17 -58.17 5.72
CA SER C 170 -12.12 -56.75 6.06
C SER C 170 -11.63 -55.90 4.88
N THR C 171 -10.54 -56.34 4.24
CA THR C 171 -9.95 -55.58 3.12
C THR C 171 -10.89 -55.53 1.91
N ASP C 172 -11.67 -56.59 1.66
CA ASP C 172 -12.63 -56.51 0.57
C ASP C 172 -13.70 -55.48 0.85
N LEU C 173 -14.13 -55.36 2.11
CA LEU C 173 -15.10 -54.32 2.48
C LEU C 173 -14.51 -52.93 2.28
N ALA C 174 -13.23 -52.74 2.61
CA ALA C 174 -12.59 -51.45 2.40
C ALA C 174 -12.52 -51.12 0.92
N ILE C 175 -12.27 -52.12 0.07
CA ILE C 175 -12.23 -51.89 -1.37
C ILE C 175 -13.62 -51.50 -1.89
N PHE C 176 -14.67 -52.16 -1.38
CA PHE C 176 -16.02 -51.78 -1.78
C PHE C 176 -16.34 -50.37 -1.31
N ALA C 177 -15.96 -50.04 -0.08
CA ALA C 177 -16.17 -48.68 0.43
C ALA C 177 -15.58 -47.65 -0.51
N VAL C 178 -14.36 -47.90 -1.00
CA VAL C 178 -13.70 -46.94 -1.87
C VAL C 178 -14.39 -46.90 -3.24
N HIS C 179 -14.89 -48.05 -3.71
CA HIS C 179 -15.70 -48.09 -4.92
C HIS C 179 -16.92 -47.17 -4.80
N LEU C 180 -17.65 -47.29 -3.69
CA LEU C 180 -18.83 -46.46 -3.48
C LEU C 180 -18.49 -44.97 -3.38
N SER C 181 -17.33 -44.65 -2.80
CA SER C 181 -16.92 -43.25 -2.70
C SER C 181 -16.55 -42.71 -4.08
N GLY C 182 -15.89 -43.53 -4.89
CA GLY C 182 -15.57 -43.11 -6.24
C GLY C 182 -16.82 -42.87 -7.07
N ALA C 183 -17.83 -43.73 -6.90
CA ALA C 183 -19.09 -43.56 -7.63
C ALA C 183 -19.79 -42.26 -7.22
N SER C 184 -19.85 -41.99 -5.92
CA SER C 184 -20.45 -40.75 -5.42
C SER C 184 -19.73 -39.53 -6.00
N SER C 185 -18.39 -39.57 -6.07
CA SER C 185 -17.60 -38.47 -6.61
C SER C 185 -17.86 -38.29 -8.10
N ILE C 186 -17.97 -39.39 -8.84
CA ILE C 186 -18.15 -39.28 -10.28
C ILE C 186 -19.53 -38.73 -10.61
N LEU C 187 -20.56 -39.21 -9.89
CA LEU C 187 -21.90 -38.65 -10.04
C LEU C 187 -21.88 -37.15 -9.73
N GLY C 188 -21.31 -36.79 -8.58
CA GLY C 188 -21.13 -35.38 -8.27
C GLY C 188 -20.46 -34.61 -9.39
N ALA C 189 -19.37 -35.17 -9.93
CA ALA C 189 -18.62 -34.47 -10.97
C ALA C 189 -19.43 -34.27 -12.24
N ILE C 190 -20.19 -35.29 -12.65
CA ILE C 190 -21.04 -35.15 -13.84
C ILE C 190 -22.05 -34.03 -13.63
N ASN C 191 -22.69 -34.00 -12.46
CA ASN C 191 -23.62 -32.93 -12.13
C ASN C 191 -22.94 -31.56 -12.16
N MET C 192 -21.77 -31.43 -11.52
CA MET C 192 -21.05 -30.15 -11.50
C MET C 192 -20.80 -29.65 -12.92
N ILE C 193 -20.31 -30.52 -13.80
CA ILE C 193 -19.87 -30.08 -15.12
C ILE C 193 -21.07 -29.73 -16.00
N THR C 194 -22.11 -30.57 -15.97
CA THR C 194 -23.31 -30.26 -16.76
C THR C 194 -23.95 -28.96 -16.29
N THR C 195 -24.10 -28.80 -14.97
CA THR C 195 -24.69 -27.58 -14.42
C THR C 195 -23.87 -26.34 -14.77
N PHE C 196 -22.55 -26.43 -14.62
CA PHE C 196 -21.67 -25.29 -14.93
C PHE C 196 -21.76 -24.89 -16.39
N LEU C 197 -21.87 -25.89 -17.29
CA LEU C 197 -21.79 -25.60 -18.72
C LEU C 197 -23.12 -25.15 -19.31
N ASN C 198 -24.23 -25.68 -18.79
CA ASN C 198 -25.53 -25.54 -19.44
C ASN C 198 -26.52 -24.66 -18.71
N MET C 199 -26.33 -24.41 -17.41
CA MET C 199 -27.36 -23.77 -16.60
C MET C 199 -26.89 -22.47 -15.99
N ARG C 200 -25.79 -21.92 -16.47
CA ARG C 200 -25.40 -20.57 -16.10
C ARG C 200 -26.51 -19.57 -16.43
N ALA C 201 -26.62 -18.54 -15.60
CA ALA C 201 -27.56 -17.47 -15.89
C ALA C 201 -27.22 -16.85 -17.25
N PRO C 202 -28.21 -16.54 -18.08
CA PRO C 202 -27.93 -15.80 -19.31
C PRO C 202 -27.33 -14.46 -18.97
N GLY C 203 -26.28 -14.06 -19.69
CA GLY C 203 -25.63 -12.83 -19.35
C GLY C 203 -24.50 -12.97 -18.36
N MET C 204 -24.39 -14.11 -17.68
CA MET C 204 -23.17 -14.39 -16.93
C MET C 204 -22.17 -15.00 -17.91
N THR C 205 -21.32 -14.13 -18.45
CA THR C 205 -20.18 -14.60 -19.23
C THR C 205 -19.35 -15.58 -18.42
N MET C 206 -18.66 -16.48 -19.13
CA MET C 206 -17.80 -17.44 -18.43
C MET C 206 -16.67 -16.75 -17.68
N HIS C 207 -16.30 -15.54 -18.09
CA HIS C 207 -15.28 -14.78 -17.40
C HIS C 207 -15.86 -13.87 -16.32
N LYS C 208 -17.12 -14.07 -15.94
CA LYS C 208 -17.69 -13.50 -14.73
C LYS C 208 -18.08 -14.57 -13.72
N VAL C 209 -17.78 -15.83 -14.01
CA VAL C 209 -18.02 -16.91 -13.05
C VAL C 209 -17.13 -16.70 -11.82
N PRO C 210 -17.67 -16.75 -10.61
CA PRO C 210 -16.82 -16.59 -9.42
C PRO C 210 -15.78 -17.70 -9.34
N LEU C 211 -14.65 -17.38 -8.69
CA LEU C 211 -13.52 -18.30 -8.62
C LEU C 211 -13.88 -19.62 -7.95
N PHE C 212 -14.76 -19.61 -6.94
CA PHE C 212 -15.13 -20.86 -6.29
C PHE C 212 -15.83 -21.81 -7.24
N ALA C 213 -16.71 -21.26 -8.10
CA ALA C 213 -17.40 -22.11 -9.07
C ALA C 213 -16.41 -22.67 -10.09
N TRP C 214 -15.42 -21.87 -10.48
CA TRP C 214 -14.35 -22.36 -11.35
C TRP C 214 -13.59 -23.52 -10.70
N SER C 215 -13.24 -23.37 -9.41
CA SER C 215 -12.46 -24.40 -8.73
C SER C 215 -13.23 -25.71 -8.63
N ILE C 216 -14.54 -25.61 -8.40
CA ILE C 216 -15.39 -26.80 -8.38
C ILE C 216 -15.48 -27.42 -9.77
N PHE C 217 -15.47 -26.58 -10.82
CA PHE C 217 -15.53 -27.08 -12.19
C PHE C 217 -14.26 -27.84 -12.56
N VAL C 218 -13.09 -27.24 -12.31
CA VAL C 218 -11.81 -27.92 -12.57
C VAL C 218 -11.73 -29.22 -11.77
N THR C 219 -12.02 -29.15 -10.47
CA THR C 219 -12.01 -30.34 -9.61
C THR C 219 -12.86 -31.45 -10.20
N ALA C 220 -14.03 -31.10 -10.74
CA ALA C 220 -14.92 -32.13 -11.29
C ALA C 220 -14.28 -32.87 -12.45
N TRP C 221 -13.53 -32.16 -13.29
CA TRP C 221 -12.84 -32.82 -14.40
C TRP C 221 -11.75 -33.76 -13.88
N LEU C 222 -10.97 -33.32 -12.89
CA LEU C 222 -9.95 -34.20 -12.31
C LEU C 222 -10.57 -35.48 -11.80
N ILE C 223 -11.74 -35.38 -11.15
CA ILE C 223 -12.42 -36.56 -10.63
C ILE C 223 -12.75 -37.54 -11.75
N LEU C 224 -13.20 -37.01 -12.90
CA LEU C 224 -13.64 -37.86 -14.00
C LEU C 224 -12.51 -38.72 -14.57
N LEU C 225 -11.29 -38.17 -14.60
CA LEU C 225 -10.15 -38.97 -15.07
C LEU C 225 -9.53 -39.82 -13.95
N ALA C 226 -9.46 -39.29 -12.72
CA ALA C 226 -8.69 -39.98 -11.70
C ALA C 226 -9.45 -41.17 -11.11
N LEU C 227 -10.72 -40.97 -10.77
CA LEU C 227 -11.45 -41.99 -10.03
C LEU C 227 -11.71 -43.28 -10.82
N PRO C 228 -11.96 -43.21 -12.14
CA PRO C 228 -12.06 -44.48 -12.90
C PRO C 228 -10.78 -45.30 -12.86
N VAL C 229 -9.62 -44.64 -12.87
CA VAL C 229 -8.36 -45.37 -12.83
C VAL C 229 -8.17 -46.03 -11.45
N LEU C 230 -8.57 -45.33 -10.38
CA LEU C 230 -8.56 -45.96 -9.06
C LEU C 230 -9.46 -47.18 -9.03
N ALA C 231 -10.64 -47.09 -9.67
CA ALA C 231 -11.56 -48.22 -9.72
C ALA C 231 -10.91 -49.42 -10.40
N GLY C 232 -10.10 -49.17 -11.43
CA GLY C 232 -9.35 -50.25 -12.04
C GLY C 232 -8.34 -50.87 -11.08
N ALA C 233 -7.56 -50.03 -10.39
CA ALA C 233 -6.53 -50.51 -9.49
C ALA C 233 -7.11 -51.39 -8.38
N ILE C 234 -8.17 -50.92 -7.70
CA ILE C 234 -8.68 -51.67 -6.56
C ILE C 234 -9.51 -52.87 -6.99
N THR C 235 -10.03 -52.89 -8.22
CA THR C 235 -10.69 -54.10 -8.70
C THR C 235 -9.67 -55.19 -9.01
N MET C 236 -8.49 -54.80 -9.51
CA MET C 236 -7.41 -55.75 -9.69
C MET C 236 -6.95 -56.35 -8.36
N LEU C 237 -6.93 -55.54 -7.29
CA LEU C 237 -6.69 -56.09 -5.96
C LEU C 237 -7.78 -57.09 -5.59
N LEU C 238 -9.04 -56.73 -5.84
CA LEU C 238 -10.16 -57.58 -5.45
C LEU C 238 -10.10 -58.92 -6.19
N THR C 239 -9.67 -58.92 -7.46
CA THR C 239 -9.60 -60.18 -8.19
C THR C 239 -8.37 -61.00 -7.83
N ASP C 240 -7.24 -60.33 -7.51
CA ASP C 240 -6.10 -61.05 -6.95
C ASP C 240 -6.48 -61.73 -5.63
N ARG C 241 -7.33 -61.07 -4.83
CA ARG C 241 -7.72 -61.63 -3.55
C ARG C 241 -8.70 -62.79 -3.72
N ASN C 242 -9.65 -62.69 -4.66
CA ASN C 242 -10.82 -63.56 -4.65
C ASN C 242 -11.05 -64.36 -5.92
N PHE C 243 -10.55 -63.93 -7.08
CA PHE C 243 -10.88 -64.54 -8.34
C PHE C 243 -9.66 -65.05 -9.11
N GLY C 244 -8.57 -65.33 -8.40
CA GLY C 244 -7.44 -66.06 -8.96
C GLY C 244 -6.60 -65.29 -9.96
N THR C 245 -6.86 -64.00 -10.17
CA THR C 245 -5.97 -63.26 -11.03
C THR C 245 -4.60 -63.09 -10.36
N THR C 246 -3.63 -62.71 -11.15
CA THR C 246 -2.26 -62.67 -10.69
C THR C 246 -1.58 -61.35 -11.09
N PHE C 247 -2.35 -60.25 -11.09
CA PHE C 247 -1.86 -58.96 -11.56
C PHE C 247 -0.63 -58.49 -10.79
N PHE C 248 -0.62 -58.69 -9.47
CA PHE C 248 0.44 -58.12 -8.63
C PHE C 248 1.23 -59.19 -7.89
N GLN C 249 1.08 -60.47 -8.27
CA GLN C 249 1.78 -61.56 -7.60
C GLN C 249 2.89 -62.08 -8.51
N PRO C 250 4.16 -61.96 -8.11
CA PRO C 250 5.25 -62.38 -9.00
C PRO C 250 5.20 -63.86 -9.38
N SER C 251 4.73 -64.73 -8.48
CA SER C 251 4.63 -66.15 -8.80
C SER C 251 3.79 -66.40 -10.05
N GLY C 252 2.84 -65.52 -10.34
CA GLY C 252 2.04 -65.67 -11.54
C GLY C 252 2.47 -64.73 -12.65
N GLY C 253 3.70 -64.22 -12.56
CA GLY C 253 4.17 -63.27 -13.55
C GLY C 253 3.78 -61.81 -13.29
N GLY C 254 3.04 -61.53 -12.22
CA GLY C 254 2.61 -60.18 -11.92
C GLY C 254 3.71 -59.33 -11.29
N ASP C 255 3.35 -58.08 -11.01
CA ASP C 255 4.34 -57.13 -10.49
C ASP C 255 3.67 -56.17 -9.51
N PRO C 256 4.05 -56.20 -8.22
CA PRO C 256 3.41 -55.27 -7.25
C PRO C 256 3.59 -53.81 -7.62
N VAL C 257 4.69 -53.44 -8.28
CA VAL C 257 4.93 -52.04 -8.60
C VAL C 257 3.95 -51.54 -9.65
N LEU C 258 3.42 -52.42 -10.50
CA LEU C 258 2.40 -51.99 -11.44
C LEU C 258 1.21 -51.39 -10.71
N TYR C 259 0.80 -52.01 -9.59
CA TYR C 259 -0.29 -51.42 -8.79
C TYR C 259 0.03 -49.99 -8.39
N GLN C 260 1.28 -49.73 -8.01
CA GLN C 260 1.64 -48.38 -7.53
C GLN C 260 1.47 -47.34 -8.63
N HIS C 261 1.86 -47.67 -9.87
CA HIS C 261 1.66 -46.73 -10.97
C HIS C 261 0.19 -46.39 -11.15
N ILE C 262 -0.69 -47.40 -11.11
CA ILE C 262 -2.11 -47.17 -11.32
C ILE C 262 -2.72 -46.44 -10.12
N LEU C 263 -2.37 -46.88 -8.91
CA LEU C 263 -2.87 -46.21 -7.70
C LEU C 263 -2.46 -44.75 -7.69
N TRP C 264 -1.18 -44.46 -7.90
CA TRP C 264 -0.74 -43.07 -7.77
C TRP C 264 -1.16 -42.22 -8.96
N PHE C 265 -1.50 -42.83 -10.10
CA PHE C 265 -2.12 -42.06 -11.17
C PHE C 265 -3.41 -41.42 -10.69
N PHE C 266 -4.16 -42.13 -9.84
CA PHE C 266 -5.26 -41.50 -9.10
C PHE C 266 -4.75 -40.67 -7.93
N GLY C 267 -3.73 -41.19 -7.23
CA GLY C 267 -3.40 -40.69 -5.90
C GLY C 267 -2.82 -39.29 -5.86
N HIS C 268 -2.07 -38.90 -6.90
CA HIS C 268 -1.71 -37.50 -6.82
C HIS C 268 -2.88 -36.59 -7.18
N PRO C 269 -3.59 -36.81 -8.29
CA PRO C 269 -4.79 -35.99 -8.56
C PRO C 269 -5.72 -35.85 -7.37
N GLU C 270 -5.88 -36.92 -6.57
CA GLU C 270 -6.70 -36.88 -5.37
C GLU C 270 -6.39 -35.67 -4.50
N VAL C 271 -5.11 -35.31 -4.36
CA VAL C 271 -4.80 -34.22 -3.44
C VAL C 271 -5.07 -32.85 -4.06
N TYR C 272 -5.05 -32.74 -5.40
CA TYR C 272 -5.46 -31.50 -6.04
C TYR C 272 -6.99 -31.41 -6.11
N ILE C 273 -7.67 -32.56 -6.15
CA ILE C 273 -9.11 -32.60 -5.97
C ILE C 273 -9.49 -32.08 -4.58
N ILE C 274 -8.70 -32.45 -3.57
CA ILE C 274 -8.92 -31.95 -2.22
C ILE C 274 -8.76 -30.43 -2.18
N VAL C 275 -7.66 -29.92 -2.74
CA VAL C 275 -7.26 -28.56 -2.37
C VAL C 275 -7.85 -27.49 -3.27
N LEU C 276 -8.22 -27.81 -4.51
CA LEU C 276 -8.73 -26.79 -5.43
C LEU C 276 -9.96 -26.07 -4.88
N PRO C 277 -11.00 -26.76 -4.37
CA PRO C 277 -12.13 -26.00 -3.78
C PRO C 277 -11.72 -25.14 -2.60
N ALA C 278 -10.70 -25.53 -1.83
CA ALA C 278 -10.18 -24.66 -0.78
C ALA C 278 -9.57 -23.39 -1.35
N PHE C 279 -8.87 -23.49 -2.48
CA PHE C 279 -8.37 -22.31 -3.17
C PHE C 279 -9.53 -21.37 -3.52
N GLY C 280 -10.63 -21.93 -4.04
CA GLY C 280 -11.76 -21.11 -4.42
C GLY C 280 -12.38 -20.37 -3.25
N ILE C 281 -12.56 -21.08 -2.12
CA ILE C 281 -13.08 -20.46 -0.90
C ILE C 281 -12.15 -19.34 -0.44
N VAL C 282 -10.85 -19.61 -0.45
CA VAL C 282 -9.87 -18.60 0.01
C VAL C 282 -9.97 -17.34 -0.85
N SER C 283 -10.23 -17.52 -2.15
CA SER C 283 -10.37 -16.37 -3.04
C SER C 283 -11.58 -15.52 -2.66
N HIS C 284 -12.72 -16.16 -2.37
CA HIS C 284 -13.91 -15.41 -1.97
C HIS C 284 -13.72 -14.71 -0.63
N VAL C 285 -13.08 -15.40 0.32
CA VAL C 285 -12.97 -14.87 1.68
C VAL C 285 -12.01 -13.68 1.72
N ILE C 286 -10.86 -13.81 1.06
CA ILE C 286 -9.86 -12.75 1.09
C ILE C 286 -10.39 -11.50 0.39
N ALA C 287 -11.06 -11.67 -0.75
CA ALA C 287 -11.66 -10.52 -1.43
C ALA C 287 -12.67 -9.82 -0.53
N THR C 288 -13.48 -10.58 0.21
CA THR C 288 -14.48 -9.97 1.07
C THR C 288 -13.85 -9.17 2.21
N PHE C 289 -12.87 -9.75 2.91
CA PHE C 289 -12.37 -9.12 4.11
C PHE C 289 -11.15 -8.24 3.86
N ALA C 290 -10.54 -8.33 2.68
CA ALA C 290 -9.67 -7.24 2.25
C ALA C 290 -10.45 -6.11 1.60
N LYS C 291 -11.76 -6.28 1.39
CA LYS C 291 -12.64 -5.29 0.78
C LYS C 291 -12.07 -4.80 -0.54
N LYS C 292 -11.72 -5.75 -1.41
CA LYS C 292 -10.96 -5.43 -2.59
C LYS C 292 -11.17 -6.56 -3.58
N PRO C 293 -11.36 -6.28 -4.87
CA PRO C 293 -11.58 -7.37 -5.82
C PRO C 293 -10.36 -8.26 -5.91
N ILE C 294 -10.59 -9.52 -6.26
CA ILE C 294 -9.51 -10.49 -6.31
C ILE C 294 -8.49 -10.05 -7.37
N PHE C 295 -7.22 -10.05 -6.98
CA PHE C 295 -6.13 -9.71 -7.88
C PHE C 295 -5.94 -10.81 -8.93
N GLY C 296 -5.80 -10.40 -10.19
CA GLY C 296 -5.46 -11.32 -11.26
C GLY C 296 -6.47 -12.44 -11.46
N TYR C 297 -7.73 -12.08 -11.75
CA TYR C 297 -8.79 -13.08 -11.86
C TYR C 297 -8.46 -14.15 -12.89
N LEU C 298 -8.02 -13.74 -14.08
CA LEU C 298 -7.77 -14.73 -15.14
C LEU C 298 -6.55 -15.60 -14.83
N PRO C 299 -5.41 -15.06 -14.38
CA PRO C 299 -4.35 -15.96 -13.90
C PRO C 299 -4.81 -16.92 -12.82
N MET C 300 -5.69 -16.47 -11.92
CA MET C 300 -6.22 -17.36 -10.89
C MET C 300 -6.93 -18.57 -11.49
N VAL C 301 -7.69 -18.36 -12.58
CA VAL C 301 -8.45 -19.45 -13.16
C VAL C 301 -7.48 -20.37 -13.91
N TYR C 302 -6.56 -19.77 -14.68
CA TYR C 302 -5.61 -20.55 -15.47
C TYR C 302 -4.64 -21.31 -14.58
N ALA C 303 -4.23 -20.70 -13.46
CA ALA C 303 -3.37 -21.39 -12.50
C ALA C 303 -4.03 -22.67 -12.00
N MET C 304 -5.32 -22.61 -11.67
CA MET C 304 -6.03 -23.81 -11.22
C MET C 304 -6.13 -24.86 -12.31
N VAL C 305 -6.34 -24.42 -13.57
CA VAL C 305 -6.33 -25.38 -14.67
C VAL C 305 -4.94 -25.98 -14.84
N ALA C 306 -3.89 -25.14 -14.76
CA ALA C 306 -2.53 -25.62 -14.91
C ALA C 306 -2.18 -26.64 -13.81
N ILE C 307 -2.52 -26.31 -12.57
CA ILE C 307 -2.30 -27.23 -11.45
C ILE C 307 -3.03 -28.55 -11.68
N GLY C 308 -4.28 -28.48 -12.15
CA GLY C 308 -5.05 -29.70 -12.39
C GLY C 308 -4.49 -30.58 -13.49
N VAL C 309 -3.92 -29.96 -14.53
CA VAL C 309 -3.33 -30.71 -15.63
C VAL C 309 -1.99 -31.32 -15.21
N LEU C 310 -1.10 -30.49 -14.66
CA LEU C 310 0.19 -30.98 -14.17
C LEU C 310 0.01 -32.10 -13.14
N GLY C 311 -1.06 -32.04 -12.34
CA GLY C 311 -1.31 -33.05 -11.32
C GLY C 311 -1.48 -34.45 -11.84
N PHE C 312 -1.64 -34.61 -13.17
CA PHE C 312 -1.80 -35.93 -13.77
C PHE C 312 -0.50 -36.47 -14.37
N VAL C 313 0.60 -35.73 -14.30
CA VAL C 313 1.83 -36.21 -14.95
C VAL C 313 2.98 -36.25 -13.95
N VAL C 314 2.69 -36.40 -12.65
CA VAL C 314 3.75 -36.32 -11.64
C VAL C 314 3.73 -37.52 -10.68
N TRP C 315 2.88 -38.51 -10.95
CA TRP C 315 2.48 -39.47 -9.92
C TRP C 315 3.67 -40.24 -9.32
N ALA C 316 4.71 -40.51 -10.10
CA ALA C 316 5.77 -41.37 -9.62
C ALA C 316 6.71 -40.69 -8.62
N HIS C 317 6.44 -39.43 -8.23
CA HIS C 317 7.20 -38.91 -7.10
C HIS C 317 6.81 -39.61 -5.80
N HIS C 318 5.78 -40.46 -5.82
CA HIS C 318 5.43 -41.36 -4.71
C HIS C 318 6.16 -42.69 -4.79
N MET C 319 7.10 -42.84 -5.73
CA MET C 319 7.69 -44.15 -6.04
C MET C 319 9.19 -44.06 -6.26
N TYR C 320 9.85 -43.01 -5.76
CA TYR C 320 11.28 -42.81 -6.00
C TYR C 320 12.14 -43.95 -5.45
N THR C 321 11.69 -44.65 -4.41
CA THR C 321 12.46 -45.75 -3.85
C THR C 321 11.90 -47.10 -4.23
N ALA C 322 10.93 -47.13 -5.15
CA ALA C 322 10.27 -48.38 -5.51
C ALA C 322 10.94 -49.10 -6.67
N GLY C 323 12.10 -48.63 -7.13
CA GLY C 323 12.76 -49.27 -8.26
C GLY C 323 12.62 -48.56 -9.59
N LEU C 324 12.36 -47.26 -9.61
CA LEU C 324 12.28 -46.51 -10.85
C LEU C 324 13.66 -46.25 -11.42
N SER C 325 13.74 -46.22 -12.75
CA SER C 325 14.99 -45.88 -13.41
C SER C 325 15.39 -44.45 -13.08
N LEU C 326 16.68 -44.18 -13.22
CA LEU C 326 17.16 -42.83 -12.98
C LEU C 326 16.55 -41.83 -13.96
N THR C 327 16.19 -42.30 -15.17
CA THR C 327 15.53 -41.45 -16.14
C THR C 327 14.12 -41.08 -15.69
N GLN C 328 13.36 -42.05 -15.19
CA GLN C 328 12.03 -41.75 -14.68
C GLN C 328 12.10 -40.86 -13.45
N GLN C 329 13.02 -41.13 -12.53
CA GLN C 329 13.16 -40.29 -11.34
C GLN C 329 13.48 -38.85 -11.72
N SER C 330 14.32 -38.64 -12.73
CA SER C 330 14.68 -37.28 -13.12
C SER C 330 13.50 -36.56 -13.79
N TYR C 331 12.74 -37.26 -14.64
CA TYR C 331 11.58 -36.64 -15.27
C TYR C 331 10.55 -36.24 -14.22
N PHE C 332 10.11 -37.22 -13.42
CA PHE C 332 9.03 -36.95 -12.48
C PHE C 332 9.43 -35.88 -11.48
N MET C 333 10.72 -35.82 -11.13
CA MET C 333 11.23 -34.77 -10.27
C MET C 333 11.05 -33.39 -10.89
N MET C 334 11.42 -33.24 -12.16
CA MET C 334 11.36 -31.93 -12.79
C MET C 334 9.91 -31.54 -13.11
N ALA C 335 9.11 -32.48 -13.58
CA ALA C 335 7.69 -32.20 -13.78
C ALA C 335 7.03 -31.74 -12.48
N THR C 336 7.31 -32.45 -11.37
CA THR C 336 6.70 -32.09 -10.09
C THR C 336 7.07 -30.67 -9.69
N MET C 337 8.32 -30.26 -9.92
CA MET C 337 8.75 -28.92 -9.55
C MET C 337 7.95 -27.83 -10.26
N VAL C 338 7.46 -28.11 -11.46
CA VAL C 338 6.74 -27.10 -12.24
C VAL C 338 5.51 -26.60 -11.50
N ILE C 339 4.83 -27.50 -10.76
CA ILE C 339 3.60 -27.14 -10.06
C ILE C 339 3.79 -25.96 -9.11
N ALA C 340 5.01 -25.72 -8.63
CA ALA C 340 5.24 -24.58 -7.74
C ALA C 340 4.93 -23.25 -8.43
N VAL C 341 5.05 -23.19 -9.77
CA VAL C 341 4.93 -21.90 -10.45
C VAL C 341 3.47 -21.45 -10.48
N PRO C 342 2.50 -22.22 -11.01
CA PRO C 342 1.10 -21.74 -10.91
C PRO C 342 0.62 -21.60 -9.48
N THR C 343 1.08 -22.47 -8.57
CA THR C 343 0.68 -22.34 -7.16
C THR C 343 1.23 -21.05 -6.56
N GLY C 344 2.49 -20.71 -6.85
CA GLY C 344 3.03 -19.45 -6.39
C GLY C 344 2.28 -18.24 -6.92
N ILE C 345 1.79 -18.33 -8.16
CA ILE C 345 1.00 -17.23 -8.71
C ILE C 345 -0.26 -17.02 -7.89
N LYS C 346 -0.88 -18.11 -7.43
CA LYS C 346 -2.07 -17.95 -6.61
C LYS C 346 -1.72 -17.40 -5.23
N ILE C 347 -0.63 -17.86 -4.63
CA ILE C 347 -0.22 -17.35 -3.31
C ILE C 347 0.07 -15.85 -3.40
N PHE C 348 0.86 -15.44 -4.38
CA PHE C 348 1.23 -14.03 -4.50
C PHE C 348 0.02 -13.17 -4.87
N SER C 349 -0.91 -13.71 -5.67
CA SER C 349 -2.12 -12.97 -6.04
C SER C 349 -3.05 -12.79 -4.85
N TRP C 350 -3.06 -13.73 -3.91
CA TRP C 350 -3.83 -13.52 -2.68
C TRP C 350 -3.21 -12.41 -1.83
N ILE C 351 -1.87 -12.35 -1.76
CA ILE C 351 -1.23 -11.28 -1.00
C ILE C 351 -1.46 -9.94 -1.69
N ALA C 352 -1.43 -9.93 -3.02
CA ALA C 352 -1.68 -8.70 -3.76
C ALA C 352 -3.10 -8.22 -3.60
N THR C 353 -4.06 -9.14 -3.39
CA THR C 353 -5.43 -8.74 -3.09
C THR C 353 -5.52 -7.98 -1.76
N MET C 354 -4.81 -8.45 -0.74
CA MET C 354 -4.78 -7.73 0.54
C MET C 354 -4.07 -6.39 0.41
N TRP C 355 -3.08 -6.31 -0.47
CA TRP C 355 -2.27 -5.11 -0.62
C TRP C 355 -3.14 -3.94 -1.10
N GLY C 356 -3.18 -2.87 -0.32
CA GLY C 356 -4.02 -1.74 -0.65
C GLY C 356 -5.49 -1.91 -0.32
N GLY C 357 -5.84 -3.01 0.36
CA GLY C 357 -7.20 -3.21 0.84
C GLY C 357 -7.44 -2.52 2.16
N SER C 358 -8.56 -2.87 2.77
CA SER C 358 -8.95 -2.36 4.10
C SER C 358 -9.32 -3.61 4.88
N ILE C 359 -8.36 -4.19 5.57
CA ILE C 359 -8.44 -5.58 5.99
C ILE C 359 -9.19 -5.69 7.31
N GLU C 360 -10.21 -6.54 7.33
CA GLU C 360 -11.00 -6.83 8.51
C GLU C 360 -10.67 -8.23 9.02
N LEU C 361 -10.19 -8.32 10.25
CA LEU C 361 -9.68 -9.59 10.78
C LEU C 361 -10.77 -10.39 11.50
N LYS C 362 -11.92 -10.57 10.85
CA LYS C 362 -12.93 -11.47 11.40
C LYS C 362 -12.54 -12.92 11.14
N THR C 363 -13.21 -13.83 11.86
CA THR C 363 -12.82 -15.24 11.88
C THR C 363 -12.57 -15.86 10.51
N PRO C 364 -13.46 -15.72 9.50
CA PRO C 364 -13.14 -16.34 8.20
C PRO C 364 -11.84 -15.84 7.61
N MET C 365 -11.51 -14.57 7.83
CA MET C 365 -10.26 -14.03 7.30
C MET C 365 -9.05 -14.60 8.04
N LEU C 366 -9.19 -14.87 9.34
CA LEU C 366 -8.12 -15.54 10.08
C LEU C 366 -7.82 -16.91 9.49
N TRP C 367 -8.86 -17.69 9.21
CA TRP C 367 -8.65 -18.99 8.58
C TRP C 367 -7.94 -18.87 7.23
N ALA C 368 -8.33 -17.88 6.43
CA ALA C 368 -7.74 -17.71 5.10
C ALA C 368 -6.29 -17.26 5.18
N LEU C 369 -5.97 -16.34 6.11
CA LEU C 369 -4.59 -15.90 6.27
C LEU C 369 -3.72 -17.02 6.83
N GLY C 370 -4.27 -17.79 7.76
CA GLY C 370 -3.56 -18.98 8.23
C GLY C 370 -3.28 -19.94 7.09
N PHE C 371 -4.26 -20.12 6.20
CA PHE C 371 -4.06 -20.98 5.03
C PHE C 371 -2.87 -20.52 4.20
N LEU C 372 -2.79 -19.21 3.92
CA LEU C 372 -1.72 -18.67 3.08
C LEU C 372 -0.34 -19.06 3.63
N PHE C 373 -0.17 -18.88 4.94
CA PHE C 373 1.12 -19.14 5.59
C PHE C 373 1.39 -20.65 5.67
N LEU C 374 0.40 -21.42 6.13
CA LEU C 374 0.61 -22.83 6.41
C LEU C 374 0.60 -23.69 5.14
N PHE C 375 -0.21 -23.34 4.14
CA PHE C 375 -0.12 -24.06 2.88
C PHE C 375 1.24 -23.83 2.24
N THR C 376 1.83 -22.65 2.41
CA THR C 376 3.18 -22.40 1.90
C THR C 376 4.20 -23.29 2.60
N VAL C 377 4.12 -23.40 3.94
CA VAL C 377 5.02 -24.30 4.66
C VAL C 377 4.91 -25.71 4.12
N GLY C 378 3.69 -26.21 3.95
CA GLY C 378 3.51 -27.55 3.42
C GLY C 378 3.94 -27.68 1.97
N GLY C 379 3.67 -26.65 1.17
CA GLY C 379 4.01 -26.70 -0.24
C GLY C 379 5.50 -26.74 -0.49
N VAL C 380 6.29 -25.99 0.30
CA VAL C 380 7.74 -25.97 0.07
C VAL C 380 8.38 -27.29 0.53
N THR C 381 7.85 -27.96 1.57
CA THR C 381 8.38 -29.28 1.90
C THR C 381 7.97 -30.29 0.84
N GLY C 382 6.85 -30.06 0.16
CA GLY C 382 6.54 -30.85 -1.03
C GLY C 382 7.62 -30.74 -2.09
N ILE C 383 8.15 -29.52 -2.29
CA ILE C 383 9.23 -29.33 -3.26
C ILE C 383 10.52 -30.02 -2.79
N VAL C 384 10.83 -29.96 -1.48
CA VAL C 384 11.96 -30.74 -0.97
C VAL C 384 11.80 -32.21 -1.36
N LEU C 385 10.59 -32.74 -1.17
CA LEU C 385 10.34 -34.17 -1.41
C LEU C 385 10.41 -34.54 -2.89
N SER C 386 10.13 -33.57 -3.79
CA SER C 386 10.19 -33.83 -5.21
C SER C 386 11.62 -34.14 -5.67
N GLN C 387 12.61 -33.65 -4.93
CA GLN C 387 14.02 -33.95 -5.18
C GLN C 387 14.31 -35.39 -4.76
N ALA C 388 14.29 -36.31 -5.74
CA ALA C 388 14.44 -37.74 -5.48
C ALA C 388 15.66 -38.06 -4.63
N SER C 389 16.76 -37.31 -4.78
CA SER C 389 17.97 -37.65 -4.04
C SER C 389 17.86 -37.30 -2.56
N VAL C 390 17.03 -36.30 -2.21
CA VAL C 390 16.73 -36.02 -0.80
C VAL C 390 15.60 -36.91 -0.30
N ASP C 391 14.62 -37.17 -1.16
CA ASP C 391 13.55 -38.09 -0.81
C ASP C 391 14.07 -39.49 -0.49
N ARG C 392 15.27 -39.85 -1.00
CA ARG C 392 15.85 -41.13 -0.61
C ARG C 392 15.89 -41.24 0.90
N TYR C 393 16.19 -40.13 1.57
CA TYR C 393 16.22 -40.11 3.03
C TYR C 393 14.81 -39.96 3.61
N TYR C 394 14.02 -39.03 3.07
CA TYR C 394 12.74 -38.67 3.69
C TYR C 394 11.62 -39.66 3.40
N HIS C 395 11.72 -40.43 2.32
CA HIS C 395 10.59 -41.28 1.95
C HIS C 395 10.24 -42.24 3.07
N ASP C 396 8.94 -42.44 3.27
CA ASP C 396 8.41 -43.29 4.33
C ASP C 396 8.94 -42.88 5.71
N THR C 397 9.16 -41.58 5.93
CA THR C 397 9.43 -41.03 7.25
C THR C 397 8.40 -39.97 7.62
N TYR C 398 8.46 -39.52 8.87
CA TYR C 398 7.56 -38.50 9.36
C TYR C 398 7.78 -37.12 8.73
N TYR C 399 8.86 -36.90 7.99
CA TYR C 399 8.95 -35.65 7.22
C TYR C 399 7.85 -35.59 6.17
N VAL C 400 7.54 -36.73 5.55
CA VAL C 400 6.42 -36.78 4.61
C VAL C 400 5.11 -36.51 5.34
N VAL C 401 4.93 -37.14 6.51
CA VAL C 401 3.72 -36.92 7.31
C VAL C 401 3.56 -35.44 7.63
N ALA C 402 4.67 -34.77 7.95
CA ALA C 402 4.62 -33.35 8.24
C ALA C 402 4.17 -32.56 7.01
N HIS C 403 4.75 -32.87 5.85
CA HIS C 403 4.35 -32.24 4.61
C HIS C 403 2.84 -32.31 4.40
N PHE C 404 2.28 -33.53 4.38
CA PHE C 404 0.91 -33.61 3.92
C PHE C 404 -0.10 -33.21 4.97
N HIS C 405 0.27 -33.18 6.26
CA HIS C 405 -0.65 -32.57 7.21
C HIS C 405 -0.62 -31.05 7.12
N TYR C 406 0.50 -30.44 6.75
CA TYR C 406 0.48 -29.00 6.58
C TYR C 406 -0.42 -28.59 5.41
N VAL C 407 -0.34 -29.29 4.28
CA VAL C 407 -1.19 -28.88 3.15
C VAL C 407 -2.65 -29.33 3.35
N MET C 408 -2.89 -30.43 4.06
CA MET C 408 -4.26 -30.92 4.25
C MET C 408 -4.91 -30.42 5.54
N SER C 409 -4.30 -30.71 6.68
CA SER C 409 -4.92 -30.37 7.96
C SER C 409 -4.70 -28.91 8.34
N LEU C 410 -3.64 -28.28 7.83
CA LEU C 410 -3.41 -26.87 8.07
C LEU C 410 -3.68 -26.04 6.82
N GLY C 411 -4.16 -26.68 5.76
CA GLY C 411 -4.38 -26.03 4.50
C GLY C 411 -5.83 -26.23 4.08
N ALA C 412 -6.12 -27.37 3.45
CA ALA C 412 -7.49 -27.63 3.00
C ALA C 412 -8.50 -27.50 4.13
N VAL C 413 -8.15 -28.00 5.32
CA VAL C 413 -9.07 -27.94 6.45
C VAL C 413 -9.26 -26.49 6.93
N PHE C 414 -8.22 -25.66 6.86
CA PHE C 414 -8.40 -24.25 7.14
C PHE C 414 -9.36 -23.62 6.13
N GLY C 415 -9.32 -24.06 4.87
CA GLY C 415 -10.29 -23.61 3.89
C GLY C 415 -11.71 -24.02 4.26
N ILE C 416 -11.87 -25.25 4.75
CA ILE C 416 -13.19 -25.70 5.23
C ILE C 416 -13.69 -24.80 6.35
N PHE C 417 -12.83 -24.48 7.31
CA PHE C 417 -13.25 -23.61 8.41
C PHE C 417 -13.53 -22.20 7.93
N ALA C 418 -12.71 -21.68 7.01
CA ALA C 418 -13.02 -20.39 6.41
C ALA C 418 -14.41 -20.41 5.78
N GLY C 419 -14.75 -21.48 5.08
CA GLY C 419 -16.07 -21.60 4.47
C GLY C 419 -17.20 -21.67 5.48
N ILE C 420 -16.99 -22.41 6.57
CA ILE C 420 -18.04 -22.59 7.58
C ILE C 420 -18.39 -21.25 8.21
N TYR C 421 -17.37 -20.51 8.66
CA TYR C 421 -17.61 -19.22 9.29
C TYR C 421 -18.06 -18.17 8.27
N PHE C 422 -17.55 -18.25 7.04
CA PHE C 422 -17.99 -17.35 5.97
C PHE C 422 -19.49 -17.48 5.75
N TRP C 423 -20.01 -18.70 5.77
CA TRP C 423 -21.30 -19.00 5.16
C TRP C 423 -22.36 -19.55 6.12
N ILE C 424 -22.04 -19.82 7.39
CA ILE C 424 -23.04 -20.44 8.25
C ILE C 424 -24.24 -19.51 8.44
N GLY C 425 -24.00 -18.19 8.51
CA GLY C 425 -25.11 -17.25 8.56
C GLY C 425 -26.01 -17.36 7.35
N LYS C 426 -25.39 -17.43 6.16
CA LYS C 426 -26.16 -17.54 4.92
C LYS C 426 -26.93 -18.85 4.84
N MET C 427 -26.35 -19.95 5.33
CA MET C 427 -26.97 -21.26 5.19
C MET C 427 -28.07 -21.51 6.22
N SER C 428 -27.91 -20.97 7.43
CA SER C 428 -28.79 -21.31 8.54
C SER C 428 -29.72 -20.17 8.97
N GLY C 429 -29.41 -18.94 8.58
CA GLY C 429 -30.09 -17.78 9.13
C GLY C 429 -29.59 -17.36 10.48
N ARG C 430 -28.56 -18.01 11.00
CA ARG C 430 -28.00 -17.70 12.30
C ARG C 430 -26.51 -17.46 12.18
N GLN C 431 -26.00 -16.51 12.96
CA GLN C 431 -24.60 -16.12 12.91
C GLN C 431 -23.87 -16.68 14.12
N TYR C 432 -22.56 -16.99 13.92
CA TYR C 432 -21.70 -17.52 14.97
C TYR C 432 -21.23 -16.41 15.91
N PRO C 433 -20.96 -16.72 17.18
CA PRO C 433 -20.38 -15.72 18.08
C PRO C 433 -18.92 -15.46 17.73
N GLU C 434 -18.61 -14.19 17.47
CA GLU C 434 -17.31 -13.83 16.92
C GLU C 434 -16.16 -14.22 17.85
N TRP C 435 -16.33 -13.99 19.17
CA TRP C 435 -15.27 -14.34 20.11
C TRP C 435 -14.96 -15.83 20.07
N ALA C 436 -15.98 -16.66 19.84
CA ALA C 436 -15.78 -18.11 19.82
C ALA C 436 -15.07 -18.56 18.54
N GLY C 437 -15.44 -17.96 17.40
CA GLY C 437 -14.72 -18.22 16.17
C GLY C 437 -13.24 -17.91 16.28
N LYS C 438 -12.90 -16.76 16.88
CA LYS C 438 -11.50 -16.38 17.01
C LYS C 438 -10.77 -17.30 17.99
N LEU C 439 -11.43 -17.68 19.08
CA LEU C 439 -10.81 -18.58 20.05
C LEU C 439 -10.53 -19.94 19.40
N HIS C 440 -11.50 -20.46 18.65
CA HIS C 440 -11.32 -21.69 17.90
C HIS C 440 -10.10 -21.58 16.98
N PHE C 441 -10.04 -20.50 16.19
CA PHE C 441 -8.92 -20.31 15.27
C PHE C 441 -7.58 -20.38 16.00
N TRP C 442 -7.43 -19.63 17.09
CA TRP C 442 -6.12 -19.58 17.74
C TRP C 442 -5.77 -20.89 18.42
N MET C 443 -6.76 -21.57 18.99
CA MET C 443 -6.52 -22.90 19.56
C MET C 443 -6.04 -23.88 18.50
N MET C 444 -6.73 -23.91 17.35
CA MET C 444 -6.32 -24.78 16.26
C MET C 444 -4.95 -24.39 15.73
N PHE C 445 -4.69 -23.09 15.59
CA PHE C 445 -3.44 -22.63 15.00
C PHE C 445 -2.24 -23.02 15.85
N VAL C 446 -2.34 -22.82 17.17
CA VAL C 446 -1.26 -23.22 18.05
C VAL C 446 -1.17 -24.75 18.11
N GLY C 447 -2.32 -25.40 18.31
CA GLY C 447 -2.32 -26.85 18.48
C GLY C 447 -1.83 -27.60 17.26
N ALA C 448 -2.33 -27.23 16.07
CA ALA C 448 -1.97 -27.98 14.87
C ALA C 448 -0.50 -27.77 14.50
N ASN C 449 0.04 -26.57 14.73
CA ASN C 449 1.46 -26.34 14.48
C ASN C 449 2.33 -27.11 15.46
N LEU C 450 1.91 -27.19 16.75
CA LEU C 450 2.61 -28.02 17.73
C LEU C 450 2.53 -29.50 17.35
N THR C 451 1.45 -29.92 16.72
CA THR C 451 1.30 -31.32 16.34
C THR C 451 2.30 -31.70 15.25
N PHE C 452 2.32 -30.91 14.17
CA PHE C 452 2.95 -31.39 12.94
C PHE C 452 4.31 -30.79 12.65
N PHE C 453 4.59 -29.56 13.09
CA PHE C 453 5.93 -29.05 12.85
C PHE C 453 7.02 -29.92 13.45
N PRO C 454 6.89 -30.45 14.67
CA PRO C 454 7.96 -31.32 15.19
C PRO C 454 8.12 -32.61 14.42
N GLN C 455 7.13 -33.00 13.61
CA GLN C 455 7.28 -34.20 12.82
C GLN C 455 8.34 -34.03 11.72
N HIS C 456 8.65 -32.79 11.29
CA HIS C 456 9.81 -32.57 10.44
C HIS C 456 11.09 -33.06 11.13
N PHE C 457 11.22 -32.78 12.43
CA PHE C 457 12.39 -33.20 13.19
C PHE C 457 12.49 -34.72 13.26
N LEU C 458 11.38 -35.38 13.57
CA LEU C 458 11.36 -36.84 13.65
C LEU C 458 11.74 -37.48 12.33
N GLY C 459 11.20 -36.96 11.22
CA GLY C 459 11.56 -37.49 9.92
C GLY C 459 13.03 -37.26 9.60
N ARG C 460 13.53 -36.06 9.86
CA ARG C 460 14.97 -35.81 9.65
C ARG C 460 15.81 -36.72 10.53
N GLN C 461 15.31 -37.09 11.71
CA GLN C 461 16.01 -38.03 12.57
C GLN C 461 15.77 -39.47 12.19
N GLY C 462 14.92 -39.73 11.19
CA GLY C 462 14.77 -41.05 10.62
C GLY C 462 13.60 -41.87 11.14
N MET C 463 12.60 -41.25 11.76
CA MET C 463 11.46 -42.01 12.27
C MET C 463 10.57 -42.47 11.12
N PRO C 464 10.39 -43.77 10.92
CA PRO C 464 9.58 -44.24 9.80
C PRO C 464 8.09 -44.04 10.04
N ARG C 465 7.34 -44.03 8.93
CA ARG C 465 5.89 -44.04 8.98
C ARG C 465 5.36 -45.39 9.41
N ARG C 466 4.17 -45.36 10.02
CA ARG C 466 3.31 -46.54 10.24
C ARG C 466 3.86 -47.44 11.35
N TYR C 467 4.44 -46.82 12.37
CA TYR C 467 5.08 -47.49 13.50
C TYR C 467 4.29 -47.28 14.79
N ILE C 468 3.94 -48.40 15.44
CA ILE C 468 3.28 -48.36 16.76
C ILE C 468 4.24 -47.90 17.84
N ASP C 469 5.54 -48.10 17.65
CA ASP C 469 6.52 -47.84 18.69
C ASP C 469 7.83 -47.42 18.04
N TYR C 470 8.65 -46.72 18.82
CA TYR C 470 9.82 -46.07 18.25
C TYR C 470 10.98 -46.05 19.23
N PRO C 471 12.21 -45.98 18.72
CA PRO C 471 13.38 -45.86 19.62
C PRO C 471 13.28 -44.66 20.55
N GLU C 472 13.90 -44.83 21.72
CA GLU C 472 13.74 -43.88 22.82
C GLU C 472 14.12 -42.46 22.42
N ALA C 473 15.13 -42.29 21.57
CA ALA C 473 15.61 -40.96 21.22
C ALA C 473 14.55 -40.11 20.52
N PHE C 474 13.48 -40.70 19.98
CA PHE C 474 12.43 -39.94 19.31
C PHE C 474 11.40 -39.39 20.29
N ALA C 475 11.60 -39.57 21.60
CA ALA C 475 10.54 -39.31 22.59
C ALA C 475 10.16 -37.84 22.68
N THR C 476 11.14 -36.94 22.68
CA THR C 476 10.87 -35.53 22.93
C THR C 476 9.87 -34.96 21.94
N TRP C 477 10.16 -35.07 20.65
CA TRP C 477 9.28 -34.43 19.68
C TRP C 477 7.98 -35.19 19.46
N ASN C 478 7.95 -36.50 19.73
CA ASN C 478 6.67 -37.21 19.74
C ASN C 478 5.79 -36.76 20.90
N PHE C 479 6.40 -36.45 22.04
CA PHE C 479 5.64 -35.97 23.18
C PHE C 479 5.04 -34.59 22.88
N VAL C 480 5.84 -33.68 22.33
CA VAL C 480 5.34 -32.37 21.93
C VAL C 480 4.23 -32.51 20.89
N SER C 481 4.42 -33.38 19.90
CA SER C 481 3.42 -33.52 18.83
C SER C 481 2.11 -34.06 19.39
N SER C 482 2.19 -34.97 20.37
CA SER C 482 0.98 -35.51 20.99
C SER C 482 0.24 -34.46 21.81
N LEU C 483 0.98 -33.61 22.54
CA LEU C 483 0.33 -32.51 23.26
C LEU C 483 -0.41 -31.59 22.29
N GLY C 484 0.24 -31.24 21.17
CA GLY C 484 -0.42 -30.44 20.15
C GLY C 484 -1.70 -31.10 19.65
N ALA C 485 -1.67 -32.42 19.49
CA ALA C 485 -2.86 -33.13 19.00
C ALA C 485 -4.00 -33.06 20.02
N PHE C 486 -3.69 -33.09 21.32
CA PHE C 486 -4.73 -32.98 22.33
C PHE C 486 -5.32 -31.58 22.37
N LEU C 487 -4.47 -30.56 22.26
CA LEU C 487 -4.96 -29.19 22.14
C LEU C 487 -5.83 -29.02 20.90
N SER C 488 -5.40 -29.58 19.76
CA SER C 488 -6.20 -29.47 18.55
C SER C 488 -7.55 -30.17 18.71
N PHE C 489 -7.57 -31.32 19.41
CA PHE C 489 -8.84 -32.01 19.65
C PHE C 489 -9.78 -31.17 20.50
N ALA C 490 -9.26 -30.51 21.54
CA ALA C 490 -10.08 -29.60 22.32
C ALA C 490 -10.63 -28.48 21.44
N SER C 491 -9.76 -27.87 20.61
CA SER C 491 -10.21 -26.89 19.62
C SER C 491 -11.39 -27.40 18.79
N PHE C 492 -11.34 -28.66 18.37
CA PHE C 492 -12.40 -29.18 17.50
C PHE C 492 -13.70 -29.44 18.27
N LEU C 493 -13.59 -29.95 19.50
CA LEU C 493 -14.76 -30.10 20.36
C LEU C 493 -15.39 -28.75 20.67
N PHE C 494 -14.55 -27.77 21.00
CA PHE C 494 -15.02 -26.40 21.16
C PHE C 494 -15.78 -25.94 19.91
N PHE C 495 -15.20 -26.15 18.73
CA PHE C 495 -15.84 -25.78 17.47
C PHE C 495 -17.22 -26.43 17.32
N LEU C 496 -17.35 -27.71 17.65
CA LEU C 496 -18.65 -28.34 17.55
C LEU C 496 -19.64 -27.68 18.51
N GLY C 497 -19.16 -27.25 19.68
CA GLY C 497 -20.00 -26.45 20.56
C GLY C 497 -20.41 -25.13 19.94
N VAL C 498 -19.48 -24.48 19.22
CA VAL C 498 -19.80 -23.22 18.56
C VAL C 498 -20.89 -23.43 17.51
N ILE C 499 -20.80 -24.52 16.74
CA ILE C 499 -21.79 -24.79 15.72
C ILE C 499 -23.14 -25.11 16.35
N PHE C 500 -23.13 -25.91 17.42
CA PHE C 500 -24.39 -26.25 18.08
C PHE C 500 -25.06 -24.99 18.62
N TYR C 501 -24.30 -24.18 19.37
CA TYR C 501 -24.82 -22.91 19.87
C TYR C 501 -25.36 -22.05 18.73
N THR C 502 -24.57 -21.90 17.66
CA THR C 502 -24.97 -21.06 16.54
C THR C 502 -26.31 -21.51 15.96
N LEU C 503 -26.44 -22.81 15.70
CA LEU C 503 -27.63 -23.31 15.01
C LEU C 503 -28.86 -23.36 15.90
N THR C 504 -28.69 -23.35 17.23
CA THR C 504 -29.82 -23.37 18.16
C THR C 504 -30.11 -22.03 18.79
N ARG C 505 -29.09 -21.21 19.08
CA ARG C 505 -29.31 -19.96 19.78
C ARG C 505 -28.50 -18.81 19.20
N GLY C 506 -27.96 -18.94 17.99
CA GLY C 506 -27.18 -17.86 17.42
C GLY C 506 -28.04 -16.65 17.08
N ALA C 507 -27.40 -15.48 17.08
CA ALA C 507 -28.08 -14.26 16.65
C ALA C 507 -28.68 -14.46 15.27
N ARG C 508 -29.96 -14.14 15.13
CA ARG C 508 -30.61 -14.29 13.84
C ARG C 508 -30.03 -13.32 12.83
N VAL C 509 -29.82 -13.78 11.61
CA VAL C 509 -29.31 -12.95 10.53
C VAL C 509 -30.46 -12.13 9.96
N THR C 510 -30.24 -10.82 9.80
CA THR C 510 -31.26 -9.94 9.25
C THR C 510 -30.97 -9.45 7.84
N ALA C 511 -29.70 -9.37 7.45
CA ALA C 511 -29.34 -8.83 6.15
C ALA C 511 -29.09 -9.95 5.16
N ASN C 512 -29.40 -9.68 3.89
CA ASN C 512 -29.02 -10.59 2.82
C ASN C 512 -27.51 -10.76 2.78
N ASN C 513 -26.79 -9.65 2.88
CA ASN C 513 -25.33 -9.62 2.87
C ASN C 513 -24.94 -9.03 4.22
N TYR C 514 -24.63 -9.91 5.17
CA TYR C 514 -24.20 -9.50 6.50
C TYR C 514 -22.70 -9.28 6.58
N TRP C 515 -21.98 -9.34 5.46
CA TRP C 515 -20.54 -9.08 5.54
C TRP C 515 -20.25 -7.65 5.08
N ASN C 516 -20.15 -7.43 3.78
CA ASN C 516 -19.95 -6.10 3.22
C ASN C 516 -20.04 -6.22 1.71
N GLU C 517 -20.06 -5.07 1.04
CA GLU C 517 -20.36 -5.01 -0.39
C GLU C 517 -19.35 -5.76 -1.24
N HIS C 518 -18.13 -5.97 -0.73
CA HIS C 518 -17.12 -6.68 -1.50
C HIS C 518 -17.32 -8.19 -1.51
N ALA C 519 -18.24 -8.73 -0.73
CA ALA C 519 -18.78 -10.06 -1.00
C ALA C 519 -19.82 -9.87 -2.11
N ASP C 520 -19.36 -9.97 -3.35
CA ASP C 520 -20.10 -9.46 -4.51
C ASP C 520 -20.68 -10.55 -5.38
N THR C 521 -20.81 -11.77 -4.88
CA THR C 521 -21.38 -12.88 -5.63
C THR C 521 -22.84 -13.09 -5.23
N LEU C 522 -23.53 -13.93 -5.99
CA LEU C 522 -24.99 -13.90 -6.00
C LEU C 522 -25.63 -14.36 -4.70
N GLU C 523 -24.95 -15.22 -3.92
CA GLU C 523 -25.62 -15.71 -2.70
C GLU C 523 -25.87 -14.57 -1.71
N TRP C 524 -25.09 -13.50 -1.80
CA TRP C 524 -25.26 -12.34 -0.94
C TRP C 524 -26.38 -11.41 -1.40
N THR C 525 -26.98 -11.68 -2.56
CA THR C 525 -28.20 -11.00 -2.97
C THR C 525 -29.46 -11.72 -2.52
N LEU C 526 -29.34 -12.93 -1.98
CA LEU C 526 -30.50 -13.69 -1.53
C LEU C 526 -30.72 -13.56 -0.03
N THR C 527 -31.85 -14.10 0.42
CA THR C 527 -32.17 -14.16 1.84
C THR C 527 -31.17 -15.07 2.58
N SER C 528 -31.19 -15.01 3.91
CA SER C 528 -30.37 -15.88 4.74
C SER C 528 -31.27 -16.67 5.68
N PRO C 529 -31.60 -17.93 5.38
CA PRO C 529 -31.17 -18.75 4.24
C PRO C 529 -31.83 -18.36 2.92
N PRO C 530 -31.25 -18.78 1.80
CA PRO C 530 -31.85 -18.46 0.50
C PRO C 530 -33.24 -19.07 0.37
N PRO C 531 -34.04 -18.63 -0.61
CA PRO C 531 -35.39 -19.18 -0.74
C PRO C 531 -35.37 -20.65 -1.09
N GLU C 532 -36.49 -21.32 -0.77
CA GLU C 532 -36.62 -22.77 -0.96
C GLU C 532 -36.18 -23.19 -2.35
N HIS C 533 -36.60 -22.45 -3.37
CA HIS C 533 -36.16 -22.76 -4.74
C HIS C 533 -34.85 -22.08 -5.05
N THR C 534 -33.95 -22.15 -4.06
CA THR C 534 -32.59 -21.61 -3.99
C THR C 534 -32.41 -20.19 -4.52
N LEU D 2 33.31 -50.48 18.99
CA LEU D 2 32.74 -49.67 17.92
C LEU D 2 31.80 -48.60 18.47
N GLU D 3 31.93 -47.40 17.94
CA GLU D 3 31.07 -46.31 18.34
C GLU D 3 29.73 -46.39 17.61
N ILE D 4 28.65 -46.18 18.35
CA ILE D 4 27.32 -46.14 17.75
C ILE D 4 27.13 -44.76 17.13
N ILE D 5 27.07 -44.70 15.81
CA ILE D 5 27.07 -43.44 15.08
C ILE D 5 25.74 -43.22 14.35
N GLY D 6 25.28 -44.21 13.59
CA GLY D 6 24.05 -44.05 12.85
C GLY D 6 22.82 -44.36 13.67
N ARG D 7 22.34 -43.39 14.43
CA ARG D 7 21.17 -43.60 15.27
C ARG D 7 20.53 -42.23 15.55
N PRO D 8 19.23 -42.21 15.88
CA PRO D 8 18.63 -40.96 16.35
C PRO D 8 19.18 -40.59 17.72
N GLN D 9 19.23 -39.28 17.99
CA GLN D 9 19.70 -38.73 19.27
C GLN D 9 18.58 -37.97 19.96
N PRO D 10 18.55 -37.93 21.30
CA PRO D 10 17.43 -37.29 22.00
C PRO D 10 17.23 -35.84 21.57
N GLY D 11 15.97 -35.51 21.25
CA GLY D 11 15.61 -34.16 20.83
C GLY D 11 16.20 -33.69 19.52
N GLY D 12 16.77 -34.58 18.72
CA GLY D 12 17.43 -34.16 17.50
C GLY D 12 16.48 -33.50 16.52
N THR D 13 17.01 -32.51 15.79
CA THR D 13 16.28 -31.82 14.75
C THR D 13 16.93 -31.94 13.37
N GLY D 14 18.16 -32.42 13.30
CA GLY D 14 18.85 -32.57 12.04
C GLY D 14 18.88 -34.01 11.57
N PHE D 15 19.60 -34.24 10.47
CA PHE D 15 19.83 -35.58 9.98
C PHE D 15 20.65 -36.38 10.99
N GLN D 16 20.59 -37.70 10.87
CA GLN D 16 21.59 -38.53 11.53
C GLN D 16 22.97 -38.21 10.94
N PRO D 17 24.05 -38.48 11.66
CA PRO D 17 25.38 -38.17 11.12
C PRO D 17 25.61 -38.84 9.77
N SER D 18 26.38 -38.17 8.93
CA SER D 18 26.79 -38.74 7.65
C SER D 18 27.98 -39.68 7.86
N ALA D 19 27.93 -40.83 7.19
CA ALA D 19 29.06 -41.75 7.15
C ALA D 19 29.34 -42.23 5.73
N SER D 20 28.82 -41.54 4.72
CA SER D 20 29.07 -41.88 3.32
C SER D 20 29.13 -40.60 2.51
N PRO D 21 29.78 -40.62 1.35
CA PRO D 21 29.76 -39.43 0.48
C PRO D 21 28.38 -39.09 -0.02
N VAL D 22 27.53 -40.10 -0.23
CA VAL D 22 26.16 -39.84 -0.65
C VAL D 22 25.38 -39.16 0.46
N ALA D 23 25.56 -39.62 1.71
CA ALA D 23 24.87 -38.97 2.83
C ALA D 23 25.33 -37.52 2.98
N THR D 24 26.63 -37.27 2.84
CA THR D 24 27.13 -35.90 2.89
C THR D 24 26.48 -35.05 1.81
N GLN D 25 26.34 -35.60 0.60
CA GLN D 25 25.67 -34.87 -0.48
C GLN D 25 24.22 -34.57 -0.16
N ILE D 26 23.48 -35.53 0.43
CA ILE D 26 22.11 -35.27 0.83
C ILE D 26 22.07 -34.14 1.86
N HIS D 27 23.00 -34.17 2.81
CA HIS D 27 23.02 -33.11 3.83
C HIS D 27 23.25 -31.75 3.20
N TRP D 28 24.17 -31.67 2.23
CA TRP D 28 24.44 -30.39 1.60
C TRP D 28 23.25 -29.91 0.78
N LEU D 29 22.71 -30.79 -0.06
CA LEU D 29 21.58 -30.42 -0.92
C LEU D 29 20.38 -30.00 -0.09
N ASP D 30 20.04 -30.80 0.93
CA ASP D 30 18.93 -30.44 1.80
C ASP D 30 19.16 -29.10 2.49
N GLY D 31 20.37 -28.86 2.99
CA GLY D 31 20.67 -27.58 3.61
C GLY D 31 20.53 -26.42 2.65
N PHE D 32 21.03 -26.57 1.43
CA PHE D 32 20.85 -25.57 0.37
C PHE D 32 19.38 -25.28 0.14
N ILE D 33 18.58 -26.32 -0.07
CA ILE D 33 17.16 -26.16 -0.33
C ILE D 33 16.45 -25.57 0.88
N LEU D 34 16.84 -25.99 2.09
CA LEU D 34 16.21 -25.48 3.30
C LEU D 34 16.43 -23.98 3.44
N VAL D 35 17.62 -23.49 3.08
CA VAL D 35 17.85 -22.05 3.11
C VAL D 35 16.93 -21.34 2.12
N ILE D 36 16.79 -21.90 0.92
CA ILE D 36 15.89 -21.33 -0.08
C ILE D 36 14.46 -21.28 0.46
N ILE D 37 13.92 -22.43 0.86
CA ILE D 37 12.50 -22.50 1.22
C ILE D 37 12.22 -21.77 2.53
N ALA D 38 13.21 -21.69 3.44
CA ALA D 38 13.02 -20.86 4.62
C ALA D 38 12.97 -19.38 4.25
N ALA D 39 13.83 -18.95 3.34
CA ALA D 39 13.77 -17.57 2.84
C ALA D 39 12.42 -17.29 2.21
N ILE D 40 11.96 -18.18 1.33
CA ILE D 40 10.67 -18.03 0.66
C ILE D 40 9.55 -17.91 1.69
N THR D 41 9.55 -18.82 2.68
CA THR D 41 8.48 -18.85 3.67
C THR D 41 8.50 -17.61 4.57
N ILE D 42 9.68 -17.21 5.05
CA ILE D 42 9.78 -15.98 5.82
C ILE D 42 9.36 -14.79 4.97
N PHE D 43 9.76 -14.78 3.69
CA PHE D 43 9.35 -13.70 2.79
C PHE D 43 7.83 -13.65 2.65
N VAL D 44 7.21 -14.81 2.37
CA VAL D 44 5.75 -14.88 2.28
C VAL D 44 5.11 -14.42 3.59
N THR D 45 5.63 -14.90 4.71
CA THR D 45 5.04 -14.59 6.02
C THR D 45 5.19 -13.11 6.36
N LEU D 46 6.38 -12.53 6.12
CA LEU D 46 6.57 -11.10 6.39
C LEU D 46 5.66 -10.26 5.51
N LEU D 47 5.48 -10.64 4.24
CA LEU D 47 4.57 -9.91 3.36
C LEU D 47 3.14 -9.94 3.89
N ILE D 48 2.70 -11.11 4.39
CA ILE D 48 1.33 -11.22 4.89
C ILE D 48 1.16 -10.39 6.14
N LEU D 49 2.10 -10.51 7.09
CA LEU D 49 2.01 -9.76 8.34
C LEU D 49 2.11 -8.27 8.08
N TYR D 50 3.01 -7.87 7.18
CA TYR D 50 3.10 -6.46 6.83
C TYR D 50 1.80 -5.96 6.21
N ALA D 51 1.22 -6.75 5.31
CA ALA D 51 -0.02 -6.34 4.66
C ALA D 51 -1.16 -6.18 5.66
N VAL D 52 -1.25 -7.11 6.62
CA VAL D 52 -2.28 -7.04 7.64
C VAL D 52 -2.09 -5.80 8.50
N TRP D 53 -0.85 -5.49 8.87
CA TRP D 53 -0.58 -4.31 9.67
C TRP D 53 -0.79 -3.04 8.86
N ARG D 54 -0.17 -2.97 7.68
CA ARG D 54 -0.19 -1.74 6.89
C ARG D 54 -1.57 -1.40 6.35
N PHE D 55 -2.37 -2.41 6.02
CA PHE D 55 -3.67 -2.18 5.39
C PHE D 55 -4.81 -2.67 6.26
N HIS D 56 -4.57 -2.81 7.57
CA HIS D 56 -5.66 -3.05 8.50
C HIS D 56 -6.75 -1.98 8.33
N GLU D 57 -8.00 -2.39 8.51
CA GLU D 57 -9.11 -1.49 8.20
C GLU D 57 -9.04 -0.20 9.01
N LYS D 58 -8.50 -0.26 10.23
CA LYS D 58 -8.37 0.94 11.05
C LYS D 58 -7.19 1.80 10.61
N ARG D 59 -6.21 1.24 9.90
CA ARG D 59 -5.07 2.00 9.40
C ARG D 59 -5.23 2.42 7.94
N ASN D 60 -5.95 1.64 7.13
CA ASN D 60 -6.25 1.96 5.73
C ASN D 60 -7.76 1.79 5.55
N LYS D 61 -8.50 2.90 5.68
CA LYS D 61 -9.96 2.84 5.72
C LYS D 61 -10.59 2.77 4.34
N VAL D 62 -9.89 3.19 3.29
CA VAL D 62 -10.44 3.16 1.94
C VAL D 62 -9.62 2.23 1.07
N PRO D 63 -10.19 1.09 0.64
CA PRO D 63 -9.43 0.14 -0.18
C PRO D 63 -9.28 0.59 -1.63
N ALA D 64 -8.15 0.22 -2.23
CA ALA D 64 -7.94 0.37 -3.66
C ALA D 64 -8.67 -0.74 -4.43
N ARG D 65 -8.57 -0.70 -5.76
CA ARG D 65 -9.26 -1.67 -6.61
C ARG D 65 -8.39 -2.18 -7.75
N PHE D 66 -7.08 -1.95 -7.74
CA PHE D 66 -6.23 -2.48 -8.80
C PHE D 66 -6.22 -4.01 -8.74
N THR D 67 -6.11 -4.63 -9.91
CA THR D 67 -6.06 -6.08 -9.99
C THR D 67 -4.94 -6.57 -10.89
N HIS D 68 -4.02 -5.69 -11.31
CA HIS D 68 -2.88 -6.08 -12.13
C HIS D 68 -1.67 -5.28 -11.70
N ASN D 69 -0.49 -5.78 -12.09
CA ASN D 69 0.79 -5.09 -11.91
C ASN D 69 1.84 -5.88 -12.69
N SER D 70 1.86 -5.68 -14.01
CA SER D 70 2.65 -6.52 -14.92
C SER D 70 4.12 -6.68 -14.54
N PRO D 71 4.86 -5.63 -14.18
CA PRO D 71 6.26 -5.86 -13.75
C PRO D 71 6.39 -6.83 -12.59
N LEU D 72 5.48 -6.73 -11.61
CA LEU D 72 5.53 -7.63 -10.45
C LEU D 72 5.13 -9.05 -10.84
N GLU D 73 4.14 -9.19 -11.71
CA GLU D 73 3.70 -10.53 -12.09
C GLU D 73 4.71 -11.24 -12.98
N ILE D 74 5.44 -10.50 -13.81
CA ILE D 74 6.55 -11.11 -14.54
C ILE D 74 7.64 -11.51 -13.56
N ALA D 75 7.96 -10.62 -12.61
CA ALA D 75 8.99 -10.93 -11.63
C ALA D 75 8.60 -12.15 -10.79
N TRP D 76 7.34 -12.25 -10.38
CA TRP D 76 6.96 -13.35 -9.51
C TRP D 76 6.58 -14.61 -10.28
N THR D 77 6.70 -14.59 -11.60
CA THR D 77 6.68 -15.81 -12.41
C THR D 77 8.09 -16.27 -12.78
N ILE D 78 8.98 -15.33 -13.10
CA ILE D 78 10.33 -15.67 -13.55
C ILE D 78 11.21 -16.08 -12.37
N VAL D 79 11.11 -15.34 -11.26
CA VAL D 79 11.96 -15.65 -10.11
C VAL D 79 11.71 -17.06 -9.57
N PRO D 80 10.47 -17.54 -9.43
CA PRO D 80 10.29 -18.97 -9.06
C PRO D 80 10.92 -19.92 -10.08
N ILE D 81 10.71 -19.70 -11.38
CA ILE D 81 11.33 -20.56 -12.39
C ILE D 81 12.84 -20.59 -12.22
N VAL D 82 13.45 -19.43 -11.97
CA VAL D 82 14.90 -19.36 -11.80
C VAL D 82 15.33 -20.15 -10.57
N ILE D 83 14.59 -20.00 -9.47
CA ILE D 83 14.93 -20.71 -8.24
C ILE D 83 14.86 -22.22 -8.46
N LEU D 84 13.82 -22.68 -9.14
CA LEU D 84 13.65 -24.11 -9.39
C LEU D 84 14.77 -24.64 -10.30
N VAL D 85 15.14 -23.89 -11.34
CA VAL D 85 16.22 -24.32 -12.21
C VAL D 85 17.53 -24.42 -11.44
N ALA D 86 17.78 -23.45 -10.55
CA ALA D 86 18.99 -23.51 -9.73
C ALA D 86 19.00 -24.74 -8.83
N ILE D 87 17.85 -25.06 -8.22
CA ILE D 87 17.76 -26.25 -7.37
C ILE D 87 18.00 -27.50 -8.20
N GLY D 88 17.28 -27.64 -9.32
CA GLY D 88 17.49 -28.79 -10.18
C GLY D 88 18.91 -28.92 -10.70
N ALA D 89 19.57 -27.79 -10.94
CA ALA D 89 20.95 -27.83 -11.43
C ALA D 89 21.88 -28.46 -10.40
N PHE D 90 21.65 -28.19 -9.12
CA PHE D 90 22.45 -28.81 -8.06
C PHE D 90 21.97 -30.20 -7.69
N SER D 91 20.70 -30.50 -7.95
CA SER D 91 20.12 -31.72 -7.39
C SER D 91 20.16 -32.89 -8.36
N LEU D 92 20.11 -32.63 -9.66
CA LEU D 92 20.32 -33.69 -10.64
C LEU D 92 21.70 -34.35 -10.57
N PRO D 93 22.82 -33.63 -10.40
CA PRO D 93 24.10 -34.33 -10.22
C PRO D 93 24.08 -35.25 -9.02
N VAL D 94 23.57 -34.79 -7.88
CA VAL D 94 23.48 -35.62 -6.69
C VAL D 94 22.67 -36.88 -6.98
N LEU D 95 21.55 -36.74 -7.69
CA LEU D 95 20.72 -37.90 -8.00
C LEU D 95 21.49 -38.92 -8.83
N PHE D 96 22.23 -38.46 -9.84
CA PHE D 96 22.98 -39.36 -10.70
C PHE D 96 24.07 -40.09 -9.91
N ASN D 97 24.83 -39.35 -9.11
CA ASN D 97 25.83 -39.99 -8.26
C ASN D 97 25.20 -41.05 -7.35
N GLN D 98 23.98 -40.78 -6.86
CA GLN D 98 23.28 -41.71 -5.98
C GLN D 98 22.93 -43.00 -6.69
N GLN D 99 22.39 -42.89 -7.91
CA GLN D 99 21.70 -44.01 -8.54
C GLN D 99 22.55 -44.78 -9.52
N GLU D 100 23.74 -44.29 -9.86
CA GLU D 100 24.65 -45.01 -10.74
C GLU D 100 25.48 -45.95 -9.88
N ILE D 101 25.30 -47.24 -10.09
CA ILE D 101 25.93 -48.25 -9.23
C ILE D 101 27.39 -48.42 -9.65
N PRO D 102 28.36 -48.10 -8.79
CA PRO D 102 29.76 -48.32 -9.16
C PRO D 102 30.12 -49.80 -9.10
N GLU D 103 31.37 -50.10 -9.43
CA GLU D 103 31.86 -51.47 -9.30
C GLU D 103 31.99 -51.80 -7.83
N ALA D 104 31.52 -52.98 -7.44
CA ALA D 104 31.48 -53.37 -6.04
C ALA D 104 32.84 -53.86 -5.55
N ASP D 105 33.23 -53.41 -4.37
CA ASP D 105 34.26 -54.10 -3.60
C ASP D 105 33.66 -55.28 -2.82
N VAL D 106 32.46 -55.07 -2.28
CA VAL D 106 31.75 -56.05 -1.47
C VAL D 106 30.31 -56.10 -1.96
N THR D 107 29.78 -57.32 -2.09
CA THR D 107 28.40 -57.52 -2.54
C THR D 107 27.61 -58.27 -1.48
N VAL D 108 26.46 -57.72 -1.11
CA VAL D 108 25.54 -58.35 -0.18
C VAL D 108 24.16 -58.41 -0.83
N LYS D 109 23.51 -59.56 -0.74
CA LYS D 109 22.14 -59.71 -1.21
C LYS D 109 21.24 -59.78 0.01
N VAL D 110 20.30 -58.86 0.10
CA VAL D 110 19.42 -58.69 1.26
C VAL D 110 18.02 -59.07 0.86
N THR D 111 17.35 -59.87 1.69
CA THR D 111 15.97 -60.28 1.46
C THR D 111 15.11 -59.89 2.65
N GLY D 112 14.04 -59.16 2.39
CA GLY D 112 13.07 -58.81 3.42
C GLY D 112 12.04 -59.92 3.61
N TYR D 113 11.84 -60.32 4.86
CA TYR D 113 10.81 -61.27 5.24
C TYR D 113 9.92 -60.65 6.31
N GLN D 114 8.72 -61.20 6.44
CA GLN D 114 7.88 -60.95 7.61
C GLN D 114 8.34 -61.88 8.73
N TRP D 115 9.03 -61.38 9.76
CA TRP D 115 9.51 -60.01 9.92
C TRP D 115 10.96 -60.02 10.39
N TYR D 116 11.87 -60.04 9.43
CA TYR D 116 13.31 -60.11 9.68
C TYR D 116 13.99 -59.96 8.32
N TRP D 117 15.31 -59.77 8.34
CA TRP D 117 16.09 -59.62 7.12
C TRP D 117 17.03 -60.80 6.97
N GLY D 118 17.23 -61.22 5.72
CA GLY D 118 18.21 -62.24 5.38
C GLY D 118 19.35 -61.61 4.61
N TYR D 119 20.58 -61.96 5.00
CA TYR D 119 21.79 -61.43 4.37
C TYR D 119 22.59 -62.56 3.75
N GLU D 120 23.09 -62.32 2.56
CA GLU D 120 23.89 -63.30 1.86
C GLU D 120 25.09 -62.60 1.24
N TYR D 121 26.29 -63.13 1.51
CA TYR D 121 27.50 -62.59 0.89
C TYR D 121 27.94 -63.57 -0.21
N PRO D 122 27.56 -63.34 -1.47
CA PRO D 122 27.79 -64.36 -2.50
C PRO D 122 29.27 -64.69 -2.72
N ASP D 123 30.16 -63.70 -2.63
CA ASP D 123 31.60 -63.99 -2.77
C ASP D 123 32.16 -64.80 -1.61
N GLU D 124 31.47 -64.84 -0.46
CA GLU D 124 32.04 -65.45 0.73
C GLU D 124 31.32 -66.70 1.17
N GLU D 125 30.22 -67.07 0.50
CA GLU D 125 29.36 -68.16 0.92
C GLU D 125 28.93 -68.02 2.39
N ILE D 126 28.57 -66.79 2.76
CA ILE D 126 28.01 -66.52 4.08
C ILE D 126 26.55 -66.15 3.92
N SER D 127 25.70 -66.75 4.72
CA SER D 127 24.33 -66.25 4.80
C SER D 127 23.82 -66.47 6.21
N PHE D 128 22.97 -65.53 6.65
CA PHE D 128 22.43 -65.55 8.00
C PHE D 128 21.18 -64.69 8.04
N GLU D 129 20.43 -64.84 9.11
CA GLU D 129 19.22 -64.05 9.32
C GLU D 129 19.44 -63.09 10.49
N SER D 130 18.79 -61.94 10.40
CA SER D 130 18.94 -60.86 11.36
C SER D 130 17.58 -60.51 11.96
N TYR D 131 17.41 -60.72 13.26
CA TYR D 131 16.19 -60.45 13.99
C TYR D 131 16.42 -59.33 14.99
N MET D 132 15.38 -58.55 15.23
CA MET D 132 15.43 -57.57 16.30
C MET D 132 15.74 -58.27 17.63
N ILE D 133 16.64 -57.69 18.41
CA ILE D 133 16.80 -58.15 19.78
C ILE D 133 15.53 -57.81 20.54
N GLY D 134 14.81 -58.83 20.97
CA GLY D 134 13.47 -58.67 21.53
C GLY D 134 12.36 -59.22 20.67
N SER D 135 12.64 -59.58 19.40
CA SER D 135 11.67 -60.30 18.57
C SER D 135 11.31 -61.66 19.19
N PRO D 136 10.16 -62.24 18.81
CA PRO D 136 9.88 -63.62 19.22
C PRO D 136 11.00 -64.61 18.88
N ALA D 137 11.73 -64.40 17.78
CA ALA D 137 12.83 -65.30 17.43
C ALA D 137 13.93 -65.31 18.50
N THR D 138 14.15 -64.18 19.19
CA THR D 138 15.13 -64.16 20.26
C THR D 138 14.50 -64.40 21.63
N GLY D 139 13.24 -64.84 21.68
CA GLY D 139 12.56 -65.13 22.93
C GLY D 139 11.72 -64.01 23.50
N GLY D 140 11.65 -62.84 22.86
CA GLY D 140 10.89 -61.71 23.35
C GLY D 140 9.51 -61.64 22.70
N ASP D 141 8.82 -60.53 22.97
CA ASP D 141 7.61 -60.23 22.24
C ASP D 141 7.54 -58.74 21.90
N ASN D 142 8.66 -58.20 21.42
CA ASN D 142 8.75 -56.87 20.80
C ASN D 142 8.61 -55.73 21.81
N ARG D 143 8.95 -55.98 23.06
CA ARG D 143 8.94 -54.96 24.10
C ARG D 143 10.19 -55.09 24.95
N MET D 144 10.58 -53.98 25.56
CA MET D 144 11.67 -54.01 26.53
C MET D 144 11.29 -54.94 27.69
N SER D 145 12.30 -55.56 28.27
CA SER D 145 12.13 -56.53 29.35
C SER D 145 13.49 -56.72 30.01
N PRO D 146 13.52 -57.22 31.26
CA PRO D 146 14.81 -57.57 31.86
C PRO D 146 15.63 -58.49 30.97
N GLU D 147 15.00 -59.50 30.38
CA GLU D 147 15.72 -60.39 29.46
C GLU D 147 16.24 -59.64 28.24
N VAL D 148 15.42 -58.75 27.68
CA VAL D 148 15.84 -58.05 26.47
C VAL D 148 16.98 -57.11 26.80
N GLU D 149 16.93 -56.45 27.95
CA GLU D 149 18.02 -55.55 28.32
C GLU D 149 19.33 -56.31 28.51
N GLN D 150 19.26 -57.53 29.07
CA GLN D 150 20.48 -58.32 29.21
C GLN D 150 21.03 -58.74 27.84
N GLN D 151 20.14 -59.12 26.91
CA GLN D 151 20.62 -59.47 25.57
C GLN D 151 21.29 -58.28 24.90
N LEU D 152 20.70 -57.09 25.00
CA LEU D 152 21.30 -55.90 24.43
C LEU D 152 22.69 -55.64 25.01
N ILE D 153 22.84 -55.76 26.34
CA ILE D 153 24.14 -55.53 26.96
C ILE D 153 25.15 -56.56 26.49
N GLU D 154 24.76 -57.84 26.49
CA GLU D 154 25.68 -58.90 26.09
C GLU D 154 26.06 -58.81 24.62
N ALA D 155 25.15 -58.34 23.76
CA ALA D 155 25.44 -58.14 22.35
C ALA D 155 26.24 -56.87 22.09
N GLY D 156 26.55 -56.11 23.14
CA GLY D 156 27.36 -54.91 23.00
C GLY D 156 26.59 -53.61 22.88
N TYR D 157 25.31 -53.60 23.24
CA TYR D 157 24.50 -52.39 23.12
C TYR D 157 23.98 -51.98 24.50
N SER D 158 22.99 -51.09 24.52
CA SER D 158 22.34 -50.62 25.73
C SER D 158 20.84 -50.63 25.50
N ARG D 159 20.10 -50.28 26.55
CA ARG D 159 18.65 -50.16 26.44
C ARG D 159 18.26 -49.14 25.37
N ASP D 160 19.10 -48.13 25.15
CA ASP D 160 18.79 -47.07 24.19
C ASP D 160 18.77 -47.56 22.74
N GLU D 161 19.41 -48.69 22.45
CA GLU D 161 19.39 -49.24 21.09
C GLU D 161 18.25 -50.23 20.88
N PHE D 162 17.39 -50.43 21.87
CA PHE D 162 16.22 -51.28 21.65
C PHE D 162 15.37 -50.73 20.52
N LEU D 163 14.88 -51.65 19.68
CA LEU D 163 14.15 -51.48 18.42
C LEU D 163 15.10 -51.19 17.25
N LEU D 164 16.39 -50.96 17.50
CA LEU D 164 17.38 -50.79 16.45
C LEU D 164 18.31 -51.98 16.34
N ALA D 165 18.81 -52.47 17.47
CA ALA D 165 19.81 -53.52 17.45
C ALA D 165 19.19 -54.86 17.07
N THR D 166 19.92 -55.61 16.25
CA THR D 166 19.56 -56.95 15.82
C THR D 166 20.55 -57.95 16.41
N ASP D 167 20.15 -59.23 16.43
CA ASP D 167 21.03 -60.26 17.00
C ASP D 167 22.27 -60.49 16.14
N THR D 168 22.17 -60.36 14.83
CA THR D 168 23.34 -60.38 13.95
C THR D 168 23.40 -59.09 13.15
N ALA D 169 24.62 -58.72 12.73
CA ALA D 169 24.81 -57.48 12.00
C ALA D 169 25.43 -57.77 10.63
N MET D 170 25.13 -56.89 9.68
CA MET D 170 25.81 -56.89 8.39
C MET D 170 27.15 -56.19 8.55
N VAL D 171 28.25 -56.94 8.41
CA VAL D 171 29.59 -56.41 8.65
C VAL D 171 30.23 -56.12 7.30
N VAL D 172 30.84 -54.94 7.17
CA VAL D 172 31.48 -54.51 5.92
C VAL D 172 32.72 -53.72 6.26
N PRO D 173 33.69 -53.69 5.34
CA PRO D 173 34.91 -52.92 5.57
C PRO D 173 34.75 -51.44 5.23
N VAL D 174 35.42 -50.60 6.03
CA VAL D 174 35.42 -49.16 5.82
C VAL D 174 36.11 -48.81 4.51
N ASN D 175 35.68 -47.70 3.91
CA ASN D 175 36.32 -47.14 2.70
C ASN D 175 36.30 -48.11 1.52
N LYS D 176 35.33 -49.00 1.49
CA LYS D 176 35.11 -49.92 0.37
C LYS D 176 33.70 -49.70 -0.20
N THR D 177 33.58 -49.89 -1.52
CA THR D 177 32.28 -49.75 -2.18
C THR D 177 31.47 -51.01 -1.92
N VAL D 178 30.34 -50.85 -1.22
CA VAL D 178 29.41 -51.94 -0.96
C VAL D 178 28.22 -51.77 -1.89
N VAL D 179 27.89 -52.82 -2.63
CA VAL D 179 26.70 -52.84 -3.44
C VAL D 179 25.77 -53.85 -2.82
N VAL D 180 24.56 -53.40 -2.50
CA VAL D 180 23.55 -54.22 -1.83
C VAL D 180 22.47 -54.52 -2.85
N GLN D 181 22.13 -55.79 -2.99
CA GLN D 181 21.02 -56.21 -3.83
C GLN D 181 19.84 -56.54 -2.94
N VAL D 182 18.71 -55.90 -3.17
CA VAL D 182 17.58 -55.91 -2.24
C VAL D 182 16.37 -56.51 -2.93
N THR D 183 15.75 -57.49 -2.27
CA THR D 183 14.48 -58.03 -2.75
C THR D 183 13.62 -58.40 -1.55
N GLY D 184 12.34 -58.63 -1.81
CA GLY D 184 11.40 -59.03 -0.79
C GLY D 184 10.93 -60.46 -1.01
N ALA D 185 10.71 -61.18 0.08
CA ALA D 185 10.33 -62.58 -0.02
C ALA D 185 8.82 -62.81 -0.02
N ASP D 186 8.03 -61.89 0.52
CA ASP D 186 6.62 -62.16 0.75
C ASP D 186 5.80 -60.92 0.41
N VAL D 187 5.98 -59.85 1.17
CA VAL D 187 5.41 -58.55 0.82
C VAL D 187 6.56 -57.59 0.57
N ILE D 188 6.24 -56.32 0.31
CA ILE D 188 7.27 -55.31 0.14
C ILE D 188 7.74 -54.84 1.51
N HIS D 189 9.05 -54.83 1.71
CA HIS D 189 9.73 -54.19 2.82
C HIS D 189 10.56 -53.06 2.24
N SER D 190 11.34 -52.39 3.08
CA SER D 190 12.26 -51.42 2.52
C SER D 190 13.50 -51.33 3.40
N TRP D 191 14.67 -51.46 2.77
CA TRP D 191 15.95 -51.52 3.47
C TRP D 191 16.60 -50.14 3.41
N THR D 192 17.08 -49.66 4.56
CA THR D 192 17.60 -48.30 4.61
C THR D 192 18.61 -48.17 5.74
N VAL D 193 19.55 -47.26 5.54
CA VAL D 193 20.47 -46.83 6.61
C VAL D 193 20.59 -45.33 6.50
N PRO D 194 19.92 -44.56 7.35
CA PRO D 194 20.03 -43.09 7.27
C PRO D 194 21.46 -42.55 7.22
N ALA D 195 22.39 -43.12 8.01
CA ALA D 195 23.76 -42.61 8.02
C ALA D 195 24.45 -42.78 6.68
N PHE D 196 24.01 -43.74 5.84
CA PHE D 196 24.58 -43.93 4.51
C PHE D 196 23.81 -43.20 3.40
N GLY D 197 22.61 -42.69 3.69
CA GLY D 197 21.78 -42.06 2.67
C GLY D 197 21.25 -43.02 1.62
N VAL D 198 20.92 -44.25 2.02
CA VAL D 198 20.39 -45.25 1.11
C VAL D 198 19.03 -45.69 1.61
N LYS D 199 18.15 -46.01 0.66
CA LYS D 199 16.85 -46.61 0.93
C LYS D 199 16.38 -47.25 -0.36
N GLN D 200 15.99 -48.51 -0.30
CA GLN D 200 15.55 -49.22 -1.50
C GLN D 200 14.48 -50.22 -1.11
N ASP D 201 13.32 -50.13 -1.75
CA ASP D 201 12.25 -51.06 -1.46
C ASP D 201 12.67 -52.49 -1.81
N ALA D 202 12.24 -53.43 -0.97
CA ALA D 202 12.50 -54.86 -1.14
C ALA D 202 11.23 -55.48 -1.71
N VAL D 203 11.13 -55.50 -3.03
CA VAL D 203 9.89 -55.85 -3.74
C VAL D 203 9.96 -57.31 -4.17
N PRO D 204 9.00 -58.15 -3.82
CA PRO D 204 8.98 -59.53 -4.32
C PRO D 204 9.01 -59.55 -5.85
N GLY D 205 9.91 -60.36 -6.40
CA GLY D 205 10.04 -60.52 -7.84
C GLY D 205 11.03 -59.57 -8.50
N ARG D 206 11.60 -58.62 -7.76
CA ARG D 206 12.54 -57.67 -8.31
C ARG D 206 13.81 -57.65 -7.46
N LEU D 207 14.96 -57.53 -8.12
CA LEU D 207 16.25 -57.36 -7.45
C LEU D 207 16.70 -55.93 -7.74
N ALA D 208 16.69 -55.08 -6.73
CA ALA D 208 17.14 -53.71 -6.89
C ALA D 208 18.50 -53.54 -6.24
N GLN D 209 19.23 -52.53 -6.68
CA GLN D 209 20.57 -52.31 -6.18
C GLN D 209 20.69 -50.92 -5.57
N LEU D 210 21.59 -50.81 -4.59
CA LEU D 210 22.03 -49.56 -4.03
C LEU D 210 23.51 -49.71 -3.74
N TRP D 211 24.18 -48.59 -3.48
CA TRP D 211 25.58 -48.65 -3.10
C TRP D 211 25.85 -47.63 -1.99
N PHE D 212 26.88 -47.92 -1.20
CA PHE D 212 27.43 -46.97 -0.27
C PHE D 212 28.90 -47.29 -0.08
N ARG D 213 29.65 -46.28 0.32
CA ARG D 213 31.02 -46.46 0.80
C ARG D 213 31.07 -45.78 2.15
N ALA D 214 31.19 -46.57 3.20
CA ALA D 214 31.26 -46.01 4.53
C ALA D 214 32.64 -45.38 4.73
N GLU D 215 32.65 -44.15 5.25
CA GLU D 215 33.89 -43.40 5.42
C GLU D 215 34.41 -43.43 6.85
N ARG D 216 33.69 -44.06 7.77
CA ARG D 216 34.23 -44.25 9.11
C ARG D 216 33.64 -45.51 9.71
N GLU D 217 34.39 -46.11 10.63
CA GLU D 217 33.95 -47.31 11.31
C GLU D 217 32.88 -46.95 12.34
N GLY D 218 32.04 -47.93 12.63
CA GLY D 218 31.06 -47.76 13.69
C GLY D 218 29.85 -48.63 13.43
N ILE D 219 28.81 -48.37 14.22
CA ILE D 219 27.54 -49.07 14.15
C ILE D 219 26.49 -48.11 13.60
N PHE D 220 25.69 -48.58 12.65
CA PHE D 220 24.72 -47.77 11.95
C PHE D 220 23.43 -48.56 11.82
N PHE D 221 22.31 -47.94 12.19
CA PHE D 221 21.01 -48.60 12.25
C PHE D 221 20.05 -48.06 11.19
N GLY D 222 19.21 -48.97 10.69
CA GLY D 222 18.06 -48.60 9.90
C GLY D 222 16.85 -49.38 10.39
N GLN D 223 15.67 -49.00 9.89
CA GLN D 223 14.42 -49.66 10.24
C GLN D 223 13.60 -49.89 8.97
N CYS D 224 12.84 -50.99 8.95
CA CYS D 224 12.08 -51.35 7.76
C CYS D 224 11.13 -50.21 7.39
N SER D 225 11.15 -49.83 6.10
CA SER D 225 10.50 -48.57 5.69
C SER D 225 9.43 -48.76 4.62
N GLU D 226 8.76 -49.91 4.62
CA GLU D 226 7.50 -50.05 3.90
C GLU D 226 6.60 -50.92 4.76
N LEU D 227 5.43 -50.39 5.11
CA LEU D 227 4.48 -51.13 5.93
C LEU D 227 4.24 -52.53 5.38
N CYS D 228 4.61 -53.52 6.19
CA CYS D 228 4.70 -54.92 5.79
C CYS D 228 3.84 -55.81 6.68
N GLY D 229 3.01 -55.23 7.54
CA GLY D 229 2.28 -56.02 8.51
C GLY D 229 2.52 -55.78 9.98
N ILE D 230 2.19 -56.79 10.79
CA ILE D 230 2.02 -56.60 12.23
C ILE D 230 3.34 -56.21 12.93
N SER D 231 4.50 -56.66 12.43
CA SER D 231 5.77 -56.30 13.07
C SER D 231 6.67 -55.50 12.14
N HIS D 232 6.04 -54.67 11.30
CA HIS D 232 6.72 -53.59 10.56
C HIS D 232 7.64 -52.75 11.45
N ALA D 233 7.18 -52.43 12.66
CA ALA D 233 7.99 -51.61 13.58
C ALA D 233 9.13 -52.39 14.22
N TYR D 234 9.26 -53.69 13.94
CA TYR D 234 10.10 -54.58 14.73
C TYR D 234 11.04 -55.46 13.89
N MET D 235 11.56 -54.96 12.76
CA MET D 235 12.54 -55.72 11.97
C MET D 235 13.61 -54.75 11.46
N PRO D 236 14.47 -54.28 12.35
CA PRO D 236 15.45 -53.25 11.98
C PRO D 236 16.72 -53.81 11.34
N ILE D 237 17.67 -52.92 11.09
CA ILE D 237 18.89 -53.19 10.33
C ILE D 237 20.06 -52.67 11.15
N THR D 238 21.07 -53.53 11.37
CA THR D 238 22.33 -53.10 11.98
C THR D 238 23.46 -53.35 11.00
N VAL D 239 24.20 -52.30 10.67
CA VAL D 239 25.41 -52.42 9.86
C VAL D 239 26.59 -52.02 10.73
N LYS D 240 27.60 -52.89 10.78
CA LYS D 240 28.87 -52.60 11.45
C LYS D 240 29.93 -52.36 10.40
N VAL D 241 30.48 -51.16 10.38
CA VAL D 241 31.58 -50.81 9.48
C VAL D 241 32.87 -50.96 10.27
N VAL D 242 33.80 -51.80 9.76
CA VAL D 242 35.01 -52.14 10.49
C VAL D 242 36.22 -51.98 9.59
N SER D 243 37.41 -52.05 10.21
CA SER D 243 38.66 -52.11 9.48
C SER D 243 38.64 -53.26 8.48
N GLU D 244 39.40 -53.09 7.39
CA GLU D 244 39.63 -54.18 6.45
C GLU D 244 40.06 -55.46 7.16
N GLU D 245 40.91 -55.31 8.18
CA GLU D 245 41.40 -56.48 8.92
C GLU D 245 40.30 -57.12 9.73
N ALA D 246 39.53 -56.31 10.45
CA ALA D 246 38.45 -56.86 11.27
C ALA D 246 37.36 -57.47 10.40
N TYR D 247 37.10 -56.91 9.22
CA TYR D 247 36.16 -57.54 8.30
C TYR D 247 36.65 -58.93 7.92
N ALA D 248 37.93 -59.04 7.55
CA ALA D 248 38.49 -60.35 7.21
C ALA D 248 38.42 -61.31 8.39
N ALA D 249 38.73 -60.83 9.60
CA ALA D 249 38.58 -61.66 10.79
C ALA D 249 37.15 -62.17 10.93
N TRP D 250 36.17 -61.30 10.71
CA TRP D 250 34.77 -61.71 10.73
C TRP D 250 34.49 -62.75 9.65
N LEU D 251 35.00 -62.55 8.43
CA LEU D 251 34.82 -63.57 7.39
C LEU D 251 35.40 -64.90 7.83
N GLU D 252 36.61 -64.88 8.40
CA GLU D 252 37.27 -66.12 8.80
C GLU D 252 36.49 -66.84 9.91
N GLN D 253 35.92 -66.08 10.85
CA GLN D 253 35.08 -66.72 11.86
C GLN D 253 33.92 -67.49 11.23
N HIS D 254 33.49 -67.09 10.03
CA HIS D 254 32.40 -67.80 9.36
C HIS D 254 32.87 -68.95 8.47
N HIS D 255 34.18 -69.13 8.29
CA HIS D 255 34.65 -70.13 7.35
C HIS D 255 34.61 -71.54 7.94
N HIS D 256 33.84 -72.42 7.31
CA HIS D 256 33.72 -73.81 7.73
C HIS D 256 34.91 -74.64 7.24
N HIS D 257 35.58 -75.33 8.15
CA HIS D 257 36.70 -76.20 7.80
C HIS D 257 36.33 -77.68 7.70
C1 GLC E . 11.69 41.77 -32.37
C2 GLC E . 11.34 41.91 -33.86
C3 GLC E . 10.66 40.64 -34.36
C4 GLC E . 11.27 39.40 -33.70
C5 GLC E . 11.09 39.50 -32.19
C6 GLC E . 12.32 39.02 -31.42
O1 GLC E . 11.55 43.01 -31.71
O2 GLC E . 10.49 43.02 -34.04
O3 GLC E . 10.76 40.57 -35.76
O4 GLC E . 10.62 38.23 -34.16
O5 GLC E . 10.80 40.83 -31.81
O6 GLC E . 12.78 37.78 -31.93
C1 GLC E . 11.18 37.49 -35.23
C2 GLC E . 10.09 36.97 -36.14
C3 GLC E . 9.22 36.02 -35.36
C4 GLC E . 10.08 34.85 -34.91
C5 GLC E . 11.27 35.36 -34.09
C6 GLC E . 12.28 34.25 -33.86
O2 GLC E . 9.30 38.03 -36.64
O3 GLC E . 8.15 35.57 -36.16
O4 GLC E . 9.30 33.93 -34.17
O5 GLC E . 11.96 36.41 -34.74
O6 GLC E . 11.78 33.35 -32.90
C1 GLC F . 27.47 -38.46 -12.72
C2 GLC F . 27.38 -39.32 -14.00
C3 GLC F . 27.35 -38.41 -15.22
C4 GLC F . 26.62 -37.14 -14.77
C5 GLC F . 27.56 -36.37 -13.84
C6 GLC F . 26.82 -35.45 -12.88
O1 GLC F . 28.00 -39.19 -11.64
O2 GLC F . 28.45 -40.23 -14.07
O3 GLC F . 26.69 -39.05 -16.28
O4 GLC F . 26.08 -36.42 -15.85
O5 GLC F . 28.25 -37.32 -13.05
O6 GLC F . 27.43 -35.58 -11.60
C1 GLC F . 24.66 -36.57 -15.92
C2 GLC F . 24.12 -36.73 -17.36
C3 GLC F . 23.18 -35.63 -17.88
C4 GLC F . 22.53 -34.84 -16.75
C5 GLC F . 23.66 -34.42 -15.82
C6 GLC F . 23.31 -33.36 -14.79
O2 GLC F . 25.20 -36.88 -18.27
O3 GLC F . 22.17 -36.20 -18.68
O4 GLC F . 21.82 -33.74 -17.28
O5 GLC F . 24.04 -35.57 -15.12
O6 GLC F . 24.37 -33.37 -13.84
C1 TRD G . -7.64 22.58 15.23
C2 TRD G . -8.48 21.31 15.09
C3 TRD G . -7.57 20.10 15.08
C4 TRD G . -8.37 18.84 14.89
C5 TRD G . -7.44 17.64 14.68
C6 TRD G . -8.23 16.34 14.72
C7 TRD G . -7.35 15.14 14.39
C8 TRD G . -8.13 13.85 14.62
C9 TRD G . -7.44 12.70 13.93
C10 TRD G . -7.93 11.37 14.46
C11 TRD G . -9.29 11.00 13.89
C12 TRD G . -9.68 9.60 14.31
C13 TRD G . -8.65 8.60 13.83
C1 TRD H . 3.34 22.61 15.06
C2 TRD H . 2.03 21.89 14.84
C3 TRD H . 2.25 20.53 14.20
C4 TRD H . 0.93 19.85 13.88
C5 TRD H . 1.23 18.54 13.17
C6 TRD H . -0.03 17.82 12.72
C7 TRD H . 0.39 16.62 11.90
C8 TRD H . -0.78 15.68 11.58
C9 TRD H . -0.23 14.42 10.95
C10 TRD H . -1.31 13.58 10.29
C11 TRD H . -0.69 12.82 9.13
C12 TRD H . -1.38 11.48 8.90
C13 TRD H . -0.58 10.70 7.86
C1 TRD I . 19.14 35.62 7.46
C2 TRD I . 19.35 36.09 8.89
C3 TRD I . 20.40 35.22 9.56
C4 TRD I . 21.25 36.02 10.53
C5 TRD I . 22.29 35.13 11.17
C6 TRD I . 22.20 35.28 12.68
C7 TRD I . 23.20 34.39 13.40
C8 TRD I . 22.86 34.36 14.88
C9 TRD I . 24.03 33.89 15.71
C10 TRD I . 23.64 33.83 17.18
C11 TRD I . 23.89 35.16 17.86
C12 TRD I . 23.56 35.06 19.35
C13 TRD I . 22.24 34.34 19.58
C1 TRD J . 13.55 27.05 15.80
C2 TRD J . 14.37 27.03 17.09
C3 TRD J . 15.59 27.92 17.00
C4 TRD J . 15.88 28.48 18.39
C5 TRD J . 16.99 29.53 18.33
C6 TRD J . 17.33 30.01 19.74
C7 TRD J . 16.82 31.42 19.96
C8 TRD J . 17.36 31.99 21.26
C9 TRD J . 18.74 32.60 21.02
C10 TRD J . 19.49 32.85 22.31
C11 TRD J . 18.75 33.80 23.24
C12 TRD J . 19.70 34.89 23.71
C13 TRD J . 18.97 36.18 24.00
C1 TRD K . 10.46 13.71 -1.35
C2 TRD K . 10.80 14.77 -0.32
C3 TRD K . 10.60 14.21 1.08
C4 TRD K . 10.26 15.32 2.06
C5 TRD K . 11.42 16.25 2.29
C6 TRD K . 11.07 17.15 3.47
C7 TRD K . 11.96 18.38 3.50
C1 TRD L . -6.42 46.22 -27.36
C2 TRD L . -7.40 46.60 -26.27
C3 TRD L . -6.64 47.24 -25.13
C4 TRD L . -7.58 47.78 -24.07
C5 TRD L . -6.78 48.69 -23.18
C6 TRD L . -7.62 49.27 -22.06
C7 TRD L . -6.66 50.00 -21.14
C8 TRD L . -7.30 50.34 -19.80
C9 TRD L . -6.24 51.04 -18.98
C10 TRD L . -6.47 50.87 -17.50
C11 TRD L . -7.38 51.97 -16.99
C12 TRD L . -6.53 53.04 -16.34
C13 TRD L . -7.45 54.05 -15.68
C1 TRD M . -22.31 54.84 -13.10
C2 TRD M . -21.43 53.67 -13.47
C3 TRD M . -20.30 53.58 -12.48
C4 TRD M . -19.31 54.69 -12.80
C5 TRD M . -17.97 54.39 -12.19
C6 TRD M . -16.89 54.94 -13.08
C7 TRD M . -17.08 54.40 -14.48
C8 TRD M . -16.13 55.06 -15.46
C9 TRD M . -14.87 54.23 -15.62
C10 TRD M . -13.77 54.83 -14.78
C11 TRD M . -12.60 53.87 -14.73
C12 TRD M . -11.86 54.06 -13.42
C13 TRD M . -11.43 55.50 -13.29
C1 TRD N . -18.90 27.00 9.05
C2 TRD N . -17.58 26.97 8.28
C3 TRD N . -16.44 26.65 9.22
C4 TRD N . -15.19 27.41 8.82
C5 TRD N . -14.07 27.19 9.83
C6 TRD N . -13.27 28.46 9.96
C7 TRD N . -11.97 28.21 10.69
C8 TRD N . -11.20 29.51 10.85
C9 TRD N . -11.06 29.88 12.32
C10 TRD N . -11.71 31.23 12.59
C11 TRD N . -10.93 32.01 13.64
C12 TRD N . -11.89 32.90 14.41
C13 TRD N . -12.38 32.18 15.64
C1 TRD O . 14.65 19.73 -12.14
C2 TRD O . 14.19 20.07 -10.72
C3 TRD O . 13.90 21.55 -10.65
C4 TRD O . 13.98 22.02 -9.21
C5 TRD O . 14.21 23.52 -9.19
C6 TRD O . 13.62 24.13 -7.94
C7 TRD O . 12.85 25.37 -8.34
C8 TRD O . 12.69 26.33 -7.18
C9 TRD O . 12.42 27.71 -7.74
C10 TRD O . 12.63 28.79 -6.70
C11 TRD O . 13.81 29.68 -7.06
C12 TRD O . 14.11 30.62 -5.92
C13 TRD O . 15.52 31.18 -6.03
C1 TRD P . 14.11 16.34 -1.77
C2 TRD P . 13.86 17.67 -1.09
C3 TRD P . 14.79 18.72 -1.67
C4 TRD P . 14.22 20.11 -1.46
C5 TRD P . 13.93 20.36 0.00
C6 TRD P . 13.37 21.77 0.16
C7 TRD P . 12.62 21.90 1.47
C8 TRD P . 12.11 23.31 1.67
C9 TRD P . 12.87 24.00 2.79
C10 TRD P . 12.98 25.49 2.52
C11 TRD P . 14.22 25.77 1.67
C12 TRD P . 14.40 27.27 1.50
C13 TRD P . 15.55 27.55 0.55
C1 DMU Q . 0.10 53.71 24.59
C2 DMU Q . 0.50 54.73 25.57
C3 DMU Q . 0.55 54.22 26.93
C4 DMU Q . 1.24 52.92 27.05
O5 DMU Q . 0.95 51.93 25.95
C6 DMU Q . 1.08 52.49 24.58
O7 DMU Q . 1.25 55.23 27.81
O16 DMU Q . 0.73 51.66 23.61
C18 DMU Q . 1.23 50.30 23.64
C19 DMU Q . 2.39 50.09 22.57
C22 DMU Q . 1.90 49.44 21.23
C25 DMU Q . 2.06 47.90 21.21
C28 DMU Q . 2.61 47.39 19.85
C31 DMU Q . 1.47 46.78 19.00
C34 DMU Q . 1.59 45.23 18.94
C37 DMU Q . 0.79 44.65 17.76
C40 DMU Q . -0.38 43.81 18.29
C43 DMU Q . -0.37 42.40 17.70
O49 DMU Q . 0.04 54.30 23.28
O55 DMU Q . -0.50 55.82 25.49
C57 DMU Q . 0.80 52.28 28.37
O61 DMU Q . 1.81 52.54 29.37
C5 DMU Q . 0.89 57.54 28.54
C7 DMU Q . -0.04 58.48 29.15
C8 DMU Q . -1.33 57.89 29.56
C9 DMU Q . -1.19 56.56 30.38
O1 DMU Q . -0.16 55.64 29.72
C10 DMU Q . 0.31 56.15 28.42
O2 DMU Q . -2.07 58.85 30.34
O3 DMU Q . 2.13 57.52 29.34
O4 DMU Q . -0.29 59.59 28.19
C11 DMU Q . -2.43 55.93 30.46
O6 DMU Q . -2.28 54.56 30.55
C1 DMU R . 10.82 34.52 31.73
C2 DMU R . 11.63 35.14 32.82
C3 DMU R . 12.86 35.70 32.29
C4 DMU R . 12.62 36.64 31.17
O5 DMU R . 11.70 36.12 30.14
C6 DMU R . 10.41 35.57 30.66
O7 DMU R . 13.59 36.45 33.35
O16 DMU R . 9.78 34.98 29.65
C18 DMU R . 9.15 35.85 28.68
C19 DMU R . 8.02 34.96 28.04
C22 DMU R . 7.18 35.75 26.98
C25 DMU R . 6.62 34.74 25.97
C28 DMU R . 5.38 34.01 26.53
C31 DMU R . 4.65 33.34 25.35
C34 DMU R . 3.54 32.35 25.82
C37 DMU R . 3.01 31.54 24.63
C40 DMU R . 1.51 31.37 24.75
C43 DMU R . 1.03 30.33 23.73
O49 DMU R . 9.63 33.98 32.30
O55 DMU R . 11.96 34.12 33.82
C57 DMU R . 13.93 36.90 30.44
O61 DMU R . 13.72 38.16 29.81
C5 DMU R . 14.73 35.78 35.30
C7 DMU R . 14.99 37.14 35.81
C8 DMU R . 16.24 37.70 35.23
C9 DMU R . 16.05 37.79 33.65
O1 DMU R . 15.91 36.34 33.20
C10 DMU R . 14.73 35.72 33.79
O2 DMU R . 16.62 38.97 35.82
O3 DMU R . 13.43 35.30 35.79
O4 DMU R . 15.03 37.12 37.30
C11 DMU R . 17.08 38.39 32.91
O6 DMU R . 18.27 37.73 33.14
C1 DMU S . 12.65 29.59 29.34
C2 DMU S . 13.37 30.88 29.43
C3 DMU S . 14.75 30.77 29.02
C4 DMU S . 14.82 30.24 27.64
O5 DMU S . 13.99 29.01 27.39
C6 DMU S . 12.57 29.14 27.85
O7 DMU S . 15.35 32.16 29.10
O16 DMU S . 11.91 28.00 27.69
C18 DMU S . 11.63 27.64 26.29
C19 DMU S . 10.12 27.99 25.90
C22 DMU S . 9.66 27.29 24.55
C25 DMU S . 8.27 27.80 24.15
C28 DMU S . 7.69 27.08 22.89
C31 DMU S . 6.72 28.02 22.16
C34 DMU S . 5.53 27.27 21.51
C37 DMU S . 4.31 28.20 21.44
C40 DMU S . 3.16 27.48 20.73
C43 DMU S . 1.84 28.24 20.99
O49 DMU S . 11.34 29.76 29.88
O55 DMU S . 13.27 31.48 30.78
C57 DMU S . 16.27 29.92 27.26
O61 DMU S . 16.94 31.15 26.89
C5 DMU S . 16.57 33.23 30.91
C7 DMU S . 16.95 34.61 30.60
C8 DMU S . 17.94 34.80 29.53
C9 DMU S . 17.72 33.85 28.30
O1 DMU S . 17.69 32.43 28.85
C10 DMU S . 16.62 32.21 29.82
O2 DMU S . 17.84 36.17 29.07
O3 DMU S . 15.18 33.25 31.39
O4 DMU S . 17.57 35.20 31.81
C11 DMU S . 18.76 33.99 27.39
O6 DMU S . 19.98 33.96 28.07
C1 DMU T . -5.84 14.28 7.87
C2 DMU T . -6.01 12.85 7.59
C3 DMU T . -6.49 11.91 8.61
C4 DMU T . -6.75 12.40 9.98
O5 DMU T . -7.05 13.86 10.06
C6 DMU T . -6.15 14.79 9.32
O7 DMU T . -7.77 11.30 8.10
O16 DMU T . -5.02 14.91 9.98
C18 DMU T . -5.17 15.49 11.30
C19 DMU T . -5.57 17.01 11.16
C22 DMU T . -4.32 17.89 11.55
C25 DMU T . -4.81 19.23 12.10
C28 DMU T . -3.60 20.08 12.59
C31 DMU T . -4.17 21.42 13.08
C34 DMU T . -3.03 22.35 13.60
C37 DMU T . -3.71 23.63 14.11
C40 DMU T . -2.79 24.42 15.03
C43 DMU T . -1.31 24.22 14.62
O49 DMU T . -6.57 14.97 6.85
O55 DMU T . -4.70 12.38 7.09
C57 DMU T . -5.59 12.03 10.91
O61 DMU T . -4.34 12.40 10.28
C5 DMU T . -8.64 11.09 5.79
C7 DMU T . -8.43 10.24 4.65
C8 DMU T . -7.00 10.21 4.25
C9 DMU T . -6.10 9.47 5.31
O1 DMU T . -6.76 9.69 6.67
C10 DMU T . -7.48 10.96 6.74
O2 DMU T . -6.81 9.56 2.99
O3 DMU T . -9.97 10.94 6.46
O4 DMU T . -9.17 10.81 3.51
C11 DMU T . -4.81 9.99 5.29
O6 DMU T . -4.13 9.47 4.18
FE HEA U . -1.88 33.83 1.85
CHA HEA U . -3.77 33.03 -0.93
CHB HEA U . -1.62 30.46 2.79
CHC HEA U . -0.24 34.70 4.78
CHD HEA U . -1.95 37.16 0.90
NA HEA U . -2.71 32.13 1.20
C1A HEA U . -3.15 31.95 -0.18
C2A HEA U . -3.09 30.55 -0.68
C3A HEA U . -2.49 29.83 0.43
C4A HEA U . -2.17 30.81 1.49
CMA HEA U . -2.18 28.40 0.43
OMA HEA U . -1.76 27.85 1.43
CAA HEA U . -3.55 29.99 -2.00
CBA HEA U . -5.07 29.81 -1.85
CGA HEA U . -5.59 29.13 -3.11
O1A HEA U . -6.54 28.33 -3.01
O2A HEA U . -5.03 29.39 -4.22
NB HEA U . -1.11 32.77 3.48
C1B HEA U . -1.08 31.45 3.70
C2B HEA U . -0.49 31.01 4.97
C3B HEA U . -0.08 32.27 5.57
C4B HEA U . -0.52 33.27 4.58
CMB HEA U . -0.34 29.59 5.44
NC HEA U . -1.18 35.62 2.68
C1C HEA U . -0.49 35.80 3.84
C2C HEA U . -0.09 37.19 4.15
C3C HEA U . -0.60 37.89 2.96
C4C HEA U . -1.24 36.85 2.16
CMC HEA U . 0.67 37.72 5.34
CAC HEA U . -0.55 39.33 2.62
CBC HEA U . 0.00 40.24 3.41
ND HEA U . -2.71 34.91 0.28
C1D HEA U . -2.70 36.24 0.06
C2D HEA U . -3.43 36.69 -1.15
C3D HEA U . -3.95 35.43 -1.69
C4D HEA U . -3.46 34.43 -0.74
CMD HEA U . -3.60 38.07 -1.69
CAD HEA U . -4.76 35.16 -2.91
CBD HEA U . -6.23 34.95 -2.52
CGD HEA U . -6.92 34.61 -3.83
O1D HEA U . -6.52 33.62 -4.49
O2D HEA U . -7.84 35.36 -4.22
C11 HEA U . 0.56 32.53 6.87
O11 HEA U . -0.11 31.67 7.81
C12 HEA U . 2.05 32.31 6.83
C13 HEA U . 2.62 32.69 8.20
C14 HEA U . 2.45 34.15 8.58
C15 HEA U . 2.24 34.49 9.88
C16 HEA U . 2.11 35.91 10.38
C17 HEA U . 1.64 36.95 9.37
C18 HEA U . 1.72 38.32 10.00
C19 HEA U . 0.84 39.30 9.71
C20 HEA U . 0.99 40.65 10.36
C21 HEA U . -0.14 40.94 11.37
C22 HEA U . -0.09 42.41 11.76
C23 HEA U . 0.56 42.82 12.87
C24 HEA U . 0.59 44.28 13.23
C25 HEA U . 1.29 41.84 13.75
C26 HEA U . 2.16 33.42 10.93
C27 HEA U . -0.28 39.04 8.73
FE HEA V . 4.57 40.31 -7.67
CHA HEA V . 1.90 38.44 -8.86
CHB HEA V . 6.21 40.15 -10.77
CHC HEA V . 7.02 42.44 -6.52
CHD HEA V . 2.79 40.75 -4.65
NA HEA V . 4.24 39.34 -9.38
C1A HEA V . 2.91 38.86 -9.81
C2A HEA V . 2.77 38.63 -11.28
C3A HEA V . 4.04 39.13 -11.81
C4A HEA V . 4.84 39.65 -10.68
CMA HEA V . 4.37 39.17 -13.26
OMA HEA V . 5.38 39.69 -13.67
CAA HEA V . 1.60 38.05 -12.03
CBA HEA V . 1.94 36.55 -12.14
CGA HEA V . 0.73 35.72 -12.52
O1A HEA V . 0.88 34.91 -13.46
O2A HEA V . -0.34 35.87 -11.90
NB HEA V . 6.30 41.14 -8.50
C1B HEA V . 6.81 40.99 -9.74
C2B HEA V . 8.08 41.70 -9.99
C3B HEA V . 8.34 42.39 -8.74
C4B HEA V . 7.19 41.97 -7.90
CMB HEA V . 8.90 41.72 -11.25
NC HEA V . 4.85 41.39 -5.90
C1C HEA V . 5.89 42.20 -5.61
C2C HEA V . 5.85 42.85 -4.29
C3C HEA V . 4.57 42.34 -3.74
C4C HEA V . 4.06 41.45 -4.80
CMC HEA V . 6.85 43.81 -3.71
CAC HEA V . 3.96 42.61 -2.43
CBC HEA V . 4.73 42.92 -1.39
ND HEA V . 2.71 39.71 -6.90
C1D HEA V . 2.13 40.00 -5.71
C2D HEA V . 0.77 39.46 -5.51
C3D HEA V . 0.52 38.76 -6.78
C4D HEA V . 1.75 39.01 -7.53
CMD HEA V . -0.12 39.59 -4.31
CAD HEA V . -0.66 37.97 -7.26
CBD HEA V . -1.92 38.81 -7.44
CGD HEA V . -2.98 37.75 -7.61
O1D HEA V . -3.11 37.25 -8.75
O2D HEA V . -3.63 37.38 -6.60
C11 HEA V . 9.49 43.28 -8.46
O11 HEA V . 8.98 44.43 -7.78
C12 HEA V . 10.56 42.53 -7.65
C13 HEA V . 11.95 43.22 -7.67
C14 HEA V . 12.95 42.62 -6.68
C15 HEA V . 14.00 41.81 -7.02
C16 HEA V . 14.94 41.28 -5.96
C17 HEA V . 16.07 42.25 -5.56
C18 HEA V . 16.93 42.70 -6.74
C19 HEA V . 18.21 42.33 -6.94
C20 HEA V . 18.95 42.86 -8.16
C21 HEA V . 19.40 41.79 -9.15
C22 HEA V . 18.20 41.02 -9.68
C23 HEA V . 17.98 40.74 -10.98
C24 HEA V . 18.92 41.22 -12.07
C25 HEA V . 16.75 39.96 -11.36
C26 HEA V . 14.23 41.39 -8.44
C27 HEA V . 18.92 41.44 -5.95
CU CU W . 1.94 43.27 -10.42
MG MG X . -5.88 33.86 -14.44
CA CA Y . -7.88 17.45 2.14
C1 HTH Z . 16.10 43.00 -24.00
O1 HTH Z . 15.84 42.92 -25.39
C2 HTH Z . 14.94 43.70 -23.30
O2 HTH Z . 14.84 45.04 -23.73
C3 HTH Z . 15.11 43.67 -21.80
O3 HTH Z . 14.10 42.85 -21.27
C4 HTH Z . 14.98 45.03 -21.15
C5 HTH Z . 15.83 45.03 -19.89
C6 HTH Z . 15.29 46.01 -18.86
C7 HTH Z . 16.45 46.65 -18.13
C1 TRD AA . 12.83 19.19 -21.47
C2 TRD AA . 14.30 19.12 -21.85
C3 TRD AA . 14.91 20.51 -21.84
C4 TRD AA . 15.70 20.71 -20.57
C5 TRD AA . 16.20 22.14 -20.49
C6 TRD AA . 17.41 22.25 -19.58
C7 TRD AA . 18.14 23.54 -19.89
C8 TRD AA . 18.93 24.07 -18.70
C9 TRD AA . 19.42 25.47 -19.03
C10 TRD AA . 20.71 25.78 -18.29
C11 TRD AA . 21.33 27.05 -18.85
C12 TRD AA . 22.49 27.49 -17.97
C13 TRD AA . 23.11 28.79 -18.46
C1 DMU BA . 35.77 49.56 0.59
C2 DMU BA . 36.48 50.68 1.25
C3 DMU BA . 36.02 51.97 0.82
C4 DMU BA . 34.54 52.11 0.73
O5 DMU BA . 33.77 50.89 0.33
C6 DMU BA . 34.25 49.59 0.90
O7 DMU BA . 36.58 53.01 1.77
O16 DMU BA . 33.64 48.54 0.35
C18 DMU BA . 32.27 48.72 -0.10
C19 DMU BA . 31.29 47.68 0.59
C22 DMU BA . 30.87 46.52 -0.38
C25 DMU BA . 29.38 46.19 -0.17
C28 DMU BA . 29.01 44.85 -0.88
C31 DMU BA . 27.64 44.96 -1.54
C34 DMU BA . 27.62 44.34 -2.98
O49 DMU BA . 36.29 48.30 1.05
O55 DMU BA . 37.92 50.58 0.93
C57 DMU BA . 34.28 53.12 -0.38
O61 DMU BA . 33.39 54.13 0.12
C5 DMU BA . 38.63 54.18 1.88
C7 DMU BA . 38.36 54.89 3.12
C8 DMU BA . 37.61 56.14 2.91
C9 DMU BA . 36.27 55.90 2.14
O1 DMU BA . 36.64 55.19 0.84
C10 DMU BA . 37.40 53.95 1.06
O2 DMU BA . 37.31 56.76 4.18
O3 DMU BA . 39.22 52.87 2.19
O4 DMU BA . 39.66 55.19 3.76
C11 DMU BA . 35.66 57.12 1.87
O6 DMU BA . 34.37 56.93 1.35
C TRS CA . -23.77 16.36 -28.78
C1 TRS CA . -25.19 16.13 -29.31
C2 TRS CA . -23.49 17.85 -28.92
C3 TRS CA . -22.85 15.48 -29.62
N TRS CA . -23.58 16.01 -27.37
O1 TRS CA . -25.14 15.97 -30.71
O2 TRS CA . -23.97 18.52 -27.78
O3 TRS CA . -22.08 14.66 -28.77
CU CU DA . -12.09 27.09 -13.13
CU CU EA . -13.72 26.43 -14.94
CD CD FA . -17.79 6.95 -42.44
CD CD GA . 26.91 57.16 -3.87
C1 HTH HA . -16.99 14.56 -41.63
O1 HTH HA . -18.27 14.54 -41.07
C2 HTH HA . -16.24 13.30 -41.24
O2 HTH HA . -15.17 13.61 -40.36
C3 HTH HA . -15.73 12.57 -42.47
O3 HTH HA . -16.79 12.38 -43.36
C4 HTH HA . -15.23 11.21 -42.06
C5 HTH HA . -13.74 11.07 -42.30
C6 HTH HA . -13.33 9.67 -41.92
C7 HTH HA . -11.94 9.70 -41.30
C1 TRD IA . 10.23 -23.78 6.04
C2 TRD IA . 9.98 -25.27 5.85
C3 TRD IA . 10.20 -25.96 7.19
C4 TRD IA . 11.00 -27.24 7.04
C5 TRD IA . 11.29 -27.80 8.43
C6 TRD IA . 12.73 -28.20 8.54
C7 TRD IA . 13.22 -28.21 9.97
C8 TRD IA . 14.73 -28.10 9.91
C9 TRD IA . 15.38 -28.01 11.28
C10 TRD IA . 16.85 -27.67 11.08
C11 TRD IA . 17.68 -28.50 12.04
C12 TRD IA . 19.11 -28.64 11.56
C13 TRD IA . 19.94 -28.93 12.80
C1 TRD JA . -9.41 -40.96 26.46
C2 TRD JA . -8.71 -40.27 27.63
C3 TRD JA . -8.05 -41.31 28.52
C4 TRD JA . -7.12 -40.61 29.50
C5 TRD JA . -6.28 -41.60 30.28
C6 TRD JA . -5.52 -40.90 31.40
C7 TRD JA . -4.78 -41.92 32.24
C8 TRD JA . -3.82 -41.26 33.22
C9 TRD JA . -2.66 -42.20 33.50
C10 TRD JA . -2.21 -42.16 34.94
C11 TRD JA . -1.30 -43.34 35.22
C12 TRD JA . -0.80 -43.34 36.65
C13 TRD JA . 0.12 -44.52 36.87
C1 DMU KA . -32.00 -23.88 8.75
C2 DMU KA . -33.43 -24.21 8.61
C3 DMU KA . -33.90 -24.07 7.24
C4 DMU KA . -33.05 -24.81 6.27
O5 DMU KA . -31.57 -24.73 6.50
C6 DMU KA . -31.15 -24.91 7.93
O7 DMU KA . -35.31 -24.60 7.16
O16 DMU KA . -29.86 -24.62 8.04
C18 DMU KA . -28.94 -25.70 7.70
C19 DMU KA . -27.75 -25.67 8.74
C22 DMU KA . -26.40 -25.22 8.05
C25 DMU KA . -25.28 -25.22 9.11
C28 DMU KA . -23.89 -25.59 8.49
C31 DMU KA . -22.91 -25.94 9.62
C34 DMU KA . -22.00 -27.13 9.18
C37 DMU KA . -21.33 -27.79 10.40
C40 DMU KA . -20.71 -29.12 9.98
C43 DMU KA . -20.08 -29.82 11.18
O49 DMU KA . -31.62 -23.89 10.13
O55 DMU KA . -34.22 -23.33 9.50
C57 DMU KA . -33.29 -24.24 4.87
O61 DMU KA . -33.09 -25.28 3.89
C10 DMU KA . -36.20 -23.60 6.64
FE HEA LA . -3.49 -37.65 9.78
CHA HEA LA . -1.60 -40.44 8.96
CHB HEA LA . -2.19 -37.55 13.02
CHC HEA LA . -5.62 -35.04 10.61
CHD HEA LA . -4.64 -37.52 6.49
NA HEA LA . -2.30 -38.87 10.85
C1A HEA LA . -1.32 -39.75 10.22
C2A HEA LA . -0.13 -40.06 11.05
C3A HEA LA . -0.33 -39.21 12.23
C4A HEA LA . -1.60 -38.45 12.04
CMA HEA LA . 0.62 -39.13 13.35
OMA HEA LA . 0.34 -38.52 14.36
CAA HEA LA . 1.02 -40.97 10.77
CBA HEA LA . 0.58 -42.35 11.26
CGA HEA LA . 1.65 -43.40 11.02
O1A HEA LA . 1.68 -44.38 11.79
O2A HEA LA . 2.46 -43.25 10.07
NB HEA LA . -3.85 -36.52 11.50
C1B HEA LA . -3.26 -36.60 12.72
C2B HEA LA . -3.74 -35.69 13.75
C3B HEA LA . -4.78 -34.94 13.02
C4B HEA LA . -4.76 -35.56 11.68
CMB HEA LA . -3.25 -35.61 15.17
NC HEA LA . -4.87 -36.46 8.73
C1C HEA LA . -5.61 -35.43 9.19
C2C HEA LA . -6.50 -34.74 8.21
C3C HEA LA . -6.18 -35.52 6.99
C4C HEA LA . -5.19 -36.53 7.42
CMC HEA LA . -7.43 -33.59 8.43
CAC HEA LA . -6.67 -35.37 5.60
CBC HEA LA . -7.56 -34.47 5.28
ND HEA LA . -3.18 -38.78 8.05
C1D HEA LA . -3.73 -38.62 6.82
C2D HEA LA . -3.33 -39.61 5.81
C3D HEA LA . -2.41 -40.47 6.54
C4D HEA LA . -2.40 -39.87 7.89
CMD HEA LA . -3.74 -39.70 4.36
CAD HEA LA . -1.64 -41.67 6.06
CBD HEA LA . -2.31 -42.94 6.59
CGD HEA LA . -1.40 -44.09 6.20
O1D HEA LA . -0.21 -44.05 6.59
O2D HEA LA . -1.88 -45.01 5.52
C11 HEA LA . -5.68 -33.90 13.52
O11 HEA LA . -6.09 -34.39 14.81
C12 HEA LA . -5.08 -32.50 13.58
C13 HEA LA . -6.13 -31.54 14.11
C14 HEA LA . -7.29 -31.30 13.15
C15 HEA LA . -8.53 -31.04 13.60
C16 HEA LA . -9.70 -30.76 12.66
C17 HEA LA . -9.83 -31.67 11.46
C18 HEA LA . -10.95 -31.15 10.58
C19 HEA LA . -11.53 -31.93 9.64
C20 HEA LA . -12.64 -31.37 8.78
C21 HEA LA . -13.98 -31.78 9.35
C22 HEA LA . -15.08 -31.47 8.36
C23 HEA LA . -15.98 -30.50 8.60
C24 HEA LA . -17.08 -30.22 7.62
C25 HEA LA . -15.86 -29.67 9.84
C26 HEA LA . -8.82 -31.01 15.07
C27 HEA LA . -11.09 -33.33 9.42
FE HEA MA . 2.23 -33.73 -1.52
CHA HEA MA . 3.25 -36.85 -0.43
CHB HEA MA . 5.23 -33.21 -3.30
CHC HEA MA . 1.08 -30.72 -2.72
CHD HEA MA . -0.88 -34.31 -0.02
NA HEA MA . 3.95 -34.72 -1.65
C1A HEA MA . 4.06 -36.16 -1.42
C2A HEA MA . 5.25 -36.80 -2.07
C3A HEA MA . 5.81 -35.72 -2.88
C4A HEA MA . 4.95 -34.52 -2.70
CMA HEA MA . 6.97 -35.87 -3.78
OMA HEA MA . 7.43 -34.92 -4.38
CAA HEA MA . 5.73 -38.22 -1.94
CBA HEA MA . 6.83 -38.14 -0.89
CGA HEA MA . 7.19 -39.50 -0.30
O1A HEA MA . 8.40 -39.75 -0.10
O2A HEA MA . 6.28 -40.29 -0.03
NB HEA MA . 3.03 -32.23 -2.78
C1B HEA MA . 4.22 -32.16 -3.42
C2B HEA MA . 4.47 -30.94 -4.22
C3B HEA MA . 3.23 -30.20 -4.05
C4B HEA MA . 2.43 -31.08 -3.17
CMB HEA MA . 5.67 -30.56 -5.02
NC HEA MA . 0.40 -32.69 -1.39
C1C HEA MA . 0.12 -31.49 -1.93
C2C HEA MA . -1.27 -30.99 -1.70
C3C HEA MA . -1.83 -32.07 -0.87
C4C HEA MA . -0.73 -33.05 -0.76
CMC HEA MA . -1.86 -29.70 -2.17
CAC HEA MA . -3.19 -32.19 -0.29
CBC HEA MA . -3.93 -31.13 -0.05
ND HEA MA . 1.36 -35.30 -0.40
C1D HEA MA . 0.11 -35.40 0.08
C2D HEA MA . -0.22 -36.67 0.77
C3D HEA MA . 1.03 -37.41 0.66
C4D HEA MA . 1.89 -36.49 -0.10
CMD HEA MA . -1.49 -37.07 1.45
CAD HEA MA . 1.41 -38.77 1.15
CBD HEA MA . 0.71 -39.87 0.38
CGD HEA MA . 1.01 -41.11 1.20
O1D HEA MA . 2.12 -41.68 1.01
O2D HEA MA . 0.17 -41.50 2.04
C11 HEA MA . 2.91 -28.88 -4.65
O11 HEA MA . 1.55 -28.94 -5.12
C12 HEA MA . 3.13 -27.78 -3.63
C13 HEA MA . 3.25 -26.38 -4.28
C14 HEA MA . 3.17 -25.23 -3.29
C15 HEA MA . 4.24 -24.48 -2.96
C16 HEA MA . 4.13 -23.33 -1.96
C17 HEA MA . 3.57 -22.05 -2.61
C18 HEA MA . 4.47 -21.51 -3.72
C19 HEA MA . 5.21 -20.38 -3.63
C20 HEA MA . 6.07 -19.97 -4.80
C21 HEA MA . 7.55 -19.96 -4.48
C22 HEA MA . 8.02 -21.33 -4.06
C23 HEA MA . 9.02 -22.00 -4.68
C24 HEA MA . 9.76 -21.46 -5.87
C25 HEA MA . 9.39 -23.37 -4.16
C26 HEA MA . 5.58 -24.78 -3.57
C27 HEA MA . 5.19 -19.52 -2.40
CU CU NA . 1.74 -36.61 -5.31
MG MG OA . 7.35 -46.59 0.51
CA CA PA . 3.61 -45.55 23.58
C1 TRD QA . 10.65 -24.92 -13.36
C2 TRD QA . 11.10 -26.37 -13.35
C3 TRD QA . 12.61 -26.41 -13.31
C4 TRD QA . 13.08 -27.83 -13.49
C5 TRD QA . 14.56 -27.89 -13.13
C6 TRD QA . 15.41 -28.24 -14.34
C7 TRD QA . 16.85 -27.91 -14.01
C8 TRD QA . 17.78 -28.70 -14.92
C9 TRD QA . 19.19 -28.14 -14.82
CU CU RA . 8.05 -52.96 7.26
CU CU SA . 9.23 -55.20 6.85
CD CD TA . 39.52 -70.48 7.19
CD CD UA . -2.18 -9.05 -14.28
#